data_5T3S
#
_entry.id   5T3S
#
_cell.length_a   127.915
_cell.length_b   127.915
_cell.length_c   313.887
_cell.angle_alpha   90.00
_cell.angle_beta   90.00
_cell.angle_gamma   120.00
#
_symmetry.space_group_name_H-M   'P 63'
#
loop_
_entity.id
_entity.type
_entity.pdbx_description
1 polymer 'Envelope glycoprotein gp160'
2 polymer 'Envelope glycoprotein gp160'
3 polymer 'Fab PGT124 light chain'
4 polymer 'Fab PGT124 heavy chain'
5 polymer 'Fab 35022 heavy chain'
6 polymer 'Fab 35022 light chain'
7 branched alpha-D-mannopyranose-(1-2)-alpha-D-mannopyranose-(1-2)-alpha-D-mannopyranose-(1-3)-[alpha-D-mannopyranose-(1-6)]beta-D-mannopyranose-(1-4)-2-acetamido-2-deoxy-beta-D-glucopyranose-(1-4)-2-acetamido-2-deoxy-beta-D-glucopyranose
8 branched 2-acetamido-2-deoxy-beta-D-glucopyranose-(1-4)-2-acetamido-2-deoxy-beta-D-glucopyranose
9 branched alpha-D-mannopyranose-(1-2)-alpha-D-mannopyranose-(1-3)-beta-D-mannopyranose-(1-4)-2-acetamido-2-deoxy-beta-D-glucopyranose-(1-4)-2-acetamido-2-deoxy-beta-D-glucopyranose
10 branched alpha-D-mannopyranose-(1-3)-beta-D-mannopyranose-(1-4)-2-acetamido-2-deoxy-beta-D-glucopyranose-(1-4)-2-acetamido-2-deoxy-beta-D-glucopyranose
11 branched alpha-D-mannopyranose-(1-3)-[alpha-D-mannopyranose-(1-6)]alpha-D-mannopyranose-(1-6)-[alpha-D-mannopyranose-(1-3)]beta-D-mannopyranose-(1-4)-2-acetamido-2-deoxy-beta-D-glucopyranose-(1-4)-2-acetamido-2-deoxy-beta-D-glucopyranose
12 branched alpha-D-mannopyranose-(1-2)-alpha-D-mannopyranose-(1-2)-alpha-D-mannopyranose-(1-3)-[alpha-D-mannopyranose-(1-2)-alpha-D-mannopyranose-(1-6)-[alpha-D-mannopyranose-(1-3)]alpha-D-mannopyranose-(1-6)]beta-D-mannopyranose-(1-4)-2-acetamido-2-deoxy-beta-D-glucopyranose-(1-4)-2-acetamido-2-deoxy-beta-D-glucopyranose
13 non-polymer 2-acetamido-2-deoxy-beta-D-glucopyranose
#
loop_
_entity_poly.entity_id
_entity_poly.type
_entity_poly.pdbx_seq_one_letter_code
_entity_poly.pdbx_strand_id
1 'polypeptide(L)'
;AENLWVTVYYGVPVWKDAETTLFCASDAKAYETEKHNVWATHACVPTDPNPQEIHLENVTEEFNMWKNNMVEQMHEDIIS
LWDQSLKPCVKLTPLCVTLQCTNYAPFLINNMRGELKNCSFNMTTELRDKKQKVYSLFYRLDVVQINENQGNRSNNSNKE
YRLINCNTSAITQACPKVSFEPIPIHYCAPAGFAILKCKDKKFNGTGPCPSVSTVQCTHGIKPVVSTQLLLNGSLAEEEV
IIRSENITNNAKNILVQLNTPVQINCTRPNNNTVKSIRIGPGQAFYYTGDIIGDIRMAHCNVSKATWNETLGKVVKQLRK
HFGNNTIIRFAQSSGGDLEVTTHSFNCGGEFFYCNTSGLFNSTWISNTSVQGSNSTGSNDSITLPCRIKQIINMWQRIGQ
AMYAPPIQGVIRCVSNITGLILTRDGGSTNSTTETFRPGGGDMRDNWRSELYKYKVVKIEPLGVAPTRCKRRVVGRRRRR
R
;
G
2 'polypeptide(L)'
;AVGIGAVSLGFLGAAGSTMGAASMTLTVQARNLLSGIVQQQSNLLRAPEPQQHLLKDTHWGIKQLQARVLAVEHYLRDQQ
LLGIWGCSGKLICCTNVPWNSSWSNRNLSEIWDNMTWLQWDKEISNYTQIIYGLLEESQNQQEKNEQDLLALD
;
B
3 'polypeptide(L)'
;SYVSPLSVALGETARISCGRQALGSRAVQWYQHKPGQAPILLIYNNQDRPSGIPERFSGTPDINFGTTATLTISGVEVGD
EADYYCHMWDSRSGFSWSFGGATRLTVLSQPKAAPSVTLFPPSSEELQANKATLVCLISDFYPGAVTVAWKADSSPVKAG
VETTTPSKQSNNKYAASSYLSLTPEQWKSHKSYSCQVTHEGSTVEKTVAPTECS
;
L
4 'polypeptide(L)'
;QVQLQESGPGLVRPSETLSVTCIVSGGSISNYYWTWIRQSPGKGLEWIGYISDRETTTYNPSLNSRAVISRDTSKNQLSL
QLRSVTTADTAIYFCATARRGQRIYGVVSFGEFFYYYYMDVWGKGTAVTVSSASTKGPSVFPLAPSSKSTSGGTAALGCL
VKDYFPEPVTVSWNSGALTSGVHTFPAVLQSSGLYSLSSVVTVPSSSLGTQTYICNVNHKPSNTKVDKKVEPKSCD
;
H
5 'polypeptide(L)'
;EGQLVQSGAELKKPGASVKISCKTSGYRFNFYHINWIRQTAGRGPEWMGWISPYSGDKNLAPAFQDRVIMTTDTEVPVTS
FTSTGAAYMEIRNLKFDDTGTYFCAKGLLRDGSSTWLPYLWGQGTLLTVSSASTKGPSVFPLAPSSKSTSGGTAALGCLV
KDYFPEPVTVSWNSGALTSGVHTFPAVLQSSGLYSLSSVVTVPSSSLGTQTYICNVNHKPSNTKVDKRVEPKSCDKGLEV
;
D
6 'polypeptide(L)'
;QSVLTQSASVSGSLGQSVTISCTGPNSVCCSHKSISWYQWPPGRAPTLIIYEDNERAPGISPRFSGYKSYWSAYLTISDL
RPEDETTYYCCSYTHNSGCVFGTGTKVSVLGQSKANPSVTLFPPSSEELQANKATLVCLISDFYPGAVTVAWKADSSPVK
AGVETTTPSKQSNNKYAASSYLSLTPEQWKSHRSYSCQVTHEGSTVEKTVAPTECS
;
E
#
# COMPACT_ATOMS: atom_id res chain seq x y z
N GLU A 2 32.01 -0.49 -54.88
CA GLU A 2 30.75 -1.02 -55.44
C GLU A 2 30.73 -2.53 -55.49
N ASN A 3 31.87 -3.16 -55.18
CA ASN A 3 31.95 -4.60 -54.92
C ASN A 3 31.95 -4.84 -53.41
N LEU A 4 30.88 -5.45 -52.88
CA LEU A 4 30.72 -5.61 -51.44
C LEU A 4 30.94 -7.04 -51.04
N TRP A 5 31.66 -7.23 -49.93
CA TRP A 5 31.99 -8.55 -49.42
C TRP A 5 31.69 -8.61 -47.93
N VAL A 6 31.19 -9.77 -47.49
CA VAL A 6 30.75 -9.89 -46.11
C VAL A 6 32.01 -9.94 -45.22
N THR A 7 31.84 -9.40 -44.02
CA THR A 7 32.92 -9.35 -43.04
C THR A 7 32.37 -9.80 -41.68
N VAL A 8 33.17 -10.59 -40.99
CA VAL A 8 32.78 -11.13 -39.69
C VAL A 8 33.18 -10.14 -38.60
N TYR A 9 32.26 -9.94 -37.66
CA TYR A 9 32.50 -9.13 -36.46
C TYR A 9 32.17 -10.00 -35.26
N TYR A 10 33.15 -10.17 -34.36
CA TYR A 10 32.98 -10.95 -33.14
C TYR A 10 32.91 -9.98 -31.96
N GLY A 11 31.84 -10.08 -31.17
CA GLY A 11 31.64 -9.23 -30.03
C GLY A 11 30.75 -8.03 -30.30
N VAL A 12 29.75 -8.20 -31.15
CA VAL A 12 28.83 -7.14 -31.51
C VAL A 12 27.75 -7.04 -30.43
N PRO A 13 27.31 -5.82 -30.09
CA PRO A 13 26.20 -5.64 -29.17
C PRO A 13 24.86 -6.15 -29.72
N VAL A 14 24.68 -7.46 -29.68
CA VAL A 14 23.44 -8.10 -30.15
C VAL A 14 22.97 -9.08 -29.09
N TRP A 15 21.68 -9.06 -28.78
CA TRP A 15 21.09 -10.02 -27.86
C TRP A 15 19.73 -10.48 -28.35
N LYS A 16 19.30 -11.61 -27.81
CA LYS A 16 17.96 -12.15 -28.07
C LYS A 16 17.35 -12.59 -26.75
N ASP A 17 16.02 -12.59 -26.71
CA ASP A 17 15.29 -13.08 -25.53
C ASP A 17 15.61 -14.55 -25.29
N ALA A 18 16.00 -14.88 -24.07
CA ALA A 18 16.41 -16.25 -23.77
C ALA A 18 16.14 -16.57 -22.32
N GLU A 19 15.87 -17.84 -22.06
CA GLU A 19 15.62 -18.34 -20.72
C GLU A 19 16.76 -19.29 -20.36
N THR A 20 17.49 -18.96 -19.29
CA THR A 20 18.62 -19.76 -18.85
C THR A 20 18.54 -19.96 -17.34
N THR A 21 19.36 -20.86 -16.84
CA THR A 21 19.41 -21.18 -15.42
C THR A 21 20.28 -20.16 -14.70
N LEU A 22 19.66 -19.33 -13.86
CA LEU A 22 20.36 -18.35 -13.02
C LEU A 22 20.88 -19.03 -11.74
N PHE A 23 21.59 -18.28 -10.96
CA PHE A 23 22.09 -18.76 -9.67
C PHE A 23 22.10 -17.60 -8.68
N CYS A 24 22.28 -18.00 -7.42
CA CYS A 24 22.19 -17.13 -6.26
C CYS A 24 23.47 -16.37 -6.02
N ALA A 25 23.38 -15.27 -5.28
CA ALA A 25 24.59 -14.55 -4.85
C ALA A 25 24.27 -13.67 -3.68
N SER A 26 25.06 -13.71 -2.64
CA SER A 26 24.84 -12.86 -1.47
C SER A 26 26.11 -12.69 -0.70
N ASP A 27 26.29 -11.51 -0.13
CA ASP A 27 27.49 -11.24 0.69
C ASP A 27 27.52 -12.17 1.88
N ALA A 28 28.73 -12.58 2.26
CA ALA A 28 28.98 -13.46 3.38
C ALA A 28 28.79 -12.81 4.76
N LYS A 29 27.96 -13.46 5.52
CA LYS A 29 27.68 -13.09 6.91
C LYS A 29 27.91 -14.23 7.90
N ALA A 30 28.01 -13.85 9.17
CA ALA A 30 28.02 -14.83 10.28
C ALA A 30 26.61 -15.05 10.83
N LYS A 35 23.23 -18.79 13.25
CA LYS A 35 23.64 -19.05 11.88
C LYS A 35 22.66 -19.88 11.10
N HIS A 36 23.03 -20.16 9.85
CA HIS A 36 22.37 -21.16 9.02
C HIS A 36 20.91 -20.80 8.73
N ASN A 37 20.74 -19.92 7.77
CA ASN A 37 19.40 -19.53 7.33
C ASN A 37 19.11 -20.22 6.00
N VAL A 38 17.85 -20.60 5.82
CA VAL A 38 17.48 -21.54 4.75
C VAL A 38 17.96 -21.08 3.38
N TRP A 39 17.86 -19.78 3.16
CA TRP A 39 18.09 -19.23 1.81
C TRP A 39 19.56 -19.19 1.47
N ALA A 40 20.39 -18.67 2.37
CA ALA A 40 21.83 -18.68 2.16
C ALA A 40 22.37 -20.13 2.13
N THR A 41 21.71 -21.05 2.84
CA THR A 41 22.22 -22.43 2.97
C THR A 41 23.66 -22.49 3.46
N HIS A 42 24.33 -23.61 3.28
CA HIS A 42 25.74 -23.70 3.67
C HIS A 42 26.58 -22.72 2.86
N ALA A 43 26.20 -22.51 1.61
CA ALA A 43 27.00 -21.69 0.70
C ALA A 43 26.19 -21.12 -0.42
N CYS A 44 26.30 -19.80 -0.64
CA CYS A 44 25.84 -19.14 -1.85
C CYS A 44 26.90 -18.11 -2.23
N VAL A 45 27.22 -18.07 -3.52
CA VAL A 45 28.42 -17.38 -4.00
C VAL A 45 28.42 -15.94 -3.46
N PRO A 46 29.53 -15.47 -2.87
CA PRO A 46 29.57 -14.10 -2.41
C PRO A 46 29.49 -13.08 -3.55
N THR A 47 28.81 -11.97 -3.31
CA THR A 47 28.67 -10.95 -4.33
C THR A 47 30.03 -10.28 -4.56
N ASP A 48 30.19 -9.72 -5.76
CA ASP A 48 31.30 -8.82 -6.02
C ASP A 48 31.25 -7.66 -5.05
N PRO A 49 32.41 -7.14 -4.60
CA PRO A 49 32.39 -5.93 -3.76
C PRO A 49 31.63 -4.77 -4.42
N ASN A 50 31.80 -4.57 -5.73
CA ASN A 50 31.09 -3.55 -6.46
C ASN A 50 30.48 -4.17 -7.70
N PRO A 51 29.15 -4.09 -7.87
CA PRO A 51 28.56 -4.38 -9.19
C PRO A 51 28.72 -3.20 -10.15
N GLN A 52 28.83 -3.51 -11.43
CA GLN A 52 28.99 -2.48 -12.46
C GLN A 52 27.68 -2.41 -13.24
N GLU A 53 26.84 -1.43 -12.87
CA GLU A 53 25.59 -1.17 -13.58
C GLU A 53 25.91 -0.21 -14.72
N ILE A 54 25.76 -0.69 -15.95
CA ILE A 54 26.19 0.05 -17.12
C ILE A 54 24.97 0.56 -17.87
N HIS A 55 24.82 1.89 -17.90
CA HIS A 55 23.72 2.51 -18.63
C HIS A 55 23.90 2.32 -20.13
N LEU A 56 22.80 2.06 -20.83
CA LEU A 56 22.81 1.81 -22.27
C LEU A 56 22.05 2.91 -22.95
N GLU A 57 22.76 3.93 -23.43
CA GLU A 57 22.10 5.07 -24.06
C GLU A 57 21.38 4.62 -25.31
N ASN A 58 20.20 5.18 -25.52
CA ASN A 58 19.51 5.11 -26.79
C ASN A 58 18.84 3.78 -26.97
N VAL A 59 18.93 2.94 -25.98
CA VAL A 59 18.54 1.56 -26.15
C VAL A 59 17.14 1.44 -25.61
N THR A 60 16.22 0.90 -26.42
CA THR A 60 14.86 0.74 -26.01
C THR A 60 14.49 -0.75 -26.17
N GLU A 61 14.13 -1.38 -25.07
CA GLU A 61 13.80 -2.79 -25.07
C GLU A 61 12.44 -3.03 -24.45
N GLU A 62 11.70 -3.99 -25.00
CA GLU A 62 10.39 -4.35 -24.47
C GLU A 62 10.53 -5.28 -23.28
N PHE A 63 9.83 -4.96 -22.20
CA PHE A 63 9.79 -5.79 -21.00
C PHE A 63 8.39 -6.37 -20.82
N ASN A 64 8.35 -7.58 -20.23
CA ASN A 64 7.10 -8.23 -19.87
C ASN A 64 7.30 -8.92 -18.52
N MET A 65 6.82 -8.32 -17.44
CA MET A 65 6.94 -8.86 -16.11
C MET A 65 6.06 -10.12 -15.91
N TRP A 66 5.02 -10.26 -16.72
CA TRP A 66 4.06 -11.34 -16.56
C TRP A 66 4.46 -12.62 -17.29
N LYS A 67 5.17 -12.46 -18.40
CA LYS A 67 5.73 -13.60 -19.14
C LYS A 67 7.19 -13.88 -18.77
N ASN A 68 7.64 -13.36 -17.65
CA ASN A 68 9.03 -13.45 -17.23
C ASN A 68 9.28 -14.81 -16.57
N ASN A 69 10.40 -15.41 -16.93
CA ASN A 69 10.79 -16.71 -16.41
C ASN A 69 11.59 -16.62 -15.11
N MET A 70 12.22 -15.49 -14.83
CA MET A 70 12.89 -15.27 -13.55
C MET A 70 11.91 -15.49 -12.38
N VAL A 71 10.65 -15.16 -12.60
CA VAL A 71 9.60 -15.35 -11.60
C VAL A 71 9.41 -16.84 -11.32
N GLU A 72 9.20 -17.61 -12.39
CA GLU A 72 8.98 -19.06 -12.23
C GLU A 72 10.19 -19.75 -11.63
N GLN A 73 11.39 -19.32 -12.01
CA GLN A 73 12.62 -19.87 -11.43
C GLN A 73 12.67 -19.61 -9.93
N MET A 74 12.49 -18.34 -9.55
CA MET A 74 12.50 -17.98 -8.13
C MET A 74 11.43 -18.74 -7.36
N HIS A 75 10.25 -18.90 -7.95
CA HIS A 75 9.15 -19.61 -7.31
C HIS A 75 9.58 -21.05 -6.96
N GLU A 76 10.09 -21.76 -7.96
CA GLU A 76 10.51 -23.13 -7.72
C GLU A 76 11.72 -23.21 -6.77
N ASP A 77 12.54 -22.17 -6.76
CA ASP A 77 13.71 -22.13 -5.89
C ASP A 77 13.31 -22.01 -4.43
N ILE A 78 12.36 -21.15 -4.12
CA ILE A 78 11.90 -20.99 -2.73
C ILE A 78 11.26 -22.30 -2.26
N ILE A 79 10.44 -22.92 -3.12
CA ILE A 79 9.78 -24.16 -2.76
C ILE A 79 10.83 -25.24 -2.48
N SER A 80 11.76 -25.43 -3.42
CA SER A 80 12.78 -26.46 -3.28
C SER A 80 13.68 -26.21 -2.07
N LEU A 81 14.04 -24.95 -1.85
CA LEU A 81 14.84 -24.59 -0.67
C LEU A 81 14.12 -24.96 0.61
N TRP A 82 12.80 -24.71 0.65
CA TRP A 82 12.02 -25.05 1.84
C TRP A 82 12.12 -26.55 2.15
N ASP A 83 11.99 -27.37 1.13
CA ASP A 83 12.07 -28.80 1.34
C ASP A 83 13.47 -29.27 1.71
N GLN A 84 14.50 -28.67 1.12
CA GLN A 84 15.89 -29.00 1.45
C GLN A 84 16.20 -28.72 2.94
N SER A 85 15.56 -27.69 3.50
CA SER A 85 15.73 -27.35 4.89
C SER A 85 14.93 -28.24 5.84
N LEU A 86 13.88 -28.92 5.36
CA LEU A 86 13.07 -29.76 6.23
C LEU A 86 13.61 -31.17 6.44
N LYS A 87 14.35 -31.68 5.45
CA LYS A 87 14.75 -33.10 5.47
C LYS A 87 15.45 -33.55 6.76
N PRO A 88 16.51 -32.83 7.21
CA PRO A 88 17.26 -33.33 8.37
C PRO A 88 16.58 -33.17 9.72
N CYS A 89 15.49 -32.39 9.78
CA CYS A 89 14.87 -32.09 11.06
C CYS A 89 13.93 -33.23 11.48
N VAL A 90 13.40 -33.09 12.69
CA VAL A 90 12.61 -34.15 13.30
C VAL A 90 11.22 -34.20 12.69
N LYS A 91 10.82 -35.36 12.21
CA LYS A 91 9.49 -35.58 11.64
C LYS A 91 8.55 -36.07 12.73
N LEU A 92 7.41 -35.41 12.92
CA LEU A 92 6.51 -35.70 14.04
C LEU A 92 5.39 -36.65 13.61
N THR A 93 5.77 -37.76 12.99
CA THR A 93 4.78 -38.78 12.67
C THR A 93 4.07 -39.37 13.93
N PRO A 94 4.79 -39.62 15.05
CA PRO A 94 4.08 -40.14 16.21
C PRO A 94 3.21 -39.13 16.95
N LEU A 95 3.30 -37.84 16.63
CA LEU A 95 2.47 -36.83 17.31
C LEU A 95 0.99 -36.82 16.87
N CYS A 96 0.52 -37.75 16.06
CA CYS A 96 -0.90 -37.83 15.70
C CYS A 96 -1.71 -38.67 16.70
N VAL A 97 -1.32 -38.66 17.96
CA VAL A 97 -2.13 -39.31 18.99
C VAL A 97 -3.33 -38.42 19.34
N THR A 98 -4.42 -39.04 19.73
CA THR A 98 -5.58 -38.34 20.23
C THR A 98 -5.26 -37.41 21.40
N LEU A 99 -5.73 -36.18 21.31
CA LEU A 99 -5.42 -35.18 22.36
C LEU A 99 -6.65 -34.95 23.20
N GLN A 100 -6.49 -34.99 24.53
CA GLN A 100 -7.56 -34.65 25.48
C GLN A 100 -7.39 -33.22 25.91
N CYS A 101 -8.30 -32.33 25.47
CA CYS A 101 -8.07 -30.88 25.53
C CYS A 101 -9.20 -30.23 26.33
N THR A 102 -8.83 -29.15 27.00
CA THR A 102 -9.82 -28.21 27.58
C THR A 102 -9.50 -26.81 27.11
N ASN A 103 -10.53 -25.96 27.01
CA ASN A 103 -10.31 -24.53 26.90
C ASN A 103 -9.50 -24.01 28.08
N TYR A 104 -8.89 -22.86 27.86
CA TYR A 104 -8.01 -22.27 28.89
C TYR A 104 -8.60 -22.14 30.27
N ALA A 105 -9.83 -21.69 30.32
CA ALA A 105 -10.64 -21.76 31.54
C ALA A 105 -11.06 -20.47 32.21
N PRO A 106 -10.26 -19.42 32.06
CA PRO A 106 -10.63 -18.10 32.51
C PRO A 106 -10.75 -17.08 31.38
N PHE A 107 -11.33 -17.53 30.29
CA PHE A 107 -11.38 -16.70 29.10
C PHE A 107 -12.56 -15.79 29.27
N LEU A 108 -12.30 -14.49 29.45
CA LEU A 108 -13.35 -13.52 29.65
C LEU A 108 -13.98 -13.13 28.30
N ILE A 109 -13.15 -12.60 27.42
CA ILE A 109 -13.54 -12.31 26.05
C ILE A 109 -12.35 -12.59 25.15
N ASN A 110 -12.42 -13.66 24.38
CA ASN A 110 -11.30 -14.08 23.54
C ASN A 110 -11.66 -15.27 22.65
N GLU A 115 -9.38 -18.72 23.18
CA GLU A 115 -9.45 -19.74 22.15
C GLU A 115 -8.40 -20.81 22.30
N LEU A 116 -7.16 -20.42 22.50
CA LEU A 116 -6.07 -21.38 22.65
C LEU A 116 -6.37 -22.42 23.72
N LYS A 117 -6.00 -23.69 23.48
CA LYS A 117 -6.44 -24.75 24.31
C LYS A 117 -5.26 -25.57 24.92
N ASN A 118 -5.47 -25.91 26.19
CA ASN A 118 -4.54 -26.74 26.92
C ASN A 118 -4.96 -28.23 26.70
N CYS A 119 -4.03 -28.96 26.11
CA CYS A 119 -4.18 -30.37 25.85
C CYS A 119 -3.20 -31.25 26.58
N SER A 120 -3.67 -32.49 26.87
CA SER A 120 -2.79 -33.56 27.36
C SER A 120 -2.85 -34.79 26.47
N PHE A 121 -1.76 -35.54 26.43
CA PHE A 121 -1.67 -36.69 25.53
C PHE A 121 -0.50 -37.56 25.93
N ASN A 122 -0.57 -38.80 25.48
CA ASN A 122 0.58 -39.71 25.65
C ASN A 122 1.63 -39.36 24.57
N MET A 123 2.84 -39.82 24.84
CA MET A 123 3.90 -39.72 23.87
C MET A 123 4.91 -40.84 24.04
N THR A 124 5.35 -41.38 22.91
CA THR A 124 6.52 -42.28 22.93
C THR A 124 7.73 -41.56 23.49
N THR A 125 8.44 -42.20 24.41
CA THR A 125 9.66 -41.63 24.96
C THR A 125 10.82 -42.06 24.05
N GLU A 126 12.04 -42.10 24.60
CA GLU A 126 13.19 -42.54 23.86
C GLU A 126 13.26 -44.05 23.74
N LEU A 127 13.05 -44.77 24.84
CA LEU A 127 12.74 -46.21 24.75
C LEU A 127 11.44 -46.40 24.01
N ARG A 128 11.44 -47.34 23.07
CA ARG A 128 10.22 -47.68 22.31
C ARG A 128 9.07 -48.07 23.27
N ASP A 129 9.39 -48.89 24.24
CA ASP A 129 8.35 -49.55 25.05
C ASP A 129 7.71 -48.60 26.07
N LYS A 130 8.53 -47.74 26.64
CA LYS A 130 8.08 -46.81 27.70
C LYS A 130 7.36 -45.62 27.11
N LYS A 131 6.37 -45.10 27.86
CA LYS A 131 5.57 -43.97 27.42
C LYS A 131 5.58 -42.87 28.50
N GLN A 132 5.21 -41.68 28.05
CA GLN A 132 5.09 -40.53 28.94
C GLN A 132 3.81 -39.79 28.62
N LYS A 133 3.15 -39.27 29.67
CA LYS A 133 2.01 -38.39 29.50
C LYS A 133 2.50 -36.95 29.70
N VAL A 134 2.41 -36.18 28.65
CA VAL A 134 2.82 -34.77 28.68
C VAL A 134 1.67 -33.93 28.20
N TYR A 135 1.82 -32.62 28.38
CA TYR A 135 0.81 -31.66 28.00
C TYR A 135 1.44 -30.55 27.18
N SER A 136 0.66 -30.02 26.25
CA SER A 136 1.10 -28.91 25.42
C SER A 136 -0.04 -27.94 25.19
N LEU A 137 0.34 -26.75 24.79
CA LEU A 137 -0.65 -25.68 24.49
C LEU A 137 -0.66 -25.47 23.00
N PHE A 138 -1.86 -25.52 22.39
CA PHE A 138 -2.03 -25.33 20.97
C PHE A 138 -3.05 -24.18 20.74
N TYR A 139 -2.77 -23.45 19.70
CA TYR A 139 -3.65 -22.42 19.22
C TYR A 139 -4.52 -23.42 18.51
N ARG A 140 -5.81 -23.21 18.71
CA ARG A 140 -6.96 -23.99 18.26
C ARG A 140 -7.19 -24.05 16.74
N LEU A 141 -6.37 -23.38 15.99
CA LEU A 141 -6.34 -23.59 14.52
C LEU A 141 -5.65 -24.92 14.21
N ASP A 142 -4.67 -25.32 15.02
CA ASP A 142 -3.93 -26.54 14.76
C ASP A 142 -4.68 -27.81 15.11
N VAL A 143 -5.79 -27.71 15.86
CA VAL A 143 -6.51 -28.89 16.32
C VAL A 143 -7.96 -28.86 15.88
N VAL A 144 -8.54 -30.04 15.77
CA VAL A 144 -9.98 -30.22 15.50
C VAL A 144 -10.50 -31.35 16.35
N GLN A 145 -11.76 -31.27 16.74
CA GLN A 145 -12.38 -32.27 17.60
C GLN A 145 -13.02 -33.39 16.77
N ILE A 146 -13.56 -34.34 17.51
CA ILE A 146 -14.31 -35.46 16.88
C ILE A 146 -15.85 -35.35 17.08
N LYS A 159 -12.91 -34.00 26.53
CA LYS A 159 -13.08 -33.54 25.14
C LYS A 159 -11.89 -34.07 24.32
N GLU A 160 -12.15 -34.70 23.19
CA GLU A 160 -11.10 -35.32 22.40
C GLU A 160 -10.78 -34.45 21.19
N TYR A 161 -9.47 -34.40 20.88
CA TYR A 161 -9.04 -33.63 19.71
C TYR A 161 -7.97 -34.37 18.90
N ARG A 162 -7.62 -33.79 17.79
CA ARG A 162 -6.53 -34.26 16.95
C ARG A 162 -5.94 -33.06 16.23
N LEU A 163 -4.73 -33.23 15.70
CA LEU A 163 -4.13 -32.18 14.89
C LEU A 163 -4.82 -32.09 13.55
N ILE A 164 -4.95 -30.87 13.02
CA ILE A 164 -5.63 -30.61 11.76
C ILE A 164 -4.98 -31.40 10.61
N ASN A 165 -3.66 -31.51 10.67
CA ASN A 165 -2.91 -32.04 9.52
C ASN A 165 -2.94 -33.55 9.41
N CYS A 166 -3.27 -34.25 10.49
CA CYS A 166 -2.94 -35.70 10.50
C CYS A 166 -3.78 -36.49 9.49
N ASN A 167 -4.91 -35.99 9.00
CA ASN A 167 -5.64 -36.70 7.97
C ASN A 167 -5.29 -36.22 6.56
N THR A 168 -4.66 -35.07 6.43
CA THR A 168 -4.31 -34.52 5.12
C THR A 168 -2.89 -34.94 4.68
N SER A 169 -1.93 -34.83 5.60
CA SER A 169 -0.55 -35.06 5.26
C SER A 169 0.28 -35.36 6.49
N ALA A 170 1.49 -35.87 6.27
CA ALA A 170 2.48 -36.02 7.32
C ALA A 170 3.06 -34.66 7.70
N ILE A 171 3.87 -34.65 8.76
CA ILE A 171 4.32 -33.41 9.37
C ILE A 171 5.78 -33.58 9.81
N THR A 172 6.52 -32.48 9.76
CA THR A 172 7.87 -32.43 10.28
C THR A 172 8.10 -31.12 10.98
N GLN A 173 8.95 -31.16 12.01
CA GLN A 173 9.22 -30.02 12.87
C GLN A 173 10.41 -29.24 12.32
N ALA A 174 10.20 -27.93 12.18
CA ALA A 174 11.31 -27.05 11.78
C ALA A 174 12.41 -27.10 12.84
N CYS A 175 13.63 -27.24 12.38
CA CYS A 175 14.80 -27.16 13.27
C CYS A 175 14.77 -25.82 14.00
N PRO A 176 15.15 -25.80 15.27
CA PRO A 176 15.14 -24.55 16.03
C PRO A 176 16.18 -23.52 15.54
N LYS A 177 17.29 -24.00 15.01
CA LYS A 177 18.43 -23.13 14.74
C LYS A 177 18.16 -22.17 13.57
N VAL A 178 17.56 -22.69 12.50
CA VAL A 178 17.33 -21.90 11.31
C VAL A 178 16.43 -20.70 11.59
N SER A 179 16.72 -19.61 10.89
CA SER A 179 15.94 -18.38 11.03
C SER A 179 15.16 -18.09 9.76
N PHE A 180 13.96 -17.57 9.95
CA PHE A 180 13.09 -17.22 8.83
C PHE A 180 13.14 -15.72 8.57
N GLU A 181 14.27 -15.11 8.84
CA GLU A 181 14.41 -13.66 8.60
C GLU A 181 15.00 -13.27 7.22
N PRO A 182 14.15 -12.92 6.23
CA PRO A 182 14.59 -12.81 4.87
C PRO A 182 15.71 -11.82 4.60
N ILE A 183 16.71 -12.26 3.88
CA ILE A 183 17.91 -11.45 3.61
C ILE A 183 17.93 -11.18 2.10
N PRO A 184 18.56 -10.06 1.67
CA PRO A 184 18.65 -9.79 0.24
C PRO A 184 19.44 -10.88 -0.52
N ILE A 185 18.87 -11.34 -1.62
CA ILE A 185 19.48 -12.30 -2.51
C ILE A 185 19.63 -11.67 -3.91
N HIS A 186 20.80 -11.82 -4.47
CA HIS A 186 21.07 -11.37 -5.84
C HIS A 186 20.95 -12.55 -6.79
N TYR A 187 20.08 -12.40 -7.78
CA TYR A 187 20.00 -13.37 -8.90
C TYR A 187 21.00 -13.00 -9.96
N CYS A 188 21.90 -13.94 -10.29
CA CYS A 188 22.92 -13.68 -11.35
C CYS A 188 22.71 -14.60 -12.52
N ALA A 189 22.95 -14.09 -13.72
CA ALA A 189 23.02 -14.83 -14.97
C ALA A 189 24.48 -15.16 -15.30
N PRO A 190 24.70 -16.31 -15.97
CA PRO A 190 26.10 -16.68 -16.27
C PRO A 190 26.68 -15.82 -17.38
N ALA A 191 27.99 -15.98 -17.56
CA ALA A 191 28.70 -15.26 -18.61
C ALA A 191 28.14 -15.65 -19.98
N GLY A 192 28.14 -14.67 -20.88
CA GLY A 192 27.51 -14.83 -22.18
C GLY A 192 26.05 -14.46 -22.19
N PHE A 193 25.41 -14.34 -21.01
CA PHE A 193 24.04 -13.83 -20.90
C PHE A 193 24.09 -12.52 -20.10
N ALA A 194 22.97 -11.81 -20.07
CA ALA A 194 22.92 -10.58 -19.31
C ALA A 194 21.52 -10.23 -18.88
N ILE A 195 21.45 -9.36 -17.89
CA ILE A 195 20.19 -8.89 -17.33
C ILE A 195 20.00 -7.44 -17.71
N LEU A 196 18.84 -7.13 -18.25
CA LEU A 196 18.45 -5.74 -18.56
C LEU A 196 17.52 -5.23 -17.47
N LYS A 197 17.78 -4.01 -17.00
CA LYS A 197 17.07 -3.40 -15.89
C LYS A 197 16.39 -2.13 -16.39
N CYS A 198 15.05 -2.08 -16.25
CA CYS A 198 14.32 -0.89 -16.61
C CYS A 198 14.39 0.12 -15.47
N LYS A 199 14.85 1.34 -15.76
CA LYS A 199 14.88 2.43 -14.78
C LYS A 199 13.82 3.49 -15.07
N ASP A 200 12.80 3.14 -15.84
CA ASP A 200 11.72 4.09 -16.13
C ASP A 200 10.79 4.19 -14.91
N LYS A 201 10.64 5.41 -14.39
CA LYS A 201 9.95 5.60 -13.12
C LYS A 201 8.47 5.30 -13.27
N LYS A 202 7.85 5.90 -14.29
CA LYS A 202 6.43 5.73 -14.58
C LYS A 202 6.14 4.46 -15.36
N PHE A 203 7.06 3.47 -15.35
CA PHE A 203 6.90 2.26 -16.12
C PHE A 203 5.62 1.48 -15.76
N ASN A 204 4.72 1.31 -16.72
CA ASN A 204 3.46 0.71 -16.50
C ASN A 204 3.87 -0.58 -17.08
N GLY A 205 3.41 -1.70 -16.47
CA GLY A 205 4.10 -2.99 -16.09
C GLY A 205 4.74 -3.83 -17.15
N THR A 206 4.21 -3.74 -18.37
CA THR A 206 4.89 -4.19 -19.59
C THR A 206 5.04 -2.97 -20.52
N GLY A 207 5.99 -3.07 -21.43
CA GLY A 207 6.10 -2.11 -22.52
C GLY A 207 7.53 -1.72 -22.81
N PRO A 208 7.73 -0.80 -23.76
CA PRO A 208 9.08 -0.35 -24.11
C PRO A 208 9.67 0.57 -23.05
N CYS A 209 10.88 0.25 -22.59
CA CYS A 209 11.55 1.02 -21.57
C CYS A 209 12.60 1.92 -22.22
N PRO A 210 12.43 3.25 -22.15
CA PRO A 210 13.42 4.10 -22.86
C PRO A 210 14.81 4.11 -22.19
N SER A 211 14.78 4.22 -20.87
CA SER A 211 16.05 4.26 -20.10
C SER A 211 16.31 2.89 -19.51
N VAL A 212 17.29 2.18 -20.07
CA VAL A 212 17.61 0.81 -19.70
C VAL A 212 19.11 0.72 -19.42
N SER A 213 19.46 0.02 -18.34
CA SER A 213 20.84 -0.28 -17.98
C SER A 213 20.99 -1.80 -17.83
N THR A 214 22.22 -2.27 -17.91
CA THR A 214 22.50 -3.71 -17.92
C THR A 214 23.35 -4.07 -16.72
N VAL A 215 23.12 -5.27 -16.19
CA VAL A 215 23.87 -5.78 -15.05
C VAL A 215 24.06 -7.28 -15.23
N GLN A 216 25.06 -7.83 -14.57
CA GLN A 216 25.17 -9.29 -14.49
C GLN A 216 24.36 -9.84 -13.34
N CYS A 217 24.05 -9.05 -12.31
CA CYS A 217 23.26 -9.52 -11.19
C CYS A 217 22.30 -8.46 -10.71
N THR A 218 21.12 -8.89 -10.28
CA THR A 218 20.10 -7.94 -9.81
C THR A 218 20.49 -7.39 -8.43
N HIS A 219 19.71 -6.43 -7.95
CA HIS A 219 19.97 -5.91 -6.61
C HIS A 219 19.39 -6.91 -5.59
N GLY A 220 19.66 -6.61 -4.32
CA GLY A 220 19.28 -7.51 -3.24
C GLY A 220 17.76 -7.58 -3.10
N ILE A 221 17.20 -8.73 -3.48
CA ILE A 221 15.78 -8.98 -3.39
C ILE A 221 15.51 -9.85 -2.16
N LYS A 222 14.73 -9.29 -1.24
CA LYS A 222 14.37 -9.98 -0.02
C LYS A 222 13.20 -10.95 -0.30
N PRO A 223 13.35 -12.27 -0.03
CA PRO A 223 12.26 -13.22 -0.34
C PRO A 223 11.19 -13.21 0.76
N VAL A 224 10.45 -12.11 0.85
CA VAL A 224 9.48 -11.94 1.93
C VAL A 224 8.22 -12.74 1.58
N VAL A 225 7.94 -13.74 2.39
CA VAL A 225 6.74 -14.57 2.21
C VAL A 225 5.56 -13.83 2.82
N SER A 226 4.57 -13.50 2.01
CA SER A 226 3.54 -12.56 2.42
C SER A 226 2.28 -12.80 1.59
N THR A 227 1.15 -12.33 2.13
CA THR A 227 -0.13 -12.40 1.44
C THR A 227 -0.79 -11.02 1.53
N GLN A 228 -1.69 -10.76 0.59
CA GLN A 228 -2.31 -9.44 0.50
C GLN A 228 -1.04 -8.54 0.49
N LEU A 229 -0.80 -7.77 1.53
CA LEU A 229 0.09 -6.65 1.45
C LEU A 229 1.55 -7.02 1.36
N LEU A 230 2.31 -6.37 0.50
CA LEU A 230 3.73 -6.76 0.30
C LEU A 230 4.61 -6.03 1.31
N LEU A 231 5.58 -6.74 1.88
CA LEU A 231 6.35 -6.27 3.02
C LEU A 231 7.82 -6.16 2.71
N ASN A 232 8.44 -5.12 3.27
CA ASN A 232 9.90 -4.88 3.14
C ASN A 232 10.33 -5.08 1.69
N GLY A 233 9.86 -4.22 0.81
CA GLY A 233 10.19 -4.28 -0.60
C GLY A 233 10.79 -2.99 -1.09
N SER A 234 10.81 -2.84 -2.41
CA SER A 234 11.36 -1.64 -3.05
C SER A 234 10.23 -0.71 -3.47
N LEU A 235 10.43 0.59 -3.27
CA LEU A 235 9.38 1.59 -3.49
C LEU A 235 9.53 2.25 -4.84
N ALA A 236 8.43 2.42 -5.55
CA ALA A 236 8.42 3.11 -6.83
C ALA A 236 8.68 4.59 -6.61
N GLU A 237 9.54 5.19 -7.45
CA GLU A 237 9.74 6.62 -7.36
C GLU A 237 8.61 7.37 -8.05
N GLU A 238 8.46 8.66 -7.71
CA GLU A 238 7.45 9.52 -8.35
C GLU A 238 6.07 9.02 -7.95
N GLU A 239 5.25 8.69 -8.92
CA GLU A 239 3.90 8.25 -8.57
C GLU A 239 3.89 6.79 -8.17
N VAL A 240 2.92 6.38 -7.39
CA VAL A 240 2.72 4.94 -7.08
C VAL A 240 2.31 4.25 -8.38
N ILE A 241 2.65 2.98 -8.50
CA ILE A 241 2.60 2.30 -9.80
C ILE A 241 1.60 1.15 -9.72
N ILE A 242 0.79 1.05 -10.76
CA ILE A 242 -0.24 0.03 -10.89
C ILE A 242 0.17 -0.89 -12.01
N ARG A 243 0.36 -2.18 -11.70
CA ARG A 243 0.81 -3.18 -12.66
C ARG A 243 -0.17 -4.36 -12.67
N SER A 244 -0.67 -4.66 -13.85
CA SER A 244 -1.61 -5.75 -14.05
C SER A 244 -1.22 -6.48 -15.31
N GLU A 245 -2.12 -7.35 -15.80
CA GLU A 245 -1.90 -8.04 -17.05
C GLU A 245 -3.04 -7.81 -18.01
N ASN A 246 -4.25 -7.61 -17.50
CA ASN A 246 -5.40 -7.23 -18.30
C ASN A 246 -6.33 -6.37 -17.47
N ILE A 247 -6.14 -5.05 -17.50
CA ILE A 247 -6.79 -4.12 -16.59
C ILE A 247 -8.30 -4.23 -16.57
N THR A 248 -8.90 -4.41 -17.75
CA THR A 248 -10.35 -4.63 -17.84
C THR A 248 -10.79 -6.01 -17.29
N ASN A 249 -9.84 -6.93 -17.07
CA ASN A 249 -10.11 -8.24 -16.58
C ASN A 249 -9.94 -8.24 -15.06
N ASN A 250 -10.92 -8.85 -14.42
CA ASN A 250 -10.94 -8.99 -12.96
C ASN A 250 -10.26 -10.24 -12.46
N ALA A 251 -10.23 -11.30 -13.26
CA ALA A 251 -9.65 -12.58 -12.81
C ALA A 251 -8.16 -12.44 -12.49
N LYS A 252 -7.48 -11.60 -13.24
CA LYS A 252 -6.04 -11.38 -13.02
C LYS A 252 -5.83 -10.36 -11.93
N ASN A 253 -4.97 -10.69 -10.97
CA ASN A 253 -4.71 -9.85 -9.81
C ASN A 253 -4.09 -8.52 -10.21
N ILE A 254 -4.01 -7.62 -9.24
CA ILE A 254 -3.52 -6.25 -9.48
C ILE A 254 -2.35 -5.99 -8.53
N LEU A 255 -1.21 -5.60 -9.09
CA LEU A 255 -0.03 -5.30 -8.30
C LEU A 255 0.09 -3.80 -8.08
N VAL A 256 0.31 -3.41 -6.82
CA VAL A 256 0.48 -2.02 -6.44
C VAL A 256 1.85 -1.89 -5.78
N GLN A 257 2.60 -0.86 -6.22
CA GLN A 257 3.85 -0.49 -5.60
C GLN A 257 3.73 0.93 -5.05
N LEU A 258 3.93 1.08 -3.74
CA LEU A 258 3.81 2.36 -3.09
C LEU A 258 5.03 3.22 -3.33
N ASN A 259 4.83 4.53 -3.27
CA ASN A 259 5.96 5.45 -3.28
C ASN A 259 6.43 5.80 -1.89
N THR A 260 5.50 5.84 -0.95
CA THR A 260 5.78 6.07 0.48
C THR A 260 5.45 4.81 1.25
N PRO A 261 6.39 4.21 2.01
CA PRO A 261 6.06 3.01 2.77
C PRO A 261 5.33 3.33 4.06
N VAL A 262 4.28 2.56 4.37
CA VAL A 262 3.56 2.77 5.61
C VAL A 262 4.17 1.84 6.64
N GLN A 263 4.18 2.26 7.92
CA GLN A 263 4.88 1.50 8.95
C GLN A 263 3.88 0.69 9.77
N ILE A 264 4.21 -0.58 9.97
CA ILE A 264 3.30 -1.55 10.60
C ILE A 264 4.05 -2.30 11.69
N ASN A 265 3.57 -2.19 12.93
CA ASN A 265 4.23 -2.79 14.09
C ASN A 265 3.43 -4.01 14.56
N CYS A 266 4.06 -5.19 14.50
CA CYS A 266 3.40 -6.43 14.74
C CYS A 266 4.05 -7.14 15.94
N THR A 267 3.24 -7.49 16.92
CA THR A 267 3.74 -8.06 18.17
C THR A 267 2.87 -9.23 18.58
N ARG A 268 3.51 -10.24 19.17
CA ARG A 268 2.82 -11.29 19.92
C ARG A 268 3.12 -11.05 21.39
N PRO A 269 2.17 -10.45 22.15
CA PRO A 269 2.48 -10.09 23.54
C PRO A 269 2.65 -11.29 24.49
N ASN A 270 2.08 -12.43 24.13
CA ASN A 270 2.04 -13.58 25.03
C ASN A 270 3.43 -14.06 25.38
N ASN A 271 3.68 -14.30 26.67
CA ASN A 271 4.94 -14.81 27.16
C ASN A 271 4.87 -16.31 26.95
N ASN A 272 5.46 -16.77 25.85
CA ASN A 272 5.45 -18.19 25.51
C ASN A 272 6.67 -18.77 26.17
N THR A 273 6.50 -19.82 26.98
CA THR A 273 7.61 -20.64 27.48
C THR A 273 7.62 -22.03 26.78
N VAL A 274 8.79 -22.52 26.50
CA VAL A 274 9.00 -23.73 25.77
C VAL A 274 9.68 -24.75 26.69
N LYS A 275 9.25 -25.98 26.57
CA LYS A 275 9.97 -27.13 27.15
C LYS A 275 10.35 -28.10 26.06
N SER A 276 11.30 -28.97 26.40
CA SER A 276 11.91 -29.92 25.47
C SER A 276 11.63 -31.34 25.98
N ILE A 277 10.82 -32.07 25.24
CA ILE A 277 10.49 -33.46 25.55
C ILE A 277 11.08 -34.37 24.52
N ARG A 278 11.83 -35.36 24.96
CA ARG A 278 12.51 -36.28 24.00
C ARG A 278 11.57 -37.37 23.63
N ILE A 279 11.27 -37.56 22.32
CA ILE A 279 10.25 -38.50 21.87
C ILE A 279 10.83 -39.78 21.21
N GLY A 280 12.18 -39.73 20.98
CA GLY A 280 12.82 -40.89 20.40
C GLY A 280 14.33 -40.71 20.43
N PRO A 281 15.07 -41.68 19.86
CA PRO A 281 16.53 -41.60 19.94
C PRO A 281 17.09 -40.42 19.17
N GLY A 282 17.58 -39.42 19.90
CA GLY A 282 18.11 -38.23 19.25
C GLY A 282 17.04 -37.20 19.03
N GLN A 283 15.87 -37.64 18.61
CA GLN A 283 14.73 -36.77 18.33
C GLN A 283 14.32 -36.02 19.60
N ALA A 284 13.97 -34.74 19.45
CA ALA A 284 13.57 -33.92 20.57
C ALA A 284 12.53 -32.90 20.10
N PHE A 285 11.31 -33.00 20.62
CA PHE A 285 10.25 -32.09 20.30
C PHE A 285 10.23 -30.93 21.31
N TYR A 286 10.06 -29.71 20.82
CA TYR A 286 9.98 -28.53 21.65
C TYR A 286 8.52 -28.12 21.69
N TYR A 287 7.97 -28.08 22.89
CA TYR A 287 6.50 -27.86 22.99
C TYR A 287 6.24 -26.58 23.73
N THR A 288 5.06 -26.00 23.50
CA THR A 288 4.70 -24.71 24.12
C THR A 288 4.27 -24.94 25.56
N GLY A 289 5.08 -24.49 26.52
CA GLY A 289 4.70 -24.55 27.91
C GLY A 289 3.57 -23.62 28.26
N ASP A 290 3.13 -23.67 29.50
CA ASP A 290 2.06 -22.79 29.97
C ASP A 290 2.49 -21.33 29.97
N ILE A 291 1.57 -20.43 29.61
CA ILE A 291 1.92 -19.02 29.51
C ILE A 291 2.10 -18.43 30.90
N ILE A 292 3.08 -17.55 31.04
CA ILE A 292 3.33 -16.86 32.31
C ILE A 292 2.94 -15.42 32.14
N GLY A 293 1.97 -14.96 32.93
CA GLY A 293 1.44 -13.62 32.81
C GLY A 293 0.18 -13.56 31.97
N ASP A 294 -0.09 -12.38 31.45
CA ASP A 294 -1.39 -12.06 30.87
C ASP A 294 -1.60 -12.79 29.55
N ILE A 295 -2.86 -12.92 29.16
CA ILE A 295 -3.20 -13.53 27.86
C ILE A 295 -3.65 -12.39 26.98
N ARG A 296 -2.77 -11.98 26.06
CA ARG A 296 -3.08 -10.96 25.07
C ARG A 296 -2.91 -11.52 23.67
N MET A 297 -3.73 -11.04 22.76
CA MET A 297 -3.73 -11.54 21.39
C MET A 297 -2.80 -10.73 20.51
N ALA A 298 -2.20 -11.38 19.51
CA ALA A 298 -1.25 -10.70 18.63
C ALA A 298 -1.99 -9.68 17.77
N HIS A 299 -1.27 -8.65 17.36
CA HIS A 299 -1.87 -7.49 16.71
C HIS A 299 -0.83 -6.73 15.92
N CYS A 300 -1.31 -5.79 15.11
CA CYS A 300 -0.48 -4.97 14.24
C CYS A 300 -1.10 -3.58 14.15
N ASN A 301 -0.26 -2.57 14.29
CA ASN A 301 -0.72 -1.18 14.31
C ASN A 301 -0.36 -0.48 13.05
N VAL A 302 -1.20 0.42 12.54
CA VAL A 302 -0.88 1.16 11.31
C VAL A 302 -1.40 2.56 11.47
N SER A 303 -0.54 3.58 11.38
CA SER A 303 -0.99 4.97 11.54
C SER A 303 -2.13 5.27 10.56
N LYS A 304 -3.28 5.68 11.11
CA LYS A 304 -4.46 5.90 10.29
C LYS A 304 -4.26 7.06 9.31
N ALA A 305 -3.51 8.08 9.73
CA ALA A 305 -3.24 9.22 8.87
C ALA A 305 -2.46 8.81 7.62
N THR A 306 -1.30 8.18 7.83
CA THR A 306 -0.46 7.78 6.72
C THR A 306 -1.17 6.78 5.81
N TRP A 307 -1.90 5.83 6.42
CA TRP A 307 -2.64 4.86 5.62
C TRP A 307 -3.78 5.50 4.84
N ASN A 308 -4.35 6.59 5.36
CA ASN A 308 -5.37 7.31 4.62
C ASN A 308 -4.78 8.12 3.47
N GLU A 309 -3.60 8.70 3.68
CA GLU A 309 -2.89 9.37 2.58
C GLU A 309 -2.54 8.38 1.49
N THR A 310 -1.94 7.25 1.86
CA THR A 310 -1.54 6.23 0.90
C THR A 310 -2.75 5.72 0.10
N LEU A 311 -3.83 5.44 0.82
CA LEU A 311 -5.05 4.99 0.16
C LEU A 311 -5.60 6.07 -0.78
N GLY A 312 -5.46 7.34 -0.40
CA GLY A 312 -5.86 8.42 -1.29
C GLY A 312 -5.08 8.41 -2.60
N LYS A 313 -3.76 8.35 -2.46
CA LYS A 313 -2.86 8.43 -3.63
C LYS A 313 -3.04 7.26 -4.55
N VAL A 314 -3.39 6.10 -4.00
CA VAL A 314 -3.61 4.93 -4.86
C VAL A 314 -4.85 5.13 -5.71
N VAL A 315 -5.95 5.61 -5.13
CA VAL A 315 -7.17 5.81 -5.91
C VAL A 315 -7.00 6.94 -6.94
N LYS A 316 -6.10 7.87 -6.70
CA LYS A 316 -5.80 8.89 -7.70
C LYS A 316 -5.22 8.25 -8.97
N GLN A 317 -4.25 7.37 -8.78
CA GLN A 317 -3.66 6.64 -9.89
C GLN A 317 -4.60 5.54 -10.41
N LEU A 318 -5.53 5.08 -9.57
CA LEU A 318 -6.47 4.07 -10.03
C LEU A 318 -7.46 4.62 -11.06
N ARG A 319 -7.98 5.81 -10.79
CA ARG A 319 -9.00 6.40 -11.67
C ARG A 319 -8.48 6.73 -13.08
N LYS A 320 -7.16 6.63 -13.29
CA LYS A 320 -6.61 6.81 -14.62
C LYS A 320 -7.08 5.73 -15.59
N HIS A 321 -7.67 4.65 -15.09
CA HIS A 321 -8.05 3.52 -15.91
C HIS A 321 -9.53 3.22 -15.87
N PHE A 322 -10.33 4.04 -15.20
CA PHE A 322 -11.75 3.71 -15.05
C PHE A 322 -12.66 4.92 -15.24
N GLY A 323 -12.25 5.90 -16.05
CA GLY A 323 -12.98 7.17 -16.06
C GLY A 323 -13.01 7.75 -14.63
N ASN A 324 -13.35 9.02 -14.62
CA ASN A 324 -12.90 10.03 -13.58
C ASN A 324 -13.52 10.42 -12.27
N ASN A 325 -14.83 10.31 -12.10
CA ASN A 325 -15.46 10.44 -10.77
C ASN A 325 -16.22 9.17 -10.30
N THR A 326 -15.87 8.05 -10.93
CA THR A 326 -16.54 6.78 -10.71
C THR A 326 -16.34 6.36 -9.25
N ILE A 327 -17.30 5.61 -8.72
CA ILE A 327 -17.35 5.27 -7.32
C ILE A 327 -16.38 4.12 -7.05
N ILE A 328 -15.38 4.42 -6.22
CA ILE A 328 -14.32 3.43 -5.90
C ILE A 328 -14.38 3.13 -4.42
N ARG A 329 -14.86 1.95 -4.06
CA ARG A 329 -15.00 1.53 -2.67
C ARG A 329 -14.05 0.35 -2.40
N PHE A 330 -13.80 0.12 -1.13
CA PHE A 330 -12.93 -0.95 -0.67
C PHE A 330 -13.71 -1.84 0.31
N ALA A 331 -13.71 -3.15 0.06
CA ALA A 331 -14.33 -4.13 0.89
C ALA A 331 -13.31 -5.21 1.30
N GLN A 332 -13.72 -6.09 2.17
CA GLN A 332 -12.85 -7.12 2.71
C GLN A 332 -12.70 -8.25 1.69
N SER A 333 -11.73 -9.14 1.94
CA SER A 333 -11.66 -10.42 1.19
C SER A 333 -12.89 -11.26 1.53
N SER A 334 -13.48 -11.92 0.53
CA SER A 334 -14.66 -12.74 0.76
C SER A 334 -14.58 -14.11 0.09
N GLY A 335 -13.41 -14.52 -0.36
CA GLY A 335 -13.26 -15.78 -1.08
C GLY A 335 -12.08 -16.57 -0.57
N GLY A 336 -12.24 -17.88 -0.58
CA GLY A 336 -11.12 -18.79 -0.38
C GLY A 336 -10.94 -19.24 1.05
N ASP A 337 -9.84 -19.98 1.24
CA ASP A 337 -9.54 -20.66 2.51
C ASP A 337 -9.07 -19.67 3.56
N LEU A 338 -8.90 -20.11 4.79
CA LEU A 338 -8.38 -19.24 5.85
C LEU A 338 -6.95 -18.76 5.57
N GLU A 339 -6.14 -19.61 4.96
CA GLU A 339 -4.74 -19.31 4.75
C GLU A 339 -4.52 -18.24 3.67
N VAL A 340 -5.51 -17.99 2.84
CA VAL A 340 -5.38 -17.06 1.73
C VAL A 340 -6.12 -15.76 1.98
N THR A 341 -7.25 -15.83 2.67
CA THR A 341 -8.05 -14.63 2.96
C THR A 341 -7.32 -13.67 3.91
N THR A 342 -6.40 -14.20 4.73
CA THR A 342 -5.71 -13.39 5.72
C THR A 342 -4.35 -12.95 5.23
N HIS A 343 -3.89 -11.81 5.73
CA HIS A 343 -2.49 -11.40 5.60
C HIS A 343 -1.61 -12.38 6.37
N SER A 344 -1.19 -13.46 5.70
CA SER A 344 -0.25 -14.42 6.29
C SER A 344 1.18 -13.91 6.08
N PHE A 345 2.01 -14.09 7.10
CA PHE A 345 3.43 -13.82 7.00
C PHE A 345 4.15 -14.47 8.18
N ASN A 346 5.44 -14.20 8.30
CA ASN A 346 6.28 -14.71 9.36
C ASN A 346 6.97 -13.55 10.10
N CYS A 347 7.11 -13.71 11.39
CA CYS A 347 7.66 -12.65 12.27
C CYS A 347 8.34 -13.31 13.44
N GLY A 348 9.65 -13.24 13.49
CA GLY A 348 10.42 -13.80 14.61
C GLY A 348 10.43 -15.31 14.72
N GLY A 349 9.70 -16.00 13.85
CA GLY A 349 9.56 -17.45 13.95
C GLY A 349 8.10 -17.89 13.86
N GLU A 350 7.19 -17.06 14.34
CA GLU A 350 5.78 -17.39 14.38
C GLU A 350 5.12 -16.96 13.09
N PHE A 351 4.05 -17.69 12.74
CA PHE A 351 3.27 -17.41 11.52
C PHE A 351 1.99 -16.71 11.88
N PHE A 352 1.86 -15.47 11.41
CA PHE A 352 0.72 -14.58 11.73
C PHE A 352 -0.34 -14.62 10.62
N TYR A 353 -1.62 -14.70 10.98
CA TYR A 353 -2.73 -14.70 10.08
C TYR A 353 -3.56 -13.49 10.52
N CYS A 354 -3.32 -12.36 9.86
CA CYS A 354 -3.97 -11.11 10.22
C CYS A 354 -5.23 -10.86 9.39
N ASN A 355 -6.29 -10.47 10.08
CA ASN A 355 -7.56 -10.08 9.49
C ASN A 355 -7.50 -8.58 9.16
N THR A 356 -7.66 -8.28 7.89
CA THR A 356 -7.38 -6.93 7.35
C THR A 356 -8.68 -6.18 7.05
N SER A 357 -9.70 -6.40 7.87
CA SER A 357 -10.99 -5.76 7.66
C SER A 357 -10.93 -4.28 7.97
N GLY A 358 -10.05 -3.85 8.89
CA GLY A 358 -10.00 -2.46 9.29
C GLY A 358 -9.55 -1.50 8.19
N LEU A 359 -8.75 -1.98 7.26
CA LEU A 359 -8.11 -1.08 6.29
C LEU A 359 -9.00 -0.93 5.05
N PHE A 360 -9.59 -2.03 4.63
CA PHE A 360 -10.29 -2.08 3.34
C PHE A 360 -11.79 -2.01 3.59
N ASN A 361 -12.23 -0.91 4.15
CA ASN A 361 -13.63 -0.68 4.53
C ASN A 361 -13.85 0.78 4.25
N SER A 362 -13.89 1.15 2.96
CA SER A 362 -13.89 2.57 2.60
C SER A 362 -14.71 2.80 1.34
N THR A 363 -14.88 4.07 0.99
CA THR A 363 -15.64 4.44 -0.21
C THR A 363 -15.16 5.81 -0.68
N TRP A 364 -14.84 5.93 -1.97
CA TRP A 364 -14.23 7.13 -2.50
C TRP A 364 -15.00 7.63 -3.70
N ILE A 365 -15.28 8.93 -3.71
CA ILE A 365 -16.05 9.56 -4.80
C ILE A 365 -15.52 10.94 -5.09
N SER A 366 -15.88 11.45 -6.26
CA SER A 366 -15.56 12.82 -6.68
C SER A 366 -14.07 13.12 -6.56
N SER A 378 -5.34 13.14 17.29
CA SER A 378 -4.52 12.13 17.93
C SER A 378 -3.88 11.21 16.90
N ASN A 379 -3.09 10.26 17.38
CA ASN A 379 -2.45 9.29 16.50
C ASN A 379 -3.48 8.44 15.80
N ASP A 380 -4.43 7.89 16.56
CA ASP A 380 -5.55 7.10 16.02
C ASP A 380 -5.08 5.93 15.16
N SER A 381 -3.98 5.31 15.57
CA SER A 381 -3.41 4.21 14.82
C SER A 381 -4.38 3.03 14.72
N ILE A 382 -4.63 2.58 13.48
CA ILE A 382 -5.50 1.46 13.25
C ILE A 382 -4.85 0.21 13.87
N THR A 383 -5.68 -0.66 14.44
CA THR A 383 -5.23 -1.92 15.00
C THR A 383 -5.82 -3.11 14.24
N LEU A 384 -4.97 -4.11 13.95
CA LEU A 384 -5.38 -5.27 13.19
C LEU A 384 -5.24 -6.55 14.02
N PRO A 385 -6.29 -7.38 14.05
CA PRO A 385 -6.17 -8.63 14.82
C PRO A 385 -5.37 -9.66 14.04
N CYS A 386 -4.55 -10.40 14.75
CA CYS A 386 -3.77 -11.48 14.15
C CYS A 386 -3.89 -12.73 14.96
N ARG A 387 -4.25 -13.83 14.30
CA ARG A 387 -4.23 -15.16 14.96
C ARG A 387 -2.91 -15.84 14.63
N ILE A 388 -2.58 -16.90 15.37
CA ILE A 388 -1.30 -17.60 15.17
C ILE A 388 -1.55 -19.09 14.92
N LYS A 389 -0.89 -19.62 13.90
CA LYS A 389 -0.93 -21.05 13.60
C LYS A 389 0.48 -21.59 13.59
N GLN A 390 0.66 -22.80 14.12
CA GLN A 390 1.98 -23.46 14.13
C GLN A 390 2.13 -24.58 13.11
N ILE A 391 1.01 -25.03 12.52
CA ILE A 391 1.00 -26.00 11.44
C ILE A 391 0.59 -25.25 10.16
N ILE A 392 1.41 -25.35 9.13
CA ILE A 392 1.28 -24.48 7.96
C ILE A 392 1.57 -25.25 6.69
N ASN A 393 0.86 -24.91 5.62
CA ASN A 393 1.11 -25.40 4.26
C ASN A 393 1.10 -24.23 3.30
N MET A 394 2.22 -23.55 3.16
CA MET A 394 2.24 -22.34 2.33
C MET A 394 2.48 -22.70 0.87
N TRP A 395 2.12 -21.77 -0.02
CA TRP A 395 2.24 -21.96 -1.47
C TRP A 395 1.39 -23.13 -1.96
N GLN A 396 0.23 -23.35 -1.33
CA GLN A 396 -0.69 -24.40 -1.78
C GLN A 396 -0.03 -25.78 -1.73
N ARG A 397 0.90 -25.97 -0.80
CA ARG A 397 1.65 -27.22 -0.74
C ARG A 397 0.83 -28.24 0.01
N ILE A 398 0.34 -29.31 -0.63
CA ILE A 398 -0.28 -30.41 0.05
C ILE A 398 0.70 -31.58 0.00
N GLY A 399 1.01 -32.14 1.18
CA GLY A 399 2.11 -33.07 1.32
C GLY A 399 2.78 -32.70 2.61
N GLN A 400 4.11 -32.64 2.62
CA GLN A 400 4.85 -32.60 3.91
C GLN A 400 4.76 -31.24 4.57
N ALA A 401 3.94 -31.13 5.63
CA ALA A 401 3.71 -29.89 6.34
C ALA A 401 4.78 -29.64 7.37
N MET A 402 4.82 -28.40 7.88
CA MET A 402 5.80 -27.99 8.86
C MET A 402 5.12 -27.48 10.12
N TYR A 403 5.72 -27.85 11.25
CA TYR A 403 5.31 -27.36 12.57
C TYR A 403 6.28 -26.27 12.99
N ALA A 404 5.77 -25.04 13.06
CA ALA A 404 6.58 -23.91 13.48
C ALA A 404 6.87 -24.01 14.97
N PRO A 405 8.13 -24.25 15.41
CA PRO A 405 8.36 -24.45 16.82
C PRO A 405 8.03 -23.19 17.61
N PRO A 406 7.54 -23.35 18.85
CA PRO A 406 7.18 -22.18 19.62
C PRO A 406 8.38 -21.30 19.92
N ILE A 407 8.14 -19.98 20.01
CA ILE A 407 9.23 -19.03 20.17
C ILE A 407 9.17 -18.47 21.58
N GLN A 408 10.29 -18.57 22.30
CA GLN A 408 10.33 -18.13 23.69
C GLN A 408 10.40 -16.61 23.78
N GLY A 409 9.64 -16.03 24.70
CA GLY A 409 9.62 -14.61 24.92
C GLY A 409 8.62 -13.87 24.05
N VAL A 410 8.52 -12.56 24.30
CA VAL A 410 7.59 -11.71 23.57
C VAL A 410 8.19 -11.31 22.24
N ILE A 411 7.33 -11.22 21.20
CA ILE A 411 7.76 -10.97 19.85
C ILE A 411 7.32 -9.58 19.43
N ARG A 412 8.21 -8.87 18.74
CA ARG A 412 7.91 -7.57 18.15
C ARG A 412 8.81 -7.38 16.93
N CYS A 413 8.15 -7.22 15.77
CA CYS A 413 8.84 -6.91 14.52
C CYS A 413 8.19 -5.68 13.90
N VAL A 414 9.03 -4.73 13.44
CA VAL A 414 8.57 -3.55 12.75
C VAL A 414 8.90 -3.74 11.26
N SER A 415 7.88 -3.58 10.39
CA SER A 415 8.02 -3.90 9.01
C SER A 415 7.41 -2.79 8.18
N ASN A 416 7.83 -2.73 6.94
CA ASN A 416 7.27 -1.84 5.95
C ASN A 416 6.27 -2.56 5.08
N ILE A 417 5.21 -1.85 4.79
CA ILE A 417 4.23 -2.26 3.72
C ILE A 417 4.59 -1.48 2.49
N THR A 418 5.31 -2.09 1.54
CA THR A 418 5.74 -1.40 0.33
C THR A 418 4.84 -1.65 -0.86
N GLY A 419 4.07 -2.74 -0.88
CA GLY A 419 3.15 -3.01 -1.97
C GLY A 419 1.83 -3.56 -1.51
N LEU A 420 0.98 -3.83 -2.49
CA LEU A 420 -0.36 -4.38 -2.25
C LEU A 420 -0.74 -5.31 -3.37
N ILE A 421 -1.72 -6.16 -3.12
CA ILE A 421 -2.30 -7.05 -4.13
C ILE A 421 -3.81 -6.92 -4.02
N LEU A 422 -4.46 -6.50 -5.10
CA LEU A 422 -5.89 -6.25 -5.11
C LEU A 422 -6.59 -7.16 -6.11
N THR A 423 -7.92 -7.17 -6.02
CA THR A 423 -8.75 -7.90 -6.98
C THR A 423 -10.12 -7.24 -7.06
N ARG A 424 -10.68 -7.22 -8.26
CA ARG A 424 -12.03 -6.72 -8.46
C ARG A 424 -13.08 -7.75 -8.06
N ASP A 425 -14.30 -7.28 -7.93
CA ASP A 425 -15.42 -8.14 -7.59
C ASP A 425 -16.03 -8.80 -8.83
N GLY A 426 -15.81 -8.21 -10.00
CA GLY A 426 -16.30 -8.79 -11.23
C GLY A 426 -16.43 -7.71 -12.27
N GLY A 427 -16.84 -8.12 -13.48
CA GLY A 427 -17.30 -7.16 -14.48
C GLY A 427 -18.07 -6.23 -13.56
N SER A 428 -17.68 -4.96 -13.57
CA SER A 428 -18.51 -3.89 -12.99
C SER A 428 -19.30 -3.27 -14.16
N THR A 429 -20.40 -2.60 -13.82
CA THR A 429 -21.19 -1.98 -14.86
C THR A 429 -20.52 -0.84 -15.56
N ASN A 430 -19.29 -0.47 -15.19
CA ASN A 430 -18.51 0.55 -15.94
C ASN A 430 -18.83 2.05 -15.93
N SER A 431 -18.29 2.74 -14.93
CA SER A 431 -18.66 4.11 -14.56
C SER A 431 -19.82 4.15 -13.55
N THR A 432 -20.19 3.02 -13.01
CA THR A 432 -21.24 2.92 -12.01
C THR A 432 -20.65 2.69 -10.62
N THR A 433 -19.77 1.72 -10.47
CA THR A 433 -19.13 1.44 -9.20
C THR A 433 -17.93 0.58 -9.48
N GLU A 434 -17.11 0.50 -8.45
CA GLU A 434 -15.82 -0.23 -8.52
C GLU A 434 -15.45 -0.61 -7.11
N THR A 435 -15.67 -1.89 -6.76
CA THR A 435 -15.40 -2.40 -5.43
C THR A 435 -14.12 -3.27 -5.49
N PHE A 436 -13.24 -3.07 -4.50
CA PHE A 436 -11.96 -3.74 -4.47
C PHE A 436 -11.77 -4.61 -3.24
N ARG A 437 -11.38 -5.85 -3.49
CA ARG A 437 -11.05 -6.78 -2.41
C ARG A 437 -9.60 -7.19 -2.51
N PRO A 438 -8.87 -7.28 -1.37
CA PRO A 438 -7.50 -7.78 -1.44
C PRO A 438 -7.47 -9.29 -1.62
N GLY A 439 -6.53 -9.75 -2.46
CA GLY A 439 -6.30 -11.16 -2.61
C GLY A 439 -4.83 -11.52 -2.56
N GLY A 440 -4.57 -12.80 -2.44
CA GLY A 440 -3.21 -13.34 -2.57
C GLY A 440 -3.20 -14.73 -3.17
N GLY A 441 -3.98 -14.91 -4.24
CA GLY A 441 -4.18 -16.23 -4.86
C GLY A 441 -2.94 -17.07 -5.07
N ASP A 442 -1.86 -16.44 -5.48
CA ASP A 442 -0.65 -17.16 -5.90
C ASP A 442 0.58 -16.45 -5.34
N MET A 443 1.63 -17.23 -5.04
CA MET A 443 2.80 -16.65 -4.40
C MET A 443 3.79 -16.06 -5.37
N ARG A 444 3.69 -16.38 -6.67
CA ARG A 444 4.59 -15.80 -7.66
C ARG A 444 4.45 -14.28 -7.77
N ASP A 445 3.24 -13.78 -7.55
CA ASP A 445 2.96 -12.35 -7.65
C ASP A 445 3.89 -11.55 -6.74
N ASN A 446 4.28 -12.16 -5.63
CA ASN A 446 5.24 -11.53 -4.73
C ASN A 446 6.61 -11.41 -5.37
N TRP A 447 7.02 -12.41 -6.15
CA TRP A 447 8.26 -12.31 -6.89
C TRP A 447 8.15 -11.32 -8.03
N ARG A 448 6.99 -11.24 -8.70
CA ARG A 448 6.77 -10.25 -9.74
C ARG A 448 6.89 -8.83 -9.20
N SER A 449 6.56 -8.61 -7.94
CA SER A 449 6.60 -7.29 -7.34
C SER A 449 8.04 -6.72 -7.30
N GLU A 450 9.03 -7.61 -7.24
CA GLU A 450 10.42 -7.18 -7.18
C GLU A 450 11.23 -7.53 -8.42
N LEU A 451 10.71 -8.39 -9.26
CA LEU A 451 11.37 -8.78 -10.52
C LEU A 451 10.73 -8.13 -11.73
N TYR A 452 9.85 -7.16 -11.53
CA TYR A 452 9.20 -6.46 -12.64
C TYR A 452 10.19 -5.72 -13.52
N LYS A 453 11.32 -5.30 -12.96
CA LYS A 453 12.28 -4.48 -13.67
C LYS A 453 13.35 -5.25 -14.43
N TYR A 454 13.50 -6.54 -14.19
CA TYR A 454 14.64 -7.30 -14.74
C TYR A 454 14.20 -8.21 -15.85
N LYS A 455 15.10 -8.54 -16.77
CA LYS A 455 14.83 -9.37 -17.93
C LYS A 455 16.14 -10.03 -18.37
N VAL A 456 16.04 -11.27 -18.85
CA VAL A 456 17.20 -12.08 -19.19
C VAL A 456 17.31 -12.17 -20.71
N VAL A 457 18.52 -11.98 -21.21
CA VAL A 457 18.80 -12.03 -22.65
C VAL A 457 20.15 -12.72 -22.84
N LYS A 458 20.31 -13.33 -24.01
CA LYS A 458 21.55 -14.02 -24.36
C LYS A 458 22.29 -13.21 -25.42
N ILE A 459 23.61 -13.15 -25.29
CA ILE A 459 24.41 -12.34 -26.22
C ILE A 459 24.71 -13.18 -27.46
N GLU A 460 24.42 -12.61 -28.63
CA GLU A 460 24.81 -13.20 -29.91
C GLU A 460 25.93 -12.36 -30.51
N PRO A 461 27.21 -12.64 -30.15
CA PRO A 461 28.28 -11.74 -30.56
C PRO A 461 28.76 -11.87 -32.00
N LEU A 462 28.08 -12.67 -32.82
CA LEU A 462 28.47 -12.86 -34.20
C LEU A 462 27.56 -12.04 -35.11
N GLY A 463 28.17 -11.03 -35.71
CA GLY A 463 27.51 -10.18 -36.70
C GLY A 463 28.28 -10.17 -37.98
N VAL A 464 27.56 -10.28 -39.10
CA VAL A 464 28.17 -10.23 -40.43
C VAL A 464 27.61 -9.02 -41.17
N ALA A 465 28.51 -8.23 -41.73
CA ALA A 465 28.11 -6.98 -42.40
C ALA A 465 29.02 -6.76 -43.60
N PRO A 466 28.50 -6.14 -44.68
CA PRO A 466 29.29 -5.96 -45.87
C PRO A 466 30.16 -4.70 -45.89
N THR A 467 31.43 -4.91 -46.23
CA THR A 467 32.36 -3.81 -46.52
C THR A 467 33.02 -4.05 -47.85
N ARG A 468 33.70 -3.02 -48.34
CA ARG A 468 34.42 -3.11 -49.61
C ARG A 468 35.83 -3.63 -49.37
N CYS A 469 35.91 -4.82 -48.74
CA CYS A 469 37.15 -5.45 -48.41
C CYS A 469 37.10 -6.91 -48.87
N LYS A 470 38.23 -7.37 -49.38
CA LYS A 470 38.39 -8.77 -49.76
C LYS A 470 39.60 -9.35 -49.11
N ARG A 471 39.53 -10.63 -48.77
CA ARG A 471 40.67 -11.34 -48.22
C ARG A 471 41.75 -11.52 -49.28
N ARG A 472 43.00 -11.66 -48.82
CA ARG A 472 44.13 -11.86 -49.72
C ARG A 472 43.87 -13.05 -50.63
N VAL A 473 44.01 -12.83 -51.93
CA VAL A 473 43.69 -13.86 -52.92
C VAL A 473 44.63 -15.04 -52.79
N VAL A 474 44.10 -16.25 -52.95
CA VAL A 474 44.92 -17.45 -52.98
C VAL A 474 45.83 -17.42 -54.22
N VAL B 7 36.46 7.32 -25.96
CA VAL B 7 35.66 7.03 -24.73
C VAL B 7 35.49 5.53 -24.59
N SER B 8 35.54 5.05 -23.35
CA SER B 8 35.15 3.68 -23.06
C SER B 8 33.90 3.74 -22.24
N LEU B 9 32.80 3.21 -22.78
CA LEU B 9 31.50 3.30 -22.18
C LEU B 9 31.13 2.05 -21.40
N GLY B 10 31.83 0.97 -21.69
CA GLY B 10 31.72 -0.25 -20.94
C GLY B 10 31.12 -1.37 -21.76
N PHE B 11 30.90 -2.50 -21.10
CA PHE B 11 30.24 -3.66 -21.72
C PHE B 11 28.90 -3.24 -22.31
N LEU B 12 28.72 -3.55 -23.60
CA LEU B 12 27.52 -3.21 -24.37
C LEU B 12 27.25 -1.71 -24.42
N GLY B 13 28.28 -0.90 -24.22
CA GLY B 13 28.09 0.55 -24.17
C GLY B 13 27.53 1.14 -25.46
N ALA B 14 27.95 0.61 -26.60
CA ALA B 14 27.51 1.10 -27.90
C ALA B 14 26.49 0.19 -28.56
N ALA B 15 25.68 -0.48 -27.77
CA ALA B 15 24.57 -1.31 -28.28
C ALA B 15 23.54 -0.45 -29.02
N GLY B 16 23.37 0.77 -28.55
CA GLY B 16 22.46 1.73 -29.14
C GLY B 16 23.14 2.77 -30.01
N SER B 17 24.46 2.65 -30.26
CA SER B 17 25.09 3.53 -31.25
C SER B 17 25.02 2.89 -32.64
N THR B 18 25.50 3.63 -33.62
CA THR B 18 25.61 3.14 -34.97
C THR B 18 26.60 1.98 -35.04
N MET B 19 26.42 1.10 -36.03
CA MET B 19 27.23 -0.08 -36.17
C MET B 19 28.70 0.28 -36.32
N GLY B 20 28.99 1.39 -37.01
CA GLY B 20 30.36 1.81 -37.17
C GLY B 20 31.03 2.23 -35.86
N ALA B 21 30.29 2.97 -35.04
CA ALA B 21 30.83 3.39 -33.75
C ALA B 21 31.00 2.20 -32.81
N ALA B 22 30.03 1.28 -32.81
CA ALA B 22 30.10 0.12 -31.95
C ALA B 22 31.24 -0.81 -32.34
N SER B 23 31.52 -0.91 -33.63
CA SER B 23 32.56 -1.81 -34.14
C SER B 23 33.96 -1.47 -33.63
N MET B 24 34.13 -0.26 -33.07
CA MET B 24 35.44 0.13 -32.54
C MET B 24 35.75 -0.51 -31.18
N THR B 25 34.75 -0.88 -30.43
CA THR B 25 34.91 -1.41 -29.08
C THR B 25 34.36 -2.85 -29.10
N LEU B 26 35.03 -3.69 -29.86
CA LEU B 26 34.69 -5.12 -29.83
C LEU B 26 35.42 -5.82 -28.71
N THR B 27 36.61 -5.35 -28.34
CA THR B 27 37.31 -5.92 -27.18
C THR B 27 36.49 -5.77 -25.90
N VAL B 28 35.69 -4.71 -25.80
CA VAL B 28 34.91 -4.48 -24.58
C VAL B 28 33.89 -5.62 -24.37
N GLN B 29 33.18 -5.96 -25.42
CA GLN B 29 32.22 -7.07 -25.36
C GLN B 29 32.96 -8.41 -25.28
N ALA B 30 34.18 -8.47 -25.80
CA ALA B 30 34.93 -9.71 -25.86
C ALA B 30 35.46 -10.10 -24.50
N ARG B 31 35.83 -9.14 -23.62
CA ARG B 31 36.43 -9.51 -22.35
C ARG B 31 35.47 -10.31 -21.46
N ASN B 32 34.36 -9.67 -21.14
CA ASN B 32 33.36 -10.28 -20.20
C ASN B 32 32.56 -11.40 -20.81
N LEU B 33 32.81 -11.71 -22.10
CA LEU B 33 32.05 -12.73 -22.81
C LEU B 33 32.34 -14.16 -22.37
N LEU B 34 33.48 -14.35 -21.70
CA LEU B 34 33.85 -15.64 -21.10
C LEU B 34 33.83 -15.64 -19.58
N SER B 35 34.32 -14.56 -18.95
CA SER B 35 34.34 -14.46 -17.49
C SER B 35 33.05 -13.83 -16.95
N GLY B 61 25.02 -25.24 -5.87
CA GLY B 61 26.16 -25.74 -6.60
C GLY B 61 25.80 -26.26 -7.98
N ILE B 62 24.72 -27.00 -8.07
CA ILE B 62 24.35 -27.67 -9.33
C ILE B 62 23.92 -26.62 -10.36
N LYS B 63 23.10 -25.67 -9.92
CA LYS B 63 22.66 -24.58 -10.80
C LYS B 63 23.84 -23.81 -11.35
N GLN B 64 24.77 -23.44 -10.47
CA GLN B 64 25.98 -22.73 -10.92
C GLN B 64 26.77 -23.54 -11.91
N LEU B 65 27.05 -24.80 -11.59
CA LEU B 65 27.87 -25.64 -12.45
C LEU B 65 27.25 -25.81 -13.83
N GLN B 66 25.94 -26.07 -13.88
CA GLN B 66 25.26 -26.19 -15.16
C GLN B 66 25.31 -24.88 -15.95
N ALA B 67 25.26 -23.75 -15.24
CA ALA B 67 25.35 -22.45 -15.90
C ALA B 67 26.75 -22.19 -16.47
N ARG B 68 27.78 -22.55 -15.70
CA ARG B 68 29.15 -22.35 -16.17
C ARG B 68 29.45 -23.20 -17.39
N VAL B 69 28.95 -24.42 -17.42
CA VAL B 69 29.11 -25.29 -18.59
C VAL B 69 28.40 -24.69 -19.79
N LEU B 70 27.19 -24.16 -19.60
CA LEU B 70 26.45 -23.56 -20.71
C LEU B 70 27.21 -22.35 -21.31
N ALA B 71 27.87 -21.60 -20.46
CA ALA B 71 28.61 -20.42 -20.84
C ALA B 71 29.80 -20.75 -21.73
N VAL B 72 30.64 -21.66 -21.27
CA VAL B 72 31.80 -22.10 -22.06
C VAL B 72 31.34 -22.82 -23.30
N GLU B 73 30.15 -23.43 -23.27
CA GLU B 73 29.62 -24.13 -24.44
C GLU B 73 29.23 -23.16 -25.54
N HIS B 74 28.56 -22.07 -25.16
CA HIS B 74 28.19 -21.03 -26.14
C HIS B 74 29.43 -20.30 -26.68
N TYR B 75 30.38 -20.00 -25.79
CA TYR B 75 31.59 -19.32 -26.21
C TYR B 75 32.38 -20.16 -27.23
N LEU B 76 32.52 -21.43 -26.94
CA LEU B 76 33.21 -22.37 -27.84
C LEU B 76 32.44 -22.59 -29.11
N ARG B 77 31.13 -22.41 -29.14
CA ARG B 77 30.36 -22.49 -30.36
C ARG B 77 30.71 -21.35 -31.34
N ASP B 78 30.76 -20.14 -30.81
CA ASP B 78 31.12 -18.99 -31.63
C ASP B 78 32.57 -19.08 -32.09
N GLN B 79 33.48 -19.46 -31.20
CA GLN B 79 34.87 -19.70 -31.59
C GLN B 79 34.95 -20.84 -32.60
N GLN B 80 34.03 -21.80 -32.53
CA GLN B 80 33.97 -22.86 -33.53
C GLN B 80 33.60 -22.28 -34.90
N LEU B 81 32.62 -21.38 -34.94
CA LEU B 81 32.24 -20.76 -36.19
C LEU B 81 33.35 -19.88 -36.77
N LEU B 82 34.04 -19.12 -35.91
CA LEU B 82 35.19 -18.36 -36.36
C LEU B 82 36.30 -19.28 -36.90
N GLY B 83 36.41 -20.48 -36.35
CA GLY B 83 37.38 -21.45 -36.82
C GLY B 83 37.14 -21.89 -38.26
N ILE B 84 35.93 -22.33 -38.54
CA ILE B 84 35.57 -22.81 -39.88
C ILE B 84 35.46 -21.67 -40.90
N TRP B 85 35.51 -20.42 -40.44
CA TRP B 85 35.58 -19.27 -41.31
C TRP B 85 37.02 -18.73 -41.43
N GLY B 86 37.99 -19.45 -40.88
CA GLY B 86 39.38 -19.04 -40.95
C GLY B 86 39.71 -17.75 -40.22
N CYS B 87 39.01 -17.44 -39.14
CA CYS B 87 39.15 -16.16 -38.45
C CYS B 87 39.32 -16.34 -36.96
N SER B 88 40.03 -17.40 -36.58
CA SER B 88 40.08 -17.80 -35.17
C SER B 88 40.67 -16.71 -34.28
N GLY B 89 41.80 -16.15 -34.66
CA GLY B 89 42.49 -15.22 -33.78
C GLY B 89 42.12 -13.76 -33.89
N LYS B 90 41.21 -13.44 -34.81
CA LYS B 90 40.83 -12.05 -35.09
C LYS B 90 39.38 -11.78 -34.69
N LEU B 91 39.11 -10.53 -34.40
CA LEU B 91 37.76 -10.05 -34.11
C LEU B 91 36.98 -9.69 -35.41
N ILE B 92 37.72 -9.21 -36.39
CA ILE B 92 37.16 -8.85 -37.69
C ILE B 92 38.00 -9.58 -38.73
N CYS B 93 37.35 -10.09 -39.73
CA CYS B 93 38.05 -10.62 -40.90
C CYS B 93 37.18 -10.43 -42.08
N CYS B 94 37.83 -10.24 -43.25
CA CYS B 94 37.14 -10.05 -44.52
C CYS B 94 37.01 -11.40 -45.24
N THR B 95 36.05 -11.46 -46.12
CA THR B 95 35.65 -12.72 -46.76
C THR B 95 35.72 -12.63 -48.28
N ASN B 96 35.48 -13.75 -48.94
CA ASN B 96 35.34 -13.80 -50.39
C ASN B 96 33.90 -13.86 -50.88
N VAL B 97 32.95 -14.05 -49.97
CA VAL B 97 31.52 -14.09 -50.30
C VAL B 97 31.04 -12.67 -50.69
N PRO B 98 30.49 -12.54 -51.91
CA PRO B 98 29.89 -11.25 -52.27
C PRO B 98 28.55 -11.04 -51.59
N TRP B 99 28.19 -9.78 -51.43
CA TRP B 99 26.93 -9.40 -50.81
C TRP B 99 25.79 -9.46 -51.81
N ASN B 100 24.99 -10.51 -51.71
CA ASN B 100 23.76 -10.66 -52.53
C ASN B 100 22.75 -9.58 -52.13
N SER B 101 22.29 -8.79 -53.10
CA SER B 101 21.49 -7.62 -52.78
C SER B 101 20.10 -7.96 -52.25
N SER B 102 19.62 -9.18 -52.49
CA SER B 102 18.41 -9.70 -51.91
C SER B 102 18.45 -9.70 -50.39
N TRP B 103 19.64 -9.80 -49.79
CA TRP B 103 19.76 -9.81 -48.34
C TRP B 103 19.35 -8.47 -47.73
N SER B 104 20.02 -7.42 -48.17
CA SER B 104 19.64 -6.04 -47.81
C SER B 104 20.04 -5.14 -48.97
N ASN B 105 19.21 -4.14 -49.22
CA ASN B 105 19.42 -3.20 -50.32
C ASN B 105 20.10 -1.92 -49.91
N ARG B 106 20.54 -1.84 -48.65
CA ARG B 106 21.21 -0.67 -48.16
C ARG B 106 22.66 -0.62 -48.68
N ASN B 107 23.24 0.53 -48.43
CA ASN B 107 24.61 0.87 -48.85
C ASN B 107 25.53 0.98 -47.67
N LEU B 108 26.74 1.48 -47.90
CA LEU B 108 27.72 1.58 -46.80
C LEU B 108 27.26 2.64 -45.78
N SER B 109 26.94 3.81 -46.28
CA SER B 109 26.58 4.94 -45.43
C SER B 109 25.30 4.64 -44.63
N GLU B 110 24.34 4.02 -45.29
CA GLU B 110 23.06 3.73 -44.65
C GLU B 110 23.19 2.62 -43.61
N ILE B 111 24.11 1.70 -43.83
CA ILE B 111 24.27 0.58 -42.88
C ILE B 111 25.04 1.05 -41.65
N TRP B 112 26.19 1.65 -41.88
CA TRP B 112 27.18 1.88 -40.85
C TRP B 112 26.98 3.20 -40.10
N ASP B 113 26.17 4.13 -40.62
CA ASP B 113 26.01 5.43 -40.00
C ASP B 113 24.55 5.77 -39.72
N ASN B 114 23.67 4.78 -39.69
CA ASN B 114 22.26 5.05 -39.51
C ASN B 114 21.55 3.92 -38.75
N MET B 115 22.22 2.79 -38.58
CA MET B 115 21.61 1.62 -37.99
C MET B 115 22.41 1.08 -36.82
N THR B 116 21.75 0.39 -35.93
CA THR B 116 22.42 -0.30 -34.80
C THR B 116 22.55 -1.77 -35.12
N TRP B 117 23.55 -2.42 -34.51
CA TRP B 117 23.77 -3.83 -34.72
C TRP B 117 22.54 -4.68 -34.39
N LEU B 118 21.75 -4.20 -33.44
CA LEU B 118 20.53 -4.92 -33.03
C LEU B 118 19.53 -4.98 -34.18
N GLN B 119 19.06 -3.83 -34.64
CA GLN B 119 18.12 -3.77 -35.74
C GLN B 119 18.73 -4.32 -37.04
N TRP B 120 20.06 -4.30 -37.16
CA TRP B 120 20.70 -4.95 -38.29
C TRP B 120 20.56 -6.47 -38.19
N ASP B 121 20.90 -7.02 -37.03
CA ASP B 121 20.76 -8.46 -36.85
C ASP B 121 19.31 -8.94 -37.05
N LYS B 122 18.35 -8.09 -36.76
CA LYS B 122 16.94 -8.39 -37.02
C LYS B 122 16.63 -8.38 -38.50
N GLU B 123 17.24 -7.47 -39.26
CA GLU B 123 17.02 -7.42 -40.70
C GLU B 123 17.72 -8.57 -41.43
N ILE B 124 18.82 -9.02 -40.90
CA ILE B 124 19.63 -10.11 -41.49
C ILE B 124 19.47 -11.43 -40.69
N SER B 125 18.27 -11.62 -40.18
CA SER B 125 17.91 -12.82 -39.40
C SER B 125 17.38 -13.95 -40.27
N ASN B 126 16.99 -13.64 -41.52
CA ASN B 126 16.64 -14.66 -42.49
C ASN B 126 17.82 -15.23 -43.27
N TYR B 127 19.02 -14.69 -43.14
CA TYR B 127 20.12 -15.10 -43.97
C TYR B 127 21.27 -15.57 -43.16
N THR B 128 21.29 -15.37 -41.84
CA THR B 128 22.48 -15.68 -41.05
C THR B 128 22.87 -17.14 -41.18
N GLN B 129 21.90 -18.04 -41.10
CA GLN B 129 22.14 -19.46 -41.40
C GLN B 129 22.68 -19.63 -42.84
N ILE B 130 22.03 -18.97 -43.77
CA ILE B 130 22.38 -19.12 -45.19
C ILE B 130 23.78 -18.53 -45.41
N ILE B 131 24.00 -17.34 -44.88
CA ILE B 131 25.29 -16.66 -45.04
C ILE B 131 26.38 -17.47 -44.33
N TYR B 132 26.10 -18.04 -43.17
CA TYR B 132 27.10 -18.86 -42.49
C TYR B 132 27.46 -20.09 -43.30
N GLY B 133 26.47 -20.69 -43.97
CA GLY B 133 26.75 -21.85 -44.81
C GLY B 133 27.62 -21.49 -46.00
N LEU B 134 27.28 -20.41 -46.69
CA LEU B 134 28.14 -19.89 -47.75
C LEU B 134 29.50 -19.46 -47.21
N LEU B 135 29.56 -19.07 -45.95
CA LEU B 135 30.80 -18.55 -45.38
C LEU B 135 31.83 -19.65 -45.14
N GLU B 136 31.37 -20.85 -44.78
CA GLU B 136 32.33 -21.93 -44.58
C GLU B 136 32.68 -22.64 -45.90
N GLU B 137 31.72 -22.70 -46.82
CA GLU B 137 31.82 -23.44 -48.06
C GLU B 137 32.44 -22.64 -49.19
N SER B 138 31.88 -21.47 -49.48
CA SER B 138 32.34 -20.68 -50.63
C SER B 138 33.83 -20.33 -50.53
N GLN B 139 34.32 -19.95 -49.37
CA GLN B 139 35.70 -19.64 -49.19
C GLN B 139 36.47 -20.73 -48.52
N ASN B 140 36.22 -21.04 -47.23
CA ASN B 140 37.12 -21.95 -46.49
C ASN B 140 37.10 -23.38 -47.03
N GLN B 141 35.99 -23.80 -47.58
CA GLN B 141 35.92 -25.12 -48.19
C GLN B 141 36.56 -25.12 -49.57
N GLN B 142 36.88 -23.97 -50.13
CA GLN B 142 37.66 -23.89 -51.34
C GLN B 142 39.01 -23.17 -51.13
N GLU B 143 39.19 -22.42 -50.04
CA GLU B 143 40.48 -21.83 -49.79
C GLU B 143 41.52 -22.93 -49.48
N LYS B 144 41.10 -23.97 -48.76
CA LYS B 144 42.03 -25.01 -48.39
C LYS B 144 42.30 -25.97 -49.51
N ASN B 145 41.34 -26.28 -50.37
CA ASN B 145 41.61 -27.15 -51.52
C ASN B 145 42.63 -26.52 -52.46
N GLU B 146 42.42 -25.25 -52.77
CA GLU B 146 43.38 -24.50 -53.57
C GLU B 146 44.72 -24.35 -52.86
N GLN B 147 44.71 -24.33 -51.54
CA GLN B 147 45.93 -24.27 -50.76
C GLN B 147 46.75 -25.56 -50.91
N ASP B 148 46.06 -26.70 -50.98
CA ASP B 148 46.74 -27.98 -51.20
C ASP B 148 47.26 -28.09 -52.62
N LEU B 149 46.45 -27.65 -53.59
CA LEU B 149 46.88 -27.67 -54.99
C LEU B 149 47.98 -26.63 -55.29
N LEU B 150 48.15 -25.64 -54.44
CA LEU B 150 49.15 -24.61 -54.62
C LEU B 150 50.46 -24.95 -53.95
N ALA B 151 50.40 -25.34 -52.67
CA ALA B 151 51.59 -25.81 -51.97
C ALA B 151 51.99 -27.22 -52.37
N LEU B 152 51.37 -27.76 -53.43
CA LEU B 152 51.74 -29.10 -53.89
C LEU B 152 53.07 -29.13 -54.63
N ASP B 153 53.66 -27.96 -54.90
CA ASP B 153 55.01 -27.85 -55.43
C ASP B 153 55.91 -27.02 -54.53
N TYR C 2 -7.72 -20.35 58.53
CA TYR C 2 -7.77 -18.98 57.90
C TYR C 2 -6.73 -18.02 58.48
N VAL C 3 -6.58 -18.08 59.80
CA VAL C 3 -5.60 -17.22 60.49
C VAL C 3 -4.14 -17.63 60.24
N SER C 4 -3.29 -16.63 59.90
CA SER C 4 -1.88 -16.86 59.66
C SER C 4 -1.22 -15.95 60.65
N PRO C 5 -0.56 -16.46 61.71
CA PRO C 5 0.01 -15.56 62.73
C PRO C 5 1.29 -14.89 62.27
N LEU C 6 1.46 -13.56 62.55
CA LEU C 6 2.70 -12.86 62.43
C LEU C 6 3.02 -12.08 63.65
N SER C 7 4.27 -12.12 64.16
CA SER C 7 4.68 -11.32 65.32
C SER C 7 5.84 -10.38 64.94
N VAL C 8 5.74 -9.15 65.40
CA VAL C 8 6.66 -8.07 65.01
C VAL C 8 7.05 -7.28 66.25
N ALA C 9 8.32 -6.91 66.33
CA ALA C 9 8.78 -6.09 67.43
C ALA C 9 8.25 -4.68 67.26
N LEU C 10 7.94 -4.02 68.38
CA LEU C 10 7.34 -2.72 68.36
C LEU C 10 8.25 -1.68 67.69
N GLY C 11 7.65 -0.88 66.82
CA GLY C 11 8.42 0.23 66.22
C GLY C 11 9.23 -0.13 65.01
N GLU C 12 9.22 -1.41 64.61
CA GLU C 12 9.84 -1.83 63.35
C GLU C 12 8.88 -1.97 62.15
N THR C 13 9.38 -2.40 60.99
CA THR C 13 8.59 -2.39 59.78
C THR C 13 8.03 -3.77 59.54
N ALA C 14 6.72 -3.97 59.43
CA ALA C 14 6.15 -5.27 59.20
C ALA C 14 5.85 -5.43 57.70
N ARG C 15 6.01 -6.66 57.21
CA ARG C 15 5.73 -6.91 55.81
C ARG C 15 4.81 -8.06 55.72
N ILE C 16 3.55 -7.85 55.27
CA ILE C 16 2.55 -8.90 55.15
C ILE C 16 2.36 -9.29 53.70
N SER C 17 2.75 -10.51 53.40
CA SER C 17 2.63 -11.07 52.05
C SER C 17 1.17 -11.32 51.74
N CYS C 18 0.77 -11.24 50.45
CA CYS C 18 -0.54 -11.70 50.03
C CYS C 18 -0.64 -13.25 50.06
N GLY C 19 -1.80 -13.71 50.48
CA GLY C 19 -2.11 -15.12 50.46
C GLY C 19 -2.06 -15.75 49.08
N ARG C 20 -2.42 -14.98 48.05
CA ARG C 20 -2.49 -15.47 46.67
C ARG C 20 -1.48 -14.74 45.78
N GLN C 21 -0.88 -15.45 44.84
CA GLN C 21 -0.03 -14.79 43.83
C GLN C 21 -0.80 -14.67 42.55
N ALA C 22 -0.84 -13.46 41.97
CA ALA C 22 -1.75 -13.21 40.82
C ALA C 22 -1.32 -13.92 39.55
N LEU C 23 -2.24 -14.57 38.85
CA LEU C 23 -1.93 -15.15 37.55
C LEU C 23 -1.67 -14.04 36.49
N GLY C 24 -2.49 -12.99 36.55
CA GLY C 24 -2.40 -11.88 35.62
C GLY C 24 -2.39 -10.57 36.34
N SER C 25 -1.95 -9.53 35.66
CA SER C 25 -1.86 -8.18 36.17
C SER C 25 -3.05 -7.73 37.04
N ARG C 26 -2.77 -7.16 38.19
CA ARG C 26 -3.65 -7.25 39.35
C ARG C 26 -4.05 -5.89 39.94
N ALA C 27 -5.13 -5.91 40.66
CA ALA C 27 -5.58 -4.80 41.52
C ALA C 27 -5.82 -5.35 42.90
N VAL C 28 -5.01 -5.00 43.88
CA VAL C 28 -5.09 -5.62 45.22
C VAL C 28 -5.58 -4.56 46.19
N GLN C 29 -6.45 -4.97 47.13
CA GLN C 29 -6.95 -4.11 48.17
C GLN C 29 -6.52 -4.73 49.50
N TRP C 30 -6.22 -3.89 50.45
CA TRP C 30 -5.83 -4.32 51.79
C TRP C 30 -6.85 -3.82 52.80
N TYR C 31 -7.46 -4.74 53.51
CA TYR C 31 -8.40 -4.41 54.60
C TYR C 31 -7.77 -4.67 55.95
N GLN C 32 -7.97 -3.75 56.89
CA GLN C 32 -7.62 -3.97 58.30
C GLN C 32 -8.91 -4.22 59.06
N HIS C 33 -8.92 -5.36 59.74
CA HIS C 33 -10.09 -5.73 60.59
C HIS C 33 -9.66 -6.01 62.02
N LYS C 34 -10.21 -5.22 62.96
CA LYS C 34 -10.02 -5.42 64.37
C LYS C 34 -11.24 -6.09 65.00
N PRO C 35 -11.02 -7.03 65.93
CA PRO C 35 -12.12 -7.82 66.46
C PRO C 35 -13.22 -6.96 67.07
N GLY C 36 -14.45 -7.17 66.60
CA GLY C 36 -15.60 -6.43 67.08
C GLY C 36 -15.82 -5.03 66.48
N GLN C 37 -14.94 -4.63 65.57
CA GLN C 37 -15.11 -3.35 64.88
C GLN C 37 -15.28 -3.58 63.41
N ALA C 38 -15.66 -2.49 62.72
CA ALA C 38 -15.88 -2.52 61.28
C ALA C 38 -14.54 -2.54 60.54
N PRO C 39 -14.41 -3.40 59.51
CA PRO C 39 -13.23 -3.38 58.69
C PRO C 39 -12.96 -2.06 57.98
N ILE C 40 -11.69 -1.84 57.77
CA ILE C 40 -11.21 -0.56 57.18
C ILE C 40 -10.51 -0.81 55.89
N LEU C 41 -10.82 -0.06 54.85
CA LEU C 41 -10.00 -0.13 53.60
C LEU C 41 -8.70 0.63 53.76
N LEU C 42 -7.54 -0.04 53.68
CA LEU C 42 -6.30 0.73 53.86
C LEU C 42 -5.68 1.06 52.53
N ILE C 43 -5.69 0.09 51.60
CA ILE C 43 -5.06 0.27 50.28
C ILE C 43 -6.03 -0.26 49.21
N TYR C 44 -6.15 0.48 48.11
CA TYR C 44 -6.96 0.03 46.97
C TYR C 44 -6.16 0.22 45.70
N ASN C 45 -6.47 -0.56 44.68
CA ASN C 45 -5.73 -0.48 43.42
C ASN C 45 -4.22 -0.70 43.56
N ASN C 46 -3.87 -1.67 44.42
CA ASN C 46 -2.48 -2.06 44.67
C ASN C 46 -1.71 -1.12 45.52
N GLN C 47 -1.75 0.20 45.22
CA GLN C 47 -0.97 1.15 45.97
C GLN C 47 -1.60 2.39 46.38
N ASP C 48 -2.93 2.53 46.29
CA ASP C 48 -3.56 3.78 46.57
C ASP C 48 -4.22 3.86 47.95
N ARG C 49 -4.01 5.00 48.61
CA ARG C 49 -4.36 5.14 50.03
C ARG C 49 -5.52 6.11 50.22
N PRO C 50 -6.62 5.68 50.86
CA PRO C 50 -7.72 6.62 51.13
C PRO C 50 -7.31 7.77 52.03
N SER C 51 -8.00 8.90 51.89
CA SER C 51 -7.77 10.02 52.80
C SER C 51 -7.98 9.63 54.25
N GLY C 52 -7.06 10.04 55.14
CA GLY C 52 -7.10 9.65 56.52
C GLY C 52 -6.30 8.41 56.87
N ILE C 53 -6.03 7.54 55.90
CA ILE C 53 -5.16 6.37 56.23
C ILE C 53 -3.71 6.85 56.31
N PRO C 54 -2.98 6.53 57.40
CA PRO C 54 -1.64 7.11 57.53
C PRO C 54 -0.67 6.60 56.50
N GLU C 55 0.25 7.46 56.02
CA GLU C 55 1.24 7.04 55.05
C GLU C 55 2.24 5.99 55.57
N ARG C 56 1.98 5.50 56.77
CA ARG C 56 2.70 4.34 57.32
C ARG C 56 2.42 3.06 56.53
N PHE C 57 1.22 2.89 56.02
CA PHE C 57 0.89 1.73 55.23
C PHE C 57 1.19 1.99 53.75
N SER C 58 1.62 0.93 53.07
CA SER C 58 1.90 1.02 51.63
C SER C 58 1.76 -0.35 51.01
N GLY C 59 1.42 -0.37 49.71
CA GLY C 59 1.36 -1.59 48.94
C GLY C 59 2.33 -1.61 47.77
N THR C 60 2.45 -2.76 47.16
CA THR C 60 3.37 -2.87 46.01
C THR C 60 2.66 -2.57 44.70
N PRO C 61 3.20 -1.65 43.92
CA PRO C 61 2.62 -1.29 42.64
C PRO C 61 2.83 -2.38 41.60
N ASP C 62 1.85 -2.55 40.72
CA ASP C 62 1.94 -3.54 39.65
C ASP C 62 2.56 -2.89 38.39
N ILE C 63 3.88 -2.92 38.37
CA ILE C 63 4.62 -2.51 37.19
C ILE C 63 4.87 -3.64 36.18
N ASN C 64 4.31 -4.81 36.42
CA ASN C 64 4.45 -5.98 35.60
C ASN C 64 5.71 -6.80 35.90
N PHE C 65 6.55 -6.27 36.77
CA PHE C 65 7.60 -7.08 37.38
C PHE C 65 6.96 -8.21 38.21
N GLY C 66 7.72 -9.28 38.39
CA GLY C 66 7.22 -10.49 38.99
C GLY C 66 7.38 -10.32 40.49
N THR C 67 6.50 -9.53 41.09
CA THR C 67 6.64 -9.18 42.51
C THR C 67 5.31 -9.41 43.20
N THR C 68 5.30 -10.13 44.32
CA THR C 68 4.07 -10.38 45.06
C THR C 68 3.52 -9.15 45.79
N ALA C 69 2.21 -9.07 45.89
CA ALA C 69 1.52 -8.07 46.68
C ALA C 69 1.91 -8.15 48.16
N THR C 70 2.45 -7.06 48.64
CA THR C 70 2.89 -6.97 50.05
C THR C 70 2.32 -5.74 50.68
N LEU C 71 1.99 -5.79 51.99
CA LEU C 71 1.62 -4.66 52.79
C LEU C 71 2.79 -4.36 53.76
N THR C 72 3.25 -3.12 53.66
CA THR C 72 4.30 -2.61 54.53
C THR C 72 3.71 -1.67 55.54
N ILE C 73 3.95 -1.91 56.82
CA ILE C 73 3.62 -0.95 57.90
C ILE C 73 4.88 -0.50 58.58
N SER C 74 5.34 0.74 58.41
CA SER C 74 6.49 1.24 59.11
C SER C 74 6.11 1.88 60.47
N GLY C 75 7.04 1.81 61.40
CA GLY C 75 6.78 2.19 62.78
C GLY C 75 5.57 1.52 63.39
N VAL C 76 5.52 0.20 63.31
CA VAL C 76 4.37 -0.56 63.80
C VAL C 76 4.09 -0.25 65.27
N GLU C 77 2.82 0.03 65.52
CA GLU C 77 2.33 0.42 66.85
C GLU C 77 1.41 -0.65 67.41
N VAL C 78 1.22 -0.65 68.73
CA VAL C 78 0.27 -1.57 69.35
C VAL C 78 -1.16 -1.46 68.73
N GLY C 79 -1.50 -0.26 68.29
CA GLY C 79 -2.73 -0.04 67.62
C GLY C 79 -2.81 -0.67 66.25
N ASP C 80 -1.72 -1.15 65.67
CA ASP C 80 -1.78 -1.88 64.42
C ASP C 80 -2.04 -3.36 64.60
N GLU C 81 -2.06 -3.85 65.85
CA GLU C 81 -2.55 -5.22 66.05
C GLU C 81 -3.93 -5.47 65.50
N ALA C 82 -4.07 -6.40 64.56
CA ALA C 82 -5.31 -6.64 63.86
C ALA C 82 -5.14 -7.74 62.80
N ASP C 83 -6.24 -8.07 62.11
CA ASP C 83 -6.21 -8.95 60.96
C ASP C 83 -6.07 -8.16 59.66
N TYR C 84 -5.26 -8.65 58.77
CA TYR C 84 -5.07 -7.99 57.46
C TYR C 84 -5.43 -8.94 56.37
N TYR C 85 -6.41 -8.58 55.51
CA TYR C 85 -6.82 -9.38 54.38
C TYR C 85 -6.36 -8.71 53.07
N CYS C 86 -5.90 -9.52 52.13
CA CYS C 86 -5.44 -9.07 50.83
C CYS C 86 -6.42 -9.58 49.76
N HIS C 87 -7.26 -8.69 49.27
CA HIS C 87 -8.24 -8.95 48.26
C HIS C 87 -7.60 -8.83 46.89
N MET C 88 -7.53 -9.92 46.14
CA MET C 88 -6.64 -10.03 44.97
C MET C 88 -7.54 -10.13 43.75
N TRP C 89 -7.39 -9.19 42.82
CA TRP C 89 -8.12 -9.25 41.56
C TRP C 89 -7.09 -9.38 40.46
N ASP C 90 -7.21 -10.39 39.61
CA ASP C 90 -6.33 -10.51 38.46
C ASP C 90 -7.10 -10.99 37.24
N SER C 91 -6.42 -10.99 36.11
CA SER C 91 -7.11 -11.13 34.83
C SER C 91 -7.43 -12.56 34.49
N ARG C 92 -6.80 -13.57 35.10
CA ARG C 92 -7.02 -14.95 34.78
C ARG C 92 -7.68 -15.78 35.88
N SER C 93 -8.17 -15.12 36.92
CA SER C 93 -8.81 -15.78 38.03
C SER C 93 -10.31 -15.61 37.92
N GLY C 94 -10.76 -14.48 37.37
CA GLY C 94 -12.16 -14.17 37.29
C GLY C 94 -12.56 -13.22 38.41
N PHE C 95 -13.86 -13.05 38.57
CA PHE C 95 -14.40 -12.30 39.72
C PHE C 95 -14.05 -13.01 41.02
N SER C 96 -13.37 -12.33 41.92
CA SER C 96 -12.81 -12.98 43.11
C SER C 96 -13.71 -12.70 44.30
N TRP C 97 -14.58 -13.66 44.62
CA TRP C 97 -15.46 -13.54 45.77
C TRP C 97 -14.76 -13.62 47.14
N SER C 98 -13.65 -14.32 47.22
CA SER C 98 -13.03 -14.57 48.52
C SER C 98 -12.11 -13.43 48.92
N PHE C 99 -12.08 -13.14 50.22
CA PHE C 99 -11.20 -12.15 50.76
C PHE C 99 -9.87 -12.81 51.02
N GLY C 100 -9.82 -14.14 51.08
CA GLY C 100 -8.62 -14.81 51.51
C GLY C 100 -8.52 -14.87 53.03
N GLY C 101 -7.47 -15.54 53.48
CA GLY C 101 -7.21 -15.66 54.88
C GLY C 101 -6.63 -14.39 55.48
N ALA C 102 -6.81 -14.31 56.78
CA ALA C 102 -6.36 -13.11 57.53
C ALA C 102 -4.98 -13.35 58.10
N THR C 103 -4.04 -12.42 57.92
CA THR C 103 -2.79 -12.40 58.64
C THR C 103 -3.01 -11.70 59.98
N ARG C 104 -2.94 -12.46 61.06
CA ARG C 104 -3.14 -11.92 62.40
C ARG C 104 -1.87 -11.30 62.92
N LEU C 105 -1.80 -9.98 62.95
CA LEU C 105 -0.55 -9.29 63.33
C LEU C 105 -0.58 -9.06 64.84
N THR C 106 0.51 -9.52 65.47
CA THR C 106 0.75 -9.27 66.90
C THR C 106 1.98 -8.41 67.09
N VAL C 107 1.90 -7.39 67.93
CA VAL C 107 2.99 -6.45 68.22
C VAL C 107 3.68 -7.03 69.49
N LEU C 108 4.82 -6.90 69.82
CA LEU C 108 5.68 -7.74 70.69
C LEU C 108 6.93 -7.04 71.28
N SER C 109 7.60 -7.69 72.30
CA SER C 109 8.45 -7.03 73.38
C SER C 109 7.47 -5.88 73.90
N GLN C 110 6.18 -6.26 74.06
CA GLN C 110 5.03 -5.46 74.46
C GLN C 110 5.17 -5.57 75.93
N PRO C 111 5.39 -4.45 76.60
CA PRO C 111 5.61 -4.47 78.02
C PRO C 111 4.67 -5.44 78.72
N LYS C 112 5.07 -5.83 79.92
CA LYS C 112 4.26 -6.75 80.71
C LYS C 112 3.51 -6.00 81.82
N ALA C 113 2.36 -5.44 81.47
CA ALA C 113 1.55 -4.69 82.43
C ALA C 113 0.92 -5.62 83.46
N ALA C 114 0.65 -5.10 84.65
CA ALA C 114 0.05 -5.88 85.71
C ALA C 114 -1.48 -5.75 85.65
N PRO C 115 -2.20 -6.82 85.94
CA PRO C 115 -3.67 -6.75 85.93
C PRO C 115 -4.22 -5.98 87.10
N SER C 116 -5.29 -5.23 86.85
CA SER C 116 -6.10 -4.64 87.96
C SER C 116 -7.28 -5.53 88.27
N VAL C 117 -7.58 -5.68 89.55
CA VAL C 117 -8.59 -6.69 89.99
C VAL C 117 -9.56 -6.05 90.91
N THR C 118 -10.89 -6.24 90.69
CA THR C 118 -11.92 -5.66 91.52
C THR C 118 -12.92 -6.79 91.85
N LEU C 119 -13.08 -7.09 93.10
CA LEU C 119 -14.00 -8.17 93.52
C LEU C 119 -15.21 -7.64 94.20
N PHE C 120 -16.42 -7.98 93.67
CA PHE C 120 -17.67 -7.56 94.21
C PHE C 120 -18.46 -8.73 94.82
N PRO C 121 -18.92 -8.55 96.06
CA PRO C 121 -19.78 -9.55 96.69
C PRO C 121 -21.17 -9.54 96.05
N PRO C 122 -21.98 -10.57 96.31
CA PRO C 122 -23.37 -10.56 95.86
C PRO C 122 -24.18 -9.39 96.40
N SER C 123 -25.08 -8.91 95.58
CA SER C 123 -25.96 -7.80 95.96
C SER C 123 -26.92 -8.22 97.05
N SER C 124 -27.32 -7.27 97.91
CA SER C 124 -28.43 -7.54 98.84
C SER C 124 -29.71 -7.93 98.10
N GLU C 125 -29.87 -7.46 96.87
CA GLU C 125 -31.07 -7.70 96.09
C GLU C 125 -31.02 -9.10 95.58
N GLU C 126 -29.89 -9.50 95.01
CA GLU C 126 -29.73 -10.86 94.45
C GLU C 126 -29.99 -11.93 95.52
N LEU C 127 -29.53 -11.64 96.74
CA LEU C 127 -29.77 -12.59 97.84
C LEU C 127 -31.26 -12.62 98.21
N GLN C 128 -31.93 -11.47 98.13
CA GLN C 128 -33.39 -11.52 98.31
C GLN C 128 -34.05 -12.19 97.12
N ALA C 129 -33.45 -12.19 95.95
CA ALA C 129 -33.95 -12.91 94.79
C ALA C 129 -33.53 -14.38 94.80
N ASN C 130 -32.97 -14.86 95.90
CA ASN C 130 -32.55 -16.25 96.08
C ASN C 130 -31.43 -16.67 95.13
N LYS C 131 -30.55 -15.71 94.77
CA LYS C 131 -29.37 -16.02 93.97
C LYS C 131 -28.17 -15.26 94.53
N ALA C 132 -26.98 -15.74 94.21
CA ALA C 132 -25.75 -15.06 94.61
C ALA C 132 -24.69 -15.33 93.56
N THR C 133 -23.97 -14.28 93.17
CA THR C 133 -22.89 -14.38 92.19
C THR C 133 -21.77 -13.43 92.61
N LEU C 134 -20.57 -14.00 92.75
CA LEU C 134 -19.39 -13.19 92.99
C LEU C 134 -18.77 -12.78 91.66
N VAL C 135 -18.41 -11.51 91.52
CA VAL C 135 -17.95 -10.94 90.28
C VAL C 135 -16.52 -10.43 90.44
N CYS C 136 -15.62 -11.05 89.72
CA CYS C 136 -14.19 -10.68 89.71
C CYS C 136 -13.89 -10.09 88.35
N LEU C 137 -13.44 -8.84 88.36
CA LEU C 137 -13.14 -8.11 87.10
C LEU C 137 -11.61 -7.88 87.02
N ILE C 138 -11.06 -8.27 85.86
CA ILE C 138 -9.63 -8.21 85.63
C ILE C 138 -9.37 -7.36 84.38
N SER C 139 -8.62 -6.27 84.51
CA SER C 139 -8.41 -5.40 83.39
C SER C 139 -7.00 -4.88 83.33
N ASP C 140 -6.70 -4.25 82.20
CA ASP C 140 -5.44 -3.50 81.99
C ASP C 140 -4.21 -4.37 82.02
N PHE C 141 -4.31 -5.64 81.63
CA PHE C 141 -3.15 -6.52 81.62
C PHE C 141 -2.65 -6.74 80.19
N TYR C 142 -1.40 -7.00 80.14
CA TYR C 142 -0.69 -7.46 78.91
C TYR C 142 0.49 -8.27 79.36
N PRO C 143 0.79 -9.43 78.70
CA PRO C 143 0.01 -10.07 77.65
C PRO C 143 -1.33 -10.65 78.14
N GLY C 144 -2.00 -11.29 77.21
CA GLY C 144 -3.41 -11.67 77.40
C GLY C 144 -3.69 -12.92 78.18
N ALA C 145 -2.68 -13.75 78.46
CA ALA C 145 -2.86 -14.97 79.22
C ALA C 145 -2.97 -14.73 80.73
N VAL C 146 -4.03 -15.24 81.31
CA VAL C 146 -4.33 -15.08 82.73
C VAL C 146 -4.92 -16.35 83.26
N THR C 147 -4.69 -16.65 84.53
CA THR C 147 -5.29 -17.80 85.21
C THR C 147 -6.12 -17.30 86.39
N VAL C 148 -7.41 -17.65 86.47
CA VAL C 148 -8.27 -17.19 87.53
C VAL C 148 -8.71 -18.42 88.33
N ALA C 149 -8.47 -18.38 89.63
CA ALA C 149 -8.90 -19.41 90.54
C ALA C 149 -9.75 -18.74 91.66
N TRP C 150 -10.79 -19.45 91.98
CA TRP C 150 -11.65 -19.08 93.11
C TRP C 150 -11.34 -19.99 94.29
N LYS C 151 -11.38 -19.42 95.46
CA LYS C 151 -11.20 -20.13 96.72
C LYS C 151 -12.32 -19.88 97.66
N ALA C 152 -12.79 -20.93 98.31
CA ALA C 152 -13.69 -20.72 99.44
C ALA C 152 -12.98 -20.92 100.73
N ASP C 153 -12.81 -19.91 101.58
CA ASP C 153 -11.80 -19.93 102.63
C ASP C 153 -10.45 -20.32 102.03
N SER C 154 -9.75 -21.33 102.55
CA SER C 154 -8.50 -21.73 102.01
C SER C 154 -8.51 -22.84 100.99
N SER C 155 -9.67 -23.27 100.49
CA SER C 155 -9.72 -24.35 99.56
C SER C 155 -10.32 -23.91 98.22
N PRO C 156 -9.87 -24.54 97.13
CA PRO C 156 -10.28 -24.12 95.82
C PRO C 156 -11.66 -24.63 95.38
N VAL C 157 -12.61 -23.73 95.22
CA VAL C 157 -13.83 -23.96 94.47
C VAL C 157 -13.51 -24.50 93.07
N LYS C 158 -14.13 -25.61 92.68
CA LYS C 158 -13.93 -26.21 91.34
C LYS C 158 -15.04 -25.80 90.34
N ALA C 159 -16.17 -25.33 90.81
CA ALA C 159 -17.31 -25.14 89.90
C ALA C 159 -18.19 -23.98 90.29
N GLY C 160 -19.16 -23.71 89.42
CA GLY C 160 -20.00 -22.51 89.60
C GLY C 160 -19.29 -21.34 88.96
N VAL C 161 -18.12 -21.59 88.36
CA VAL C 161 -17.24 -20.54 87.85
C VAL C 161 -17.32 -20.53 86.33
N GLU C 162 -17.62 -19.36 85.78
CA GLU C 162 -17.71 -19.11 84.36
C GLU C 162 -16.92 -17.84 84.06
N THR C 163 -15.95 -17.94 83.15
CA THR C 163 -15.01 -16.85 82.92
C THR C 163 -14.95 -16.52 81.43
N THR C 164 -14.97 -15.22 81.11
CA THR C 164 -14.79 -14.76 79.75
C THR C 164 -13.35 -14.88 79.27
N THR C 165 -13.22 -15.12 78.00
CA THR C 165 -11.89 -15.19 77.39
C THR C 165 -11.33 -13.77 77.35
N PRO C 166 -10.03 -13.56 77.68
CA PRO C 166 -9.50 -12.21 77.65
C PRO C 166 -9.58 -11.58 76.25
N SER C 167 -9.88 -10.30 76.20
CA SER C 167 -9.88 -9.59 74.92
C SER C 167 -9.45 -8.19 75.13
N LYS C 168 -8.87 -7.63 74.08
CA LYS C 168 -8.24 -6.28 74.14
C LYS C 168 -9.32 -5.21 74.14
N GLN C 169 -9.11 -4.22 75.00
CA GLN C 169 -10.05 -3.11 75.21
C GLN C 169 -9.52 -1.84 74.54
N SER C 170 -10.21 -0.73 74.74
CA SER C 170 -9.90 0.49 74.01
C SER C 170 -8.69 1.24 74.58
N ASN C 171 -7.95 0.64 75.50
CA ASN C 171 -6.61 1.09 75.85
C ASN C 171 -5.51 0.04 75.48
N ASN C 172 -5.87 -0.83 74.55
CA ASN C 172 -4.97 -1.83 73.97
C ASN C 172 -4.52 -2.86 75.00
N LYS C 173 -5.07 -2.82 76.21
CA LYS C 173 -4.81 -3.88 77.18
C LYS C 173 -6.01 -4.80 77.27
N TYR C 174 -5.80 -5.96 77.84
CA TYR C 174 -6.81 -6.99 77.93
C TYR C 174 -7.71 -6.83 79.12
N ALA C 175 -8.89 -7.46 79.05
CA ALA C 175 -9.85 -7.46 80.14
C ALA C 175 -10.62 -8.78 80.05
N ALA C 176 -10.89 -9.31 81.21
CA ALA C 176 -11.67 -10.54 81.42
C ALA C 176 -12.48 -10.35 82.69
N SER C 177 -13.52 -11.18 82.81
CA SER C 177 -14.38 -11.20 83.99
C SER C 177 -14.65 -12.65 84.38
N SER C 178 -14.69 -12.93 85.68
CA SER C 178 -15.04 -14.25 86.19
C SER C 178 -16.21 -14.14 87.14
N TYR C 179 -17.19 -15.04 86.99
CA TYR C 179 -18.40 -15.07 87.80
C TYR C 179 -18.47 -16.43 88.51
N LEU C 180 -18.52 -16.37 89.86
CA LEU C 180 -18.80 -17.50 90.69
C LEU C 180 -20.21 -17.38 91.26
N SER C 181 -21.15 -18.20 90.79
CA SER C 181 -22.52 -18.10 91.31
C SER C 181 -22.64 -19.03 92.49
N LEU C 182 -23.10 -18.55 93.66
CA LEU C 182 -23.41 -19.41 94.77
C LEU C 182 -24.89 -19.36 95.10
N THR C 183 -25.31 -20.25 95.97
CA THR C 183 -26.58 -20.08 96.69
C THR C 183 -26.34 -19.20 97.92
N PRO C 184 -27.34 -18.41 98.32
CA PRO C 184 -27.20 -17.54 99.49
C PRO C 184 -26.74 -18.25 100.75
N GLU C 185 -27.21 -19.47 100.94
CA GLU C 185 -26.78 -20.24 102.14
C GLU C 185 -25.32 -20.62 102.06
N GLN C 186 -24.81 -20.95 100.88
CA GLN C 186 -23.39 -21.22 100.70
C GLN C 186 -22.55 -19.96 100.95
N TRP C 187 -23.10 -18.83 100.57
CA TRP C 187 -22.39 -17.54 100.71
C TRP C 187 -22.21 -17.25 102.18
N LYS C 188 -23.28 -17.36 102.93
CA LYS C 188 -23.22 -17.16 104.40
C LYS C 188 -22.48 -18.33 105.14
N SER C 189 -22.23 -19.41 104.41
CA SER C 189 -21.61 -20.57 104.98
C SER C 189 -20.14 -20.33 105.28
N HIS C 190 -19.40 -19.78 104.32
CA HIS C 190 -17.97 -19.62 104.52
C HIS C 190 -17.66 -18.27 105.12
N LYS C 191 -16.59 -18.20 105.94
CA LYS C 191 -16.04 -16.91 106.37
C LYS C 191 -15.62 -15.99 105.21
N SER C 192 -15.19 -16.53 104.08
CA SER C 192 -14.59 -15.66 103.07
C SER C 192 -14.44 -16.39 101.77
N TYR C 193 -14.56 -15.67 100.64
CA TYR C 193 -14.24 -16.21 99.32
C TYR C 193 -13.17 -15.30 98.70
N SER C 194 -12.34 -15.89 97.84
CA SER C 194 -11.27 -15.16 97.22
C SER C 194 -11.19 -15.40 95.73
N CYS C 195 -10.85 -14.35 95.00
CA CYS C 195 -10.60 -14.42 93.56
C CYS C 195 -9.10 -14.25 93.31
N GLN C 196 -8.39 -15.26 92.86
CA GLN C 196 -6.95 -15.22 92.77
C GLN C 196 -6.57 -15.19 91.30
N VAL C 197 -5.82 -14.15 90.89
CA VAL C 197 -5.39 -14.02 89.52
C VAL C 197 -3.88 -14.13 89.40
N THR C 198 -3.45 -15.06 88.57
CA THR C 198 -2.02 -15.28 88.27
C THR C 198 -1.74 -14.79 86.87
N HIS C 199 -0.86 -13.81 86.70
CA HIS C 199 -0.49 -13.25 85.43
C HIS C 199 1.06 -13.23 85.41
N GLU C 200 1.59 -13.88 84.37
CA GLU C 200 3.02 -13.88 84.07
C GLU C 200 3.78 -14.46 85.25
N GLY C 201 3.25 -15.48 85.91
CA GLY C 201 3.91 -16.04 87.09
C GLY C 201 3.55 -15.37 88.39
N SER C 202 3.19 -14.11 88.35
CA SER C 202 2.87 -13.37 89.60
C SER C 202 1.43 -13.57 89.98
N THR C 203 1.12 -13.72 91.29
CA THR C 203 -0.22 -14.04 91.73
C THR C 203 -0.70 -12.93 92.67
N VAL C 204 -1.89 -12.36 92.42
CA VAL C 204 -2.50 -11.43 93.34
C VAL C 204 -3.87 -11.91 93.63
N GLU C 205 -4.53 -11.37 94.58
CA GLU C 205 -5.80 -11.97 95.12
C GLU C 205 -6.68 -10.92 95.80
N LYS C 206 -8.00 -11.05 95.66
CA LYS C 206 -8.93 -10.21 96.40
C LYS C 206 -9.91 -11.07 97.16
N THR C 207 -10.53 -10.49 98.16
CA THR C 207 -11.31 -11.25 99.16
C THR C 207 -12.53 -10.49 99.59
N VAL C 208 -13.63 -11.19 99.83
CA VAL C 208 -14.87 -10.58 100.34
C VAL C 208 -15.50 -11.53 101.35
N ALA C 209 -16.34 -10.98 102.21
CA ALA C 209 -17.01 -11.80 103.23
C ALA C 209 -18.41 -11.38 103.46
N PRO C 210 -19.30 -12.33 103.82
CA PRO C 210 -20.69 -12.01 104.15
C PRO C 210 -20.82 -11.06 105.32
N THR C 211 -21.56 -9.97 105.13
CA THR C 211 -21.77 -9.01 106.22
C THR C 211 -23.14 -8.34 106.16
N VAL D 2 -20.30 9.87 54.07
CA VAL D 2 -21.56 9.11 54.15
C VAL D 2 -21.51 8.28 55.44
N GLN D 3 -22.70 8.01 55.96
CA GLN D 3 -22.87 7.27 57.20
C GLN D 3 -23.79 6.08 56.98
N LEU D 4 -23.41 4.89 57.44
CA LEU D 4 -24.30 3.73 57.31
C LEU D 4 -24.60 3.18 58.68
N GLN D 5 -25.89 2.98 59.01
CA GLN D 5 -26.29 2.35 60.24
C GLN D 5 -27.23 1.19 59.95
N GLU D 6 -26.81 0.01 60.37
CA GLU D 6 -27.68 -1.19 60.27
C GLU D 6 -28.79 -1.28 61.35
N SER D 7 -29.76 -2.12 61.04
CA SER D 7 -30.81 -2.52 61.93
C SER D 7 -31.13 -3.95 61.56
N GLY D 8 -31.66 -4.70 62.53
CA GLY D 8 -31.78 -6.13 62.39
C GLY D 8 -32.75 -6.79 63.34
N PRO D 9 -33.09 -8.05 63.08
CA PRO D 9 -33.83 -8.84 64.03
C PRO D 9 -33.03 -9.20 65.25
N GLY D 10 -31.76 -9.61 65.13
CA GLY D 10 -30.97 -10.10 66.24
C GLY D 10 -31.25 -11.54 66.63
N LEU D 11 -32.43 -12.05 66.26
CA LEU D 11 -32.72 -13.47 66.46
C LEU D 11 -33.60 -14.00 65.36
N VAL D 12 -33.16 -15.06 64.70
CA VAL D 12 -33.95 -15.66 63.60
C VAL D 12 -34.05 -17.16 63.80
N ARG D 13 -35.25 -17.73 63.75
CA ARG D 13 -35.42 -19.15 63.91
C ARG D 13 -34.80 -19.90 62.74
N PRO D 14 -34.24 -21.13 62.97
CA PRO D 14 -33.77 -21.87 61.80
C PRO D 14 -34.87 -22.19 60.80
N SER D 15 -34.54 -22.08 59.51
CA SER D 15 -35.46 -22.25 58.42
C SER D 15 -36.33 -21.04 58.15
N GLU D 16 -36.14 -19.91 58.86
CA GLU D 16 -36.87 -18.70 58.62
C GLU D 16 -36.04 -17.75 57.75
N THR D 17 -36.65 -16.62 57.42
CA THR D 17 -35.99 -15.65 56.53
C THR D 17 -35.42 -14.51 57.32
N LEU D 18 -34.11 -14.30 57.34
CA LEU D 18 -33.46 -13.20 57.99
C LEU D 18 -33.73 -11.91 57.20
N SER D 19 -33.82 -10.82 57.91
CA SER D 19 -33.94 -9.50 57.23
C SER D 19 -33.16 -8.42 57.89
N VAL D 20 -32.33 -7.67 57.14
CA VAL D 20 -31.58 -6.55 57.71
C VAL D 20 -31.62 -5.37 56.72
N THR D 21 -31.54 -4.17 57.30
CA THR D 21 -31.71 -2.93 56.63
C THR D 21 -30.53 -1.96 57.04
N CYS D 22 -30.23 -1.05 56.15
CA CYS D 22 -29.10 -0.16 56.25
C CYS D 22 -29.58 1.19 55.71
N ILE D 23 -29.64 2.14 56.62
CA ILE D 23 -29.95 3.55 56.29
C ILE D 23 -28.65 4.28 55.93
N VAL D 24 -28.71 5.04 54.85
CA VAL D 24 -27.58 5.87 54.41
C VAL D 24 -27.95 7.34 54.60
N SER D 25 -27.00 8.10 55.08
CA SER D 25 -27.14 9.56 55.22
C SER D 25 -25.96 10.26 54.55
N GLY D 26 -26.18 11.51 54.11
CA GLY D 26 -25.11 12.38 53.65
C GLY D 26 -24.60 12.05 52.28
N GLY D 27 -25.17 11.11 51.57
CA GLY D 27 -24.94 11.00 50.10
C GLY D 27 -26.11 10.33 49.41
N SER D 28 -26.31 10.64 48.13
CA SER D 28 -27.46 10.13 47.40
C SER D 28 -27.36 8.62 47.17
N ILE D 29 -28.45 7.87 47.32
CA ILE D 29 -28.35 6.43 47.11
C ILE D 29 -28.20 6.11 45.60
N SER D 30 -28.71 6.99 44.75
CA SER D 30 -28.95 6.64 43.34
C SER D 30 -27.67 6.45 42.54
N ASN D 31 -26.57 7.07 42.99
CA ASN D 31 -25.36 7.17 42.14
C ASN D 31 -24.25 6.18 42.50
N TYR D 32 -24.51 5.20 43.34
CA TYR D 32 -23.44 4.36 43.88
C TYR D 32 -23.84 2.92 43.82
N TYR D 33 -22.86 2.04 43.96
CA TYR D 33 -23.08 0.60 44.17
C TYR D 33 -23.07 0.29 45.64
N TRP D 34 -23.81 -0.74 46.09
CA TRP D 34 -23.91 -1.03 47.51
C TRP D 34 -23.85 -2.56 47.71
N THR D 35 -23.31 -2.98 48.86
CA THR D 35 -23.01 -4.37 49.02
C THR D 35 -23.22 -4.80 50.48
N TRP D 36 -23.37 -6.11 50.66
CA TRP D 36 -23.49 -6.72 51.98
C TRP D 36 -22.34 -7.67 52.20
N ILE D 37 -21.80 -7.63 53.42
CA ILE D 37 -20.74 -8.54 53.88
C ILE D 37 -21.13 -9.01 55.27
N ARG D 38 -20.79 -10.24 55.62
CA ARG D 38 -21.10 -10.78 56.93
C ARG D 38 -19.82 -11.35 57.55
N GLN D 39 -19.80 -11.36 58.89
CA GLN D 39 -18.81 -12.15 59.64
C GLN D 39 -19.48 -13.16 60.56
N SER D 40 -19.23 -14.44 60.25
CA SER D 40 -19.67 -15.56 61.11
C SER D 40 -18.51 -15.97 62.04
N PRO D 41 -18.85 -16.35 63.26
CA PRO D 41 -17.87 -16.66 64.30
C PRO D 41 -16.91 -17.77 63.91
N GLY D 42 -15.63 -17.54 64.15
CA GLY D 42 -14.60 -18.51 63.78
C GLY D 42 -14.39 -18.68 62.28
N LYS D 43 -14.92 -17.70 61.50
CA LYS D 43 -14.72 -17.64 60.07
C LYS D 43 -14.25 -16.19 59.69
N GLY D 44 -14.10 -16.00 58.40
CA GLY D 44 -13.70 -14.71 57.89
C GLY D 44 -14.85 -13.91 57.34
N LEU D 45 -14.52 -12.77 56.76
CA LEU D 45 -15.53 -11.92 56.13
C LEU D 45 -15.96 -12.56 54.82
N GLU D 46 -17.26 -12.79 54.68
CA GLU D 46 -17.84 -13.39 53.49
C GLU D 46 -18.59 -12.35 52.67
N TRP D 47 -18.24 -12.27 51.39
CA TRP D 47 -18.89 -11.33 50.47
C TRP D 47 -20.18 -11.93 49.96
N ILE D 48 -21.32 -11.29 50.25
CA ILE D 48 -22.64 -11.84 49.96
C ILE D 48 -23.11 -11.50 48.49
N GLY D 49 -22.96 -10.24 48.14
CA GLY D 49 -23.34 -9.70 46.89
C GLY D 49 -23.59 -8.19 46.96
N TYR D 50 -23.96 -7.65 45.79
CA TYR D 50 -24.05 -6.22 45.67
C TYR D 50 -25.18 -5.81 44.73
N ILE D 51 -25.47 -4.51 44.75
CA ILE D 51 -26.48 -3.94 43.86
C ILE D 51 -25.88 -2.76 43.11
N SER D 52 -26.18 -2.68 41.81
CA SER D 52 -25.62 -1.62 40.98
C SER D 52 -26.49 -0.37 41.02
N ASP D 53 -25.98 0.71 40.45
CA ASP D 53 -26.79 1.91 40.26
C ASP D 53 -28.01 1.71 39.37
N ARG D 54 -27.96 0.72 38.49
CA ARG D 54 -29.09 0.32 37.66
C ARG D 54 -30.06 -0.62 38.39
N GLU D 55 -29.86 -0.83 39.68
CA GLU D 55 -30.64 -1.76 40.49
C GLU D 55 -30.55 -3.18 40.00
N THR D 56 -29.37 -3.57 39.48
CA THR D 56 -29.17 -4.96 39.03
C THR D 56 -28.39 -5.65 40.12
N THR D 57 -28.69 -6.92 40.38
CA THR D 57 -28.06 -7.61 41.51
C THR D 57 -27.21 -8.75 41.08
N THR D 58 -26.11 -9.00 41.81
CA THR D 58 -25.22 -10.13 41.57
C THR D 58 -24.77 -10.71 42.91
N TYR D 59 -24.73 -12.01 42.98
CA TYR D 59 -24.54 -12.72 44.24
C TYR D 59 -23.46 -13.73 44.21
N ASN D 60 -22.80 -13.96 45.33
CA ASN D 60 -21.82 -15.05 45.46
C ASN D 60 -22.53 -16.38 45.29
N PRO D 61 -22.01 -17.31 44.47
CA PRO D 61 -22.59 -18.65 44.38
C PRO D 61 -22.70 -19.40 45.71
N SER D 62 -21.77 -19.15 46.62
CA SER D 62 -21.74 -19.81 47.90
C SER D 62 -22.92 -19.48 48.79
N LEU D 63 -23.71 -18.46 48.49
CA LEU D 63 -24.99 -18.21 49.13
C LEU D 63 -26.12 -19.05 48.55
N ASN D 64 -25.91 -19.59 47.35
CA ASN D 64 -26.85 -20.54 46.75
C ASN D 64 -28.22 -19.89 46.54
N SER D 65 -28.20 -18.67 46.00
CA SER D 65 -29.41 -17.94 45.66
C SER D 65 -30.39 -17.67 46.81
N ARG D 66 -29.93 -17.93 48.03
CA ARG D 66 -30.76 -17.71 49.22
C ARG D 66 -30.87 -16.23 49.61
N ALA D 67 -30.09 -15.35 48.95
CA ALA D 67 -29.95 -13.96 49.31
C ALA D 67 -30.62 -13.06 48.26
N VAL D 68 -31.25 -12.01 48.74
CA VAL D 68 -31.86 -11.00 47.87
C VAL D 68 -31.56 -9.63 48.42
N ILE D 69 -31.06 -8.76 47.57
CA ILE D 69 -30.59 -7.43 47.99
C ILE D 69 -31.42 -6.41 47.26
N SER D 70 -31.88 -5.35 47.93
CA SER D 70 -32.72 -4.37 47.28
C SER D 70 -32.39 -2.97 47.75
N ARG D 71 -33.02 -2.02 47.10
CA ARG D 71 -32.87 -0.58 47.34
C ARG D 71 -34.28 0.03 47.42
N ASP D 72 -34.41 0.98 48.32
CA ASP D 72 -35.59 1.84 48.39
C ASP D 72 -35.14 3.30 48.50
N THR D 73 -35.04 3.95 47.35
CA THR D 73 -34.58 5.34 47.30
C THR D 73 -35.49 6.28 48.08
N SER D 74 -36.81 6.03 48.05
CA SER D 74 -37.76 6.82 48.81
C SER D 74 -37.45 6.91 50.31
N LYS D 75 -36.78 5.90 50.86
CA LYS D 75 -36.32 5.94 52.24
C LYS D 75 -34.81 5.94 52.28
N ASN D 76 -34.15 6.03 51.15
CA ASN D 76 -32.71 6.06 51.05
C ASN D 76 -32.06 4.82 51.64
N GLN D 77 -32.83 3.72 51.70
CA GLN D 77 -32.43 2.57 52.54
C GLN D 77 -32.01 1.40 51.67
N LEU D 78 -30.92 0.73 52.00
CA LEU D 78 -30.51 -0.50 51.38
C LEU D 78 -31.10 -1.59 52.23
N SER D 79 -31.39 -2.74 51.63
CA SER D 79 -31.96 -3.87 52.38
C SER D 79 -31.40 -5.23 51.95
N LEU D 80 -31.59 -6.23 52.80
CA LEU D 80 -31.19 -7.59 52.45
C LEU D 80 -32.07 -8.59 53.18
N GLN D 81 -32.49 -9.61 52.46
CA GLN D 81 -33.19 -10.78 53.02
C GLN D 81 -32.39 -12.04 52.65
N LEU D 82 -32.23 -12.88 53.62
CA LEU D 82 -31.69 -14.25 53.42
C LEU D 82 -32.68 -15.31 53.86
N ARG D 83 -33.22 -16.11 52.92
CA ARG D 83 -34.21 -17.10 53.24
C ARG D 83 -33.57 -18.41 53.72
N SER D 84 -34.37 -19.19 54.41
CA SER D 84 -34.01 -20.56 54.83
C SER D 84 -32.70 -20.59 55.63
N VAL D 85 -32.69 -19.83 56.69
CA VAL D 85 -31.41 -19.67 57.45
C VAL D 85 -31.10 -20.92 58.24
N THR D 86 -29.84 -21.08 58.58
CA THR D 86 -29.39 -22.11 59.55
C THR D 86 -28.38 -21.47 60.46
N THR D 87 -27.95 -22.17 61.52
CA THR D 87 -27.11 -21.58 62.56
C THR D 87 -25.78 -21.00 62.03
N ALA D 88 -25.35 -21.47 60.86
CA ALA D 88 -24.20 -20.86 60.19
C ALA D 88 -24.49 -19.50 59.59
N ASP D 89 -25.75 -19.09 59.49
CA ASP D 89 -26.10 -17.75 59.02
C ASP D 89 -26.08 -16.69 60.11
N THR D 90 -25.96 -17.08 61.36
CA THR D 90 -25.57 -16.22 62.47
C THR D 90 -24.26 -15.47 62.20
N ALA D 91 -24.27 -14.17 62.32
CA ALA D 91 -23.16 -13.35 61.83
C ALA D 91 -23.41 -11.87 62.16
N ILE D 92 -22.37 -11.07 62.25
CA ILE D 92 -22.50 -9.65 62.17
C ILE D 92 -22.62 -9.25 60.70
N TYR D 93 -23.64 -8.44 60.37
CA TYR D 93 -23.91 -8.12 58.97
C TYR D 93 -23.61 -6.66 58.69
N PHE D 94 -22.69 -6.39 57.76
CA PHE D 94 -22.20 -5.07 57.42
C PHE D 94 -22.67 -4.69 56.02
N CYS D 95 -23.10 -3.43 55.88
CA CYS D 95 -23.44 -2.87 54.58
C CYS D 95 -22.34 -1.85 54.21
N ALA D 96 -21.99 -1.79 52.93
CA ALA D 96 -20.87 -1.00 52.52
C ALA D 96 -21.12 -0.39 51.16
N THR D 97 -20.39 0.68 50.89
CA THR D 97 -20.30 1.25 49.54
C THR D 97 -19.28 0.46 48.75
N ALA D 98 -19.47 0.41 47.44
CA ALA D 98 -18.52 -0.29 46.55
C ALA D 98 -18.25 0.57 45.33
N ARG D 99 -16.98 0.78 45.01
CA ARG D 99 -16.54 1.51 43.85
C ARG D 99 -16.09 0.54 42.78
N ARG D 100 -16.41 0.83 41.51
CA ARG D 100 -15.88 0.05 40.40
C ARG D 100 -14.61 0.68 39.86
N GLY D 101 -13.58 -0.13 39.63
CA GLY D 101 -12.36 0.27 39.01
C GLY D 101 -12.06 -0.63 37.82
N GLN D 102 -11.25 -0.12 36.91
CA GLN D 102 -10.88 -0.86 35.71
C GLN D 102 -9.39 -1.08 35.69
N ARG D 103 -9.01 -2.36 35.56
CA ARG D 103 -7.59 -2.75 35.40
C ARG D 103 -7.37 -3.14 33.93
N ILE D 104 -6.64 -2.27 33.21
CA ILE D 104 -6.44 -2.43 31.78
C ILE D 104 -4.96 -2.72 31.54
N TYR D 105 -4.69 -3.84 30.89
CA TYR D 105 -3.29 -4.27 30.69
C TYR D 105 -2.84 -4.23 29.25
N GLY D 106 -3.70 -3.82 28.34
CA GLY D 106 -3.49 -3.92 26.90
C GLY D 106 -4.57 -3.22 26.10
N VAL D 107 -5.14 -3.85 25.07
CA VAL D 107 -6.09 -3.17 24.22
C VAL D 107 -7.49 -3.38 24.69
N VAL D 108 -8.32 -2.31 24.65
CA VAL D 108 -9.69 -2.42 25.16
C VAL D 108 -10.53 -3.40 24.30
N SER D 109 -10.39 -3.20 23.00
CA SER D 109 -11.13 -4.01 22.02
C SER D 109 -10.75 -5.47 22.08
N PHE D 110 -9.49 -5.78 22.34
CA PHE D 110 -9.11 -7.19 22.63
C PHE D 110 -9.53 -7.67 24.02
N GLY D 111 -10.37 -6.87 24.66
CA GLY D 111 -10.94 -7.16 25.96
C GLY D 111 -9.90 -7.26 27.05
N GLU D 112 -8.76 -6.56 26.93
CA GLU D 112 -7.58 -6.89 27.73
C GLU D 112 -7.61 -6.14 29.09
N PHE D 113 -8.82 -5.98 29.64
CA PHE D 113 -9.07 -5.28 30.82
C PHE D 113 -10.07 -6.06 31.71
N PHE D 114 -10.01 -5.75 32.98
CA PHE D 114 -10.97 -6.33 33.91
C PHE D 114 -11.45 -5.28 34.88
N TYR D 115 -12.63 -5.55 35.42
CA TYR D 115 -13.18 -4.75 36.53
C TYR D 115 -12.84 -5.40 37.88
N TYR D 116 -12.75 -4.58 38.86
CA TYR D 116 -12.64 -4.95 40.26
C TYR D 116 -13.43 -3.95 41.06
N TYR D 117 -13.87 -4.34 42.26
CA TYR D 117 -14.56 -3.45 43.17
C TYR D 117 -13.80 -3.36 44.49
N TYR D 118 -13.99 -2.22 45.18
CA TYR D 118 -13.43 -2.00 46.50
C TYR D 118 -14.46 -1.27 47.38
N MET D 119 -14.57 -1.70 48.63
CA MET D 119 -15.44 -1.13 49.62
C MET D 119 -14.71 -0.07 50.50
N ASP D 120 -15.09 1.16 50.27
CA ASP D 120 -14.44 2.29 50.93
C ASP D 120 -15.17 2.78 52.18
N VAL D 121 -16.46 2.57 52.31
CA VAL D 121 -17.19 3.02 53.49
C VAL D 121 -18.02 1.86 53.98
N TRP D 122 -18.09 1.66 55.27
CA TRP D 122 -18.71 0.47 55.86
C TRP D 122 -19.61 0.85 57.00
N GLY D 123 -20.51 -0.05 57.34
CA GLY D 123 -21.33 0.12 58.54
C GLY D 123 -20.62 -0.53 59.73
N LYS D 124 -21.12 -0.24 60.93
CA LYS D 124 -20.62 -0.88 62.12
C LYS D 124 -20.94 -2.36 62.14
N GLY D 125 -22.04 -2.81 61.50
CA GLY D 125 -22.48 -4.15 61.57
C GLY D 125 -23.73 -4.22 62.45
N THR D 126 -24.45 -5.30 62.27
CA THR D 126 -25.55 -5.66 63.22
C THR D 126 -25.49 -7.14 63.52
N ALA D 127 -25.55 -7.48 64.81
CA ALA D 127 -25.54 -8.91 65.19
C ALA D 127 -26.90 -9.57 64.92
N VAL D 128 -26.85 -10.70 64.20
CA VAL D 128 -28.04 -11.50 63.93
C VAL D 128 -27.73 -12.97 64.27
N THR D 129 -28.53 -13.54 65.15
CA THR D 129 -28.37 -14.89 65.61
C THR D 129 -29.47 -15.76 65.07
N VAL D 130 -29.13 -17.03 64.74
CA VAL D 130 -30.12 -17.99 64.27
C VAL D 130 -30.30 -19.08 65.31
N SER D 131 -31.42 -19.02 66.04
CA SER D 131 -31.62 -19.83 67.23
C SER D 131 -33.10 -20.07 67.43
N SER D 132 -33.43 -21.24 67.97
CA SER D 132 -34.80 -21.51 68.41
C SER D 132 -35.49 -20.55 69.46
N ALA D 133 -34.86 -20.14 70.59
CA ALA D 133 -35.51 -19.63 71.77
C ALA D 133 -36.06 -18.21 71.70
N SER D 134 -36.84 -17.87 72.70
CA SER D 134 -37.47 -16.53 72.76
C SER D 134 -36.52 -15.54 73.37
N THR D 135 -36.82 -14.26 73.19
CA THR D 135 -36.04 -13.22 73.88
C THR D 135 -36.28 -13.35 75.39
N LYS D 136 -35.17 -13.23 76.18
CA LYS D 136 -35.24 -13.21 77.60
C LYS D 136 -34.55 -11.92 78.14
N GLY D 137 -35.36 -11.17 78.86
CA GLY D 137 -34.93 -9.94 79.50
C GLY D 137 -33.91 -10.19 80.61
N PRO D 138 -33.01 -9.24 80.82
CA PRO D 138 -32.02 -9.38 81.87
C PRO D 138 -32.56 -8.77 83.15
N SER D 139 -32.65 -9.52 84.25
CA SER D 139 -32.69 -8.95 85.59
C SER D 139 -31.34 -8.23 85.86
N VAL D 140 -31.45 -6.99 86.28
CA VAL D 140 -30.26 -6.20 86.59
C VAL D 140 -30.13 -5.88 88.05
N PHE D 141 -28.93 -6.07 88.60
CA PHE D 141 -28.66 -5.98 90.03
C PHE D 141 -27.52 -4.97 90.27
N PRO D 142 -27.67 -4.13 91.27
CA PRO D 142 -26.58 -3.16 91.56
C PRO D 142 -25.43 -3.81 92.33
N LEU D 143 -24.21 -3.36 92.05
CA LEU D 143 -23.01 -3.86 92.71
C LEU D 143 -22.42 -2.72 93.54
N ALA D 144 -22.60 -2.82 94.85
CA ALA D 144 -22.38 -1.68 95.73
C ALA D 144 -20.89 -1.35 95.85
N PRO D 145 -20.55 -0.07 95.98
CA PRO D 145 -19.21 0.31 96.45
C PRO D 145 -19.02 -0.12 97.91
N GLY D 152 -7.45 4.33 97.33
CA GLY D 152 -6.95 5.07 96.18
C GLY D 152 -7.51 6.46 96.09
N GLY D 153 -8.39 6.80 97.03
CA GLY D 153 -9.40 7.76 96.84
C GLY D 153 -10.42 7.51 95.82
N THR D 154 -10.48 6.33 95.30
CA THR D 154 -11.51 6.00 94.49
C THR D 154 -12.21 4.73 94.99
N ALA D 155 -13.49 4.60 94.65
CA ALA D 155 -14.27 3.40 94.89
C ALA D 155 -14.66 2.79 93.55
N ALA D 156 -15.06 1.53 93.56
CA ALA D 156 -15.57 0.89 92.37
C ALA D 156 -17.10 0.66 92.47
N LEU D 157 -17.76 0.88 91.35
CA LEU D 157 -19.22 0.89 91.27
C LEU D 157 -19.70 0.07 90.09
N GLY D 158 -20.78 -0.74 90.22
CA GLY D 158 -21.18 -1.49 89.06
C GLY D 158 -22.59 -1.98 88.98
N CYS D 159 -22.95 -2.53 87.84
CA CYS D 159 -24.28 -3.16 87.66
C CYS D 159 -24.14 -4.54 87.06
N LEU D 160 -24.79 -5.54 87.65
CA LEU D 160 -24.81 -6.89 87.09
C LEU D 160 -26.01 -7.04 86.17
N VAL D 161 -25.79 -7.45 84.93
CA VAL D 161 -26.85 -7.63 83.96
C VAL D 161 -27.01 -9.13 83.73
N LYS D 162 -27.98 -9.78 84.38
CA LYS D 162 -27.89 -11.24 84.53
C LYS D 162 -28.82 -11.99 83.60
N ASP D 163 -28.33 -13.05 82.93
CA ASP D 163 -29.18 -13.98 82.25
C ASP D 163 -30.13 -13.36 81.23
N TYR D 164 -29.55 -12.83 80.15
CA TYR D 164 -30.31 -12.30 79.03
C TYR D 164 -29.99 -13.07 77.76
N PHE D 165 -30.88 -12.94 76.77
CA PHE D 165 -30.71 -13.61 75.49
C PHE D 165 -31.51 -12.86 74.39
N PRO D 166 -30.95 -12.79 73.19
CA PRO D 166 -29.52 -13.06 72.92
C PRO D 166 -28.69 -11.78 73.11
N GLU D 167 -27.42 -11.83 72.70
CA GLU D 167 -26.61 -10.61 72.58
C GLU D 167 -27.21 -9.70 71.49
N PRO D 168 -27.02 -8.38 71.61
CA PRO D 168 -26.20 -7.71 72.62
C PRO D 168 -27.02 -6.93 73.67
N VAL D 169 -26.32 -6.41 74.66
CA VAL D 169 -26.89 -5.48 75.63
C VAL D 169 -26.10 -4.19 75.54
N THR D 170 -26.80 -3.06 75.53
CA THR D 170 -26.27 -1.73 75.73
C THR D 170 -26.29 -1.35 77.22
N VAL D 171 -25.21 -0.72 77.64
CA VAL D 171 -25.10 -0.19 79.01
C VAL D 171 -24.65 1.23 78.95
N SER D 172 -25.41 2.13 79.56
CA SER D 172 -25.04 3.54 79.67
C SER D 172 -25.08 3.96 81.13
N TRP D 173 -24.38 5.04 81.47
CA TRP D 173 -24.42 5.57 82.84
C TRP D 173 -24.77 7.04 82.86
N ASN D 174 -25.92 7.43 83.42
CA ASN D 174 -26.35 8.81 83.44
C ASN D 174 -26.40 9.44 82.07
N SER D 175 -26.44 8.67 80.99
CA SER D 175 -26.04 9.15 79.65
C SER D 175 -24.60 9.68 79.67
N GLY D 176 -24.40 10.95 79.33
CA GLY D 176 -23.07 11.45 79.06
C GLY D 176 -22.12 11.70 80.23
N ALA D 177 -22.65 12.14 81.37
CA ALA D 177 -21.80 12.71 82.42
C ALA D 177 -20.75 11.66 82.92
N LEU D 178 -21.23 10.44 83.10
CA LEU D 178 -20.34 9.31 83.38
C LEU D 178 -20.01 8.76 82.02
N THR D 179 -18.93 9.27 81.43
CA THR D 179 -18.36 8.68 80.21
C THR D 179 -17.14 7.84 80.64
N SER D 180 -16.29 8.37 81.51
CA SER D 180 -15.11 7.70 81.97
C SER D 180 -14.98 7.99 83.46
N GLY D 181 -14.29 7.15 84.19
CA GLY D 181 -13.67 5.93 83.69
C GLY D 181 -14.65 4.79 83.89
N VAL D 182 -15.37 4.43 82.84
CA VAL D 182 -16.41 3.38 82.93
C VAL D 182 -16.07 2.27 81.94
N HIS D 183 -16.21 1.01 82.33
CA HIS D 183 -15.77 -0.11 81.56
C HIS D 183 -16.90 -1.14 81.65
N THR D 184 -17.44 -1.48 80.50
CA THR D 184 -18.41 -2.58 80.33
C THR D 184 -17.62 -3.78 79.83
N PHE D 185 -17.55 -4.80 80.66
CA PHE D 185 -16.79 -6.01 80.35
C PHE D 185 -17.52 -6.82 79.27
N PRO D 186 -16.79 -7.64 78.51
CA PRO D 186 -17.44 -8.70 77.72
C PRO D 186 -18.36 -9.62 78.55
N ALA D 187 -19.37 -10.11 77.89
CA ALA D 187 -20.35 -10.95 78.57
C ALA D 187 -19.77 -12.38 78.68
N VAL D 188 -20.40 -13.15 79.55
CA VAL D 188 -20.13 -14.58 79.69
C VAL D 188 -21.33 -15.36 79.14
N LEU D 189 -21.01 -16.38 78.35
CA LEU D 189 -22.02 -17.30 77.85
C LEU D 189 -22.14 -18.43 78.85
N GLN D 190 -23.25 -18.44 79.57
CA GLN D 190 -23.48 -19.48 80.59
C GLN D 190 -23.78 -20.83 79.99
N SER D 191 -23.53 -21.90 80.73
CA SER D 191 -23.92 -23.24 80.31
C SER D 191 -25.41 -23.39 80.10
N SER D 192 -26.17 -22.49 80.73
CA SER D 192 -27.64 -22.39 80.45
C SER D 192 -27.87 -21.88 79.02
N GLY D 193 -26.92 -21.14 78.46
CA GLY D 193 -27.09 -20.49 77.18
C GLY D 193 -27.52 -19.01 77.33
N LEU D 194 -27.78 -18.60 78.56
CA LEU D 194 -28.04 -17.23 78.91
C LEU D 194 -26.70 -16.48 78.87
N TYR D 195 -26.84 -15.18 78.75
CA TYR D 195 -25.68 -14.28 78.79
C TYR D 195 -25.72 -13.41 80.04
N SER D 196 -24.54 -13.09 80.58
CA SER D 196 -24.42 -12.13 81.66
C SER D 196 -23.17 -11.30 81.47
N LEU D 197 -23.31 -9.99 81.60
CA LEU D 197 -22.18 -9.06 81.64
C LEU D 197 -22.25 -8.19 82.87
N SER D 198 -21.22 -7.36 83.03
CA SER D 198 -21.10 -6.44 84.15
C SER D 198 -20.59 -5.10 83.66
N SER D 199 -21.02 -4.00 84.30
CA SER D 199 -20.44 -2.70 83.95
C SER D 199 -20.08 -1.90 85.17
N VAL D 200 -18.82 -1.51 85.31
CA VAL D 200 -18.35 -0.83 86.50
C VAL D 200 -17.83 0.55 86.15
N VAL D 201 -17.74 1.40 87.15
CA VAL D 201 -17.16 2.71 86.98
C VAL D 201 -16.43 3.04 88.26
N THR D 202 -15.32 3.76 88.12
CA THR D 202 -14.51 4.19 89.25
C THR D 202 -14.87 5.66 89.56
N VAL D 203 -15.19 5.82 90.84
CA VAL D 203 -15.80 7.04 91.37
C VAL D 203 -15.03 7.52 92.60
N PRO D 204 -15.16 8.79 92.93
CA PRO D 204 -14.53 9.31 94.15
C PRO D 204 -15.27 8.97 95.43
N SER D 205 -14.56 8.55 96.46
CA SER D 205 -15.18 8.17 97.71
C SER D 205 -16.00 9.32 98.32
N SER D 206 -15.49 10.51 98.13
CA SER D 206 -16.16 11.71 98.63
C SER D 206 -17.47 12.00 97.87
N SER D 207 -17.46 11.63 96.60
CA SER D 207 -18.66 11.80 95.76
C SER D 207 -19.78 10.91 96.26
N LEU D 208 -19.44 9.74 96.80
CA LEU D 208 -20.40 8.81 97.38
C LEU D 208 -21.32 9.44 98.42
N GLY D 209 -22.57 9.02 98.37
CA GLY D 209 -23.59 9.52 99.30
C GLY D 209 -24.06 10.90 98.94
N THR D 210 -23.29 11.64 98.14
CA THR D 210 -23.67 12.96 97.67
C THR D 210 -24.07 12.95 96.19
N GLN D 211 -23.43 12.08 95.42
CA GLN D 211 -23.73 11.95 93.99
C GLN D 211 -24.75 10.83 93.73
N THR D 212 -25.03 10.59 92.44
CA THR D 212 -25.97 9.56 92.01
C THR D 212 -25.47 8.95 90.71
N TYR D 213 -25.70 7.65 90.53
CA TYR D 213 -25.24 6.96 89.35
C TYR D 213 -26.32 5.90 89.11
N ILE D 214 -26.75 5.73 87.89
CA ILE D 214 -27.61 4.59 87.55
C ILE D 214 -27.16 4.12 86.21
N CYS D 215 -27.44 2.87 85.92
CA CYS D 215 -27.06 2.32 84.58
C CYS D 215 -28.29 2.01 83.79
N ASN D 216 -28.25 2.44 82.56
CA ASN D 216 -29.24 2.29 81.61
C ASN D 216 -28.92 0.99 80.89
N VAL D 217 -29.84 0.01 81.03
CA VAL D 217 -29.61 -1.31 80.46
C VAL D 217 -30.69 -1.52 79.39
N ASN D 218 -30.19 -1.73 78.15
CA ASN D 218 -31.06 -1.92 77.00
C ASN D 218 -30.89 -3.32 76.45
N HIS D 219 -31.99 -4.09 76.32
CA HIS D 219 -31.95 -5.36 75.66
C HIS D 219 -33.03 -5.25 74.62
N LYS D 220 -32.65 -4.72 73.47
CA LYS D 220 -33.62 -4.53 72.36
C LYS D 220 -34.32 -5.85 71.93
N PRO D 221 -33.60 -6.94 71.74
CA PRO D 221 -34.22 -8.22 71.49
C PRO D 221 -35.27 -8.69 72.51
N SER D 222 -35.18 -8.22 73.75
CA SER D 222 -36.12 -8.64 74.77
C SER D 222 -37.48 -8.25 74.32
N ASN D 223 -37.64 -7.00 73.91
CA ASN D 223 -36.83 -5.88 74.32
C ASN D 223 -37.17 -5.57 75.79
N THR D 224 -36.20 -5.04 76.55
CA THR D 224 -36.42 -4.66 77.92
C THR D 224 -35.76 -3.32 78.09
N LYS D 225 -36.18 -2.61 79.11
CA LYS D 225 -35.49 -1.36 79.55
C LYS D 225 -35.55 -1.27 81.05
N VAL D 226 -34.46 -0.86 81.67
CA VAL D 226 -34.39 -0.60 83.12
C VAL D 226 -33.29 0.41 83.52
N ASP D 227 -33.41 0.95 84.72
CA ASP D 227 -32.40 1.74 85.35
C ASP D 227 -32.19 1.19 86.74
N LYS D 228 -30.95 1.31 87.23
CA LYS D 228 -30.61 0.94 88.61
C LYS D 228 -29.86 2.07 89.28
N LYS D 229 -30.31 2.44 90.48
CA LYS D 229 -29.61 3.39 91.31
C LYS D 229 -28.68 2.57 92.17
N VAL D 230 -27.38 2.79 92.02
CA VAL D 230 -26.37 2.09 92.83
C VAL D 230 -26.17 2.88 94.12
N GLU D 231 -26.23 2.18 95.25
CA GLU D 231 -25.99 2.80 96.55
C GLU D 231 -25.29 1.80 97.50
N PRO D 232 -24.41 2.29 98.39
CA PRO D 232 -23.63 1.43 99.27
C PRO D 232 -24.46 0.75 100.37
N GLU E 1 10.95 5.22 -43.41
CA GLU E 1 9.61 4.62 -43.72
C GLU E 1 8.63 5.05 -42.62
N GLY E 2 8.78 6.31 -42.25
CA GLY E 2 7.90 6.98 -41.29
C GLY E 2 7.25 8.20 -41.92
N GLN E 3 6.21 8.72 -41.29
CA GLN E 3 5.48 9.88 -41.78
C GLN E 3 5.63 11.05 -40.84
N LEU E 4 5.85 12.23 -41.42
CA LEU E 4 5.84 13.50 -40.69
C LEU E 4 4.56 14.25 -41.06
N VAL E 5 3.77 14.57 -40.04
CA VAL E 5 2.48 15.26 -40.22
C VAL E 5 2.55 16.59 -39.48
N GLN E 6 2.43 17.68 -40.24
CA GLN E 6 2.51 19.03 -39.69
C GLN E 6 1.12 19.58 -39.41
N SER E 7 1.08 20.63 -38.60
CA SER E 7 -0.16 21.28 -38.22
C SER E 7 -0.81 21.98 -39.40
N GLY E 8 -2.11 22.26 -39.28
CA GLY E 8 -2.86 22.86 -40.36
C GLY E 8 -2.46 24.29 -40.66
N ALA E 9 -2.93 24.78 -41.79
CA ALA E 9 -2.64 26.14 -42.21
C ALA E 9 -3.29 27.14 -41.27
N GLU E 10 -2.68 28.31 -41.15
CA GLU E 10 -3.18 29.35 -40.26
C GLU E 10 -3.08 30.70 -40.94
N LEU E 11 -4.02 31.58 -40.58
CA LEU E 11 -3.97 33.00 -40.94
C LEU E 11 -3.70 33.81 -39.68
N LYS E 12 -2.67 34.64 -39.72
CA LYS E 12 -2.31 35.49 -38.60
C LYS E 12 -2.06 36.91 -39.08
N LYS E 13 -2.38 37.88 -38.22
CA LYS E 13 -2.12 39.27 -38.53
C LYS E 13 -0.63 39.59 -38.36
N PRO E 14 -0.11 40.52 -39.16
CA PRO E 14 1.29 40.91 -38.99
C PRO E 14 1.55 41.49 -37.61
N GLY E 15 2.72 41.16 -37.06
CA GLY E 15 3.06 41.53 -35.70
C GLY E 15 2.70 40.49 -34.65
N ALA E 16 1.83 39.55 -34.98
CA ALA E 16 1.42 38.50 -34.05
C ALA E 16 2.43 37.34 -34.08
N SER E 17 2.13 36.31 -33.29
CA SER E 17 2.98 35.12 -33.21
C SER E 17 2.17 33.89 -33.54
N VAL E 18 2.85 32.84 -33.98
CA VAL E 18 2.21 31.58 -34.34
C VAL E 18 3.16 30.45 -34.02
N LYS E 19 2.59 29.31 -33.62
CA LYS E 19 3.36 28.14 -33.22
C LYS E 19 2.93 26.96 -34.09
N ILE E 20 3.87 26.44 -34.89
CA ILE E 20 3.62 25.32 -35.79
C ILE E 20 4.15 24.04 -35.17
N SER E 21 3.38 22.96 -35.32
CA SER E 21 3.77 21.67 -34.77
C SER E 21 4.13 20.70 -35.90
N CYS E 22 4.86 19.66 -35.53
CA CYS E 22 5.33 18.65 -36.46
C CYS E 22 5.39 17.30 -35.73
N LYS E 23 4.35 16.50 -35.89
CA LYS E 23 4.25 15.20 -35.21
C LYS E 23 4.83 14.11 -36.08
N THR E 24 5.63 13.25 -35.47
CA THR E 24 6.38 12.23 -36.19
C THR E 24 5.98 10.84 -35.76
N SER E 25 6.24 9.87 -36.62
CA SER E 25 5.98 8.46 -36.34
C SER E 25 6.71 7.60 -37.33
N GLY E 26 6.77 6.31 -37.04
CA GLY E 26 7.41 5.34 -37.93
C GLY E 26 8.93 5.27 -37.82
N TYR E 27 9.53 5.98 -36.87
CA TYR E 27 10.97 5.90 -36.67
C TYR E 27 11.30 6.37 -35.27
N ARG E 28 12.54 6.14 -34.85
CA ARG E 28 13.03 6.68 -33.57
C ARG E 28 13.23 8.19 -33.73
N PHE E 29 12.31 8.94 -33.15
CA PHE E 29 12.34 10.40 -33.19
C PHE E 29 13.65 10.97 -32.65
N ASN E 30 14.23 10.30 -31.66
CA ASN E 30 15.43 10.82 -31.00
C ASN E 30 16.68 10.76 -31.85
N PHE E 31 16.67 9.97 -32.92
CA PHE E 31 17.91 9.68 -33.67
C PHE E 31 18.18 10.61 -34.84
N TYR E 32 17.27 11.55 -35.14
CA TYR E 32 17.44 12.37 -36.32
C TYR E 32 17.06 13.81 -36.04
N HIS E 33 17.86 14.72 -36.57
CA HIS E 33 17.59 16.15 -36.47
C HIS E 33 16.26 16.47 -37.18
N ILE E 34 15.59 17.50 -36.70
CA ILE E 34 14.41 18.04 -37.35
C ILE E 34 14.72 19.43 -37.88
N ASN E 35 14.71 19.57 -39.20
CA ASN E 35 14.97 20.85 -39.85
C ASN E 35 13.68 21.58 -40.15
N TRP E 36 13.78 22.89 -40.29
CA TRP E 36 12.64 23.74 -40.64
C TRP E 36 13.03 24.61 -41.81
N ILE E 37 12.32 24.47 -42.93
CA ILE E 37 12.61 25.19 -44.16
C ILE E 37 11.32 25.81 -44.67
N ARG E 38 11.41 27.03 -45.21
CA ARG E 38 10.26 27.73 -45.75
C ARG E 38 10.50 28.08 -47.21
N GLN E 39 9.42 28.37 -47.92
CA GLN E 39 9.48 28.84 -49.30
C GLN E 39 8.52 29.99 -49.50
N THR E 40 9.07 31.15 -49.85
CA THR E 40 8.27 32.34 -50.16
C THR E 40 8.57 32.78 -51.60
N ALA E 41 7.63 33.52 -52.18
CA ALA E 41 7.77 33.96 -53.56
C ALA E 41 8.93 34.96 -53.72
N GLY E 42 9.21 35.73 -52.68
CA GLY E 42 10.21 36.79 -52.78
C GLY E 42 11.65 36.31 -52.66
N ARG E 43 11.88 35.30 -51.82
CA ARG E 43 13.23 34.82 -51.55
C ARG E 43 13.47 33.39 -51.99
N GLY E 44 12.43 32.72 -52.49
CA GLY E 44 12.54 31.32 -52.85
C GLY E 44 12.65 30.45 -51.61
N PRO E 45 13.20 29.24 -51.78
CA PRO E 45 13.36 28.36 -50.63
C PRO E 45 14.48 28.84 -49.71
N GLU E 46 14.23 28.79 -48.40
CA GLU E 46 15.15 29.32 -47.42
C GLU E 46 15.17 28.42 -46.18
N TRP E 47 16.35 27.92 -45.84
CA TRP E 47 16.53 27.06 -44.67
C TRP E 47 16.56 27.92 -43.41
N MET E 48 15.76 27.54 -42.42
CA MET E 48 15.62 28.33 -41.20
C MET E 48 16.46 27.80 -40.04
N GLY E 49 16.46 26.50 -39.81
CA GLY E 49 17.19 25.93 -38.69
C GLY E 49 16.88 24.47 -38.48
N TRP E 50 17.62 23.86 -37.58
CA TRP E 50 17.29 22.52 -37.10
C TRP E 50 17.55 22.40 -35.62
N ILE E 51 17.00 21.35 -35.03
CA ILE E 51 17.14 21.06 -33.60
C ILE E 51 17.31 19.55 -33.42
N SER E 52 18.11 19.15 -32.44
CA SER E 52 18.31 17.74 -32.14
C SER E 52 17.38 17.31 -31.01
N PRO E 53 16.50 16.33 -31.28
CA PRO E 53 15.63 15.85 -30.19
C PRO E 53 16.40 15.14 -29.08
N TYR E 54 17.62 14.67 -29.35
CA TYR E 54 18.39 13.94 -28.35
C TYR E 54 19.08 14.88 -27.36
N SER E 55 19.82 15.86 -27.89
CA SER E 55 20.61 16.75 -27.04
C SER E 55 19.98 18.12 -26.83
N GLY E 56 19.12 18.55 -27.75
CA GLY E 56 18.53 19.87 -27.67
C GLY E 56 19.35 20.97 -28.32
N ASP E 57 20.53 20.65 -28.85
CA ASP E 57 21.31 21.66 -29.56
C ASP E 57 20.54 22.09 -30.81
N LYS E 58 20.51 23.40 -31.02
CA LYS E 58 19.82 23.99 -32.14
C LYS E 58 20.80 24.87 -32.92
N ASN E 59 20.55 25.02 -34.20
CA ASN E 59 21.31 25.93 -35.06
C ASN E 59 20.32 26.66 -35.95
N LEU E 60 20.18 27.97 -35.71
CA LEU E 60 19.29 28.83 -36.50
C LEU E 60 20.12 29.73 -37.41
N ALA E 61 19.62 29.92 -38.62
CA ALA E 61 20.22 30.88 -39.53
C ALA E 61 20.13 32.29 -38.91
N PRO E 62 21.14 33.13 -39.14
CA PRO E 62 21.13 34.46 -38.50
C PRO E 62 19.90 35.30 -38.83
N ALA E 63 19.30 35.10 -40.00
CA ALA E 63 18.10 35.85 -40.37
C ALA E 63 16.90 35.51 -39.50
N PHE E 64 16.89 34.32 -38.89
CA PHE E 64 15.80 33.88 -38.02
C PHE E 64 16.26 33.62 -36.59
N GLN E 65 17.48 33.98 -36.24
CA GLN E 65 18.03 33.67 -34.94
C GLN E 65 17.28 34.41 -33.81
N ASP E 66 16.69 35.55 -34.12
CA ASP E 66 16.06 36.42 -33.14
C ASP E 66 14.53 36.37 -33.17
N ARG E 67 13.95 35.55 -34.05
CA ARG E 67 12.50 35.50 -34.16
C ARG E 67 11.92 34.07 -34.15
N VAL E 68 12.76 33.05 -34.09
CA VAL E 68 12.32 31.66 -34.11
C VAL E 68 12.76 30.99 -32.81
N ILE E 69 11.82 30.25 -32.21
CA ILE E 69 12.09 29.45 -31.02
C ILE E 69 11.70 28.01 -31.35
N MET E 70 12.68 27.10 -31.29
CA MET E 70 12.47 25.69 -31.59
C MET E 70 12.54 24.85 -30.33
N THR E 71 11.56 23.98 -30.17
CA THR E 71 11.46 23.09 -29.00
C THR E 71 11.02 21.71 -29.47
N THR E 72 11.27 20.71 -28.65
CA THR E 72 10.83 19.34 -28.92
C THR E 72 10.31 18.72 -27.64
N ASP E 73 9.43 17.73 -27.79
CA ASP E 73 8.98 16.92 -26.67
C ASP E 73 9.84 15.66 -26.59
N THR E 74 9.56 14.81 -25.61
CA THR E 74 10.26 13.55 -25.46
C THR E 74 9.50 12.44 -26.19
N GLU E 75 10.26 11.54 -26.80
CA GLU E 75 9.66 10.50 -27.64
C GLU E 75 8.81 9.54 -26.81
N VAL E 76 7.67 9.16 -27.36
CA VAL E 76 6.76 8.21 -26.73
C VAL E 76 6.99 6.87 -27.43
N PRO E 77 7.61 5.87 -26.75
CA PRO E 77 7.91 4.63 -27.46
C PRO E 77 6.65 3.85 -27.85
N VAL E 78 6.71 3.24 -29.01
CA VAL E 78 5.74 2.29 -29.51
C VAL E 78 6.30 0.86 -29.50
N THR E 79 7.38 0.62 -30.25
CA THR E 79 8.14 -0.62 -30.16
C THR E 79 9.59 -0.30 -29.81
N SER E 80 10.45 -1.31 -29.83
CA SER E 80 11.85 -1.15 -29.48
C SER E 80 12.59 -0.25 -30.46
N PHE E 81 12.18 -0.28 -31.73
CA PHE E 81 12.91 0.42 -32.79
C PHE E 81 12.14 1.59 -33.39
N THR E 82 10.90 1.84 -32.94
CA THR E 82 10.12 2.97 -33.43
C THR E 82 9.50 3.71 -32.26
N SER E 83 9.11 4.96 -32.51
CA SER E 83 8.43 5.77 -31.52
C SER E 83 7.73 6.92 -32.22
N THR E 84 6.99 7.70 -31.44
CA THR E 84 6.29 8.89 -31.90
C THR E 84 6.81 10.10 -31.16
N GLY E 85 6.87 11.24 -31.85
CA GLY E 85 7.33 12.46 -31.23
C GLY E 85 6.64 13.70 -31.77
N ALA E 86 7.12 14.87 -31.35
CA ALA E 86 6.56 16.13 -31.81
C ALA E 86 7.59 17.23 -31.62
N ALA E 87 7.76 18.05 -32.65
CA ALA E 87 8.61 19.23 -32.59
C ALA E 87 7.80 20.48 -32.88
N TYR E 88 8.24 21.61 -32.34
CA TYR E 88 7.51 22.86 -32.47
C TYR E 88 8.45 23.98 -32.91
N MET E 89 7.89 24.94 -33.62
CA MET E 89 8.57 26.17 -33.99
C MET E 89 7.63 27.34 -33.75
N GLU E 90 8.07 28.29 -32.92
CA GLU E 90 7.29 29.48 -32.61
C GLU E 90 8.00 30.69 -33.23
N ILE E 91 7.32 31.33 -34.17
CA ILE E 91 7.86 32.47 -34.93
C ILE E 91 7.05 33.71 -34.54
N ARG E 92 7.74 34.79 -34.22
CA ARG E 92 7.13 36.02 -33.76
C ARG E 92 7.52 37.18 -34.66
N ASN E 93 6.81 38.30 -34.51
CA ASN E 93 7.01 39.50 -35.34
C ASN E 93 6.83 39.17 -36.82
N LEU E 94 5.69 38.57 -37.16
CA LEU E 94 5.41 38.18 -38.52
C LEU E 94 5.26 39.40 -39.43
N LYS E 95 5.73 39.26 -40.66
CA LYS E 95 5.63 40.31 -41.67
C LYS E 95 4.99 39.75 -42.93
N PHE E 96 4.64 40.64 -43.85
CA PHE E 96 3.96 40.23 -45.07
C PHE E 96 4.82 39.31 -45.93
N ASP E 97 6.13 39.54 -45.95
CA ASP E 97 7.04 38.71 -46.73
C ASP E 97 7.28 37.34 -46.12
N ASP E 98 6.77 37.10 -44.91
CA ASP E 98 6.83 35.79 -44.28
C ASP E 98 5.70 34.87 -44.73
N THR E 99 4.77 35.38 -45.54
CA THR E 99 3.72 34.54 -46.10
C THR E 99 4.30 33.50 -47.04
N GLY E 100 3.98 32.24 -46.82
CA GLY E 100 4.50 31.17 -47.65
C GLY E 100 4.25 29.81 -47.05
N THR E 101 5.00 28.83 -47.52
CA THR E 101 4.84 27.43 -47.12
C THR E 101 6.03 27.02 -46.27
N TYR E 102 5.75 26.35 -45.15
CA TYR E 102 6.77 25.93 -44.19
C TYR E 102 6.82 24.41 -44.11
N PHE E 103 8.02 23.86 -44.04
CA PHE E 103 8.23 22.41 -43.98
C PHE E 103 9.13 22.03 -42.82
N CYS E 104 8.81 20.92 -42.18
CA CYS E 104 9.74 20.23 -41.28
C CYS E 104 10.30 19.01 -42.01
N ALA E 105 11.54 18.65 -41.71
CA ALA E 105 12.19 17.58 -42.40
C ALA E 105 13.12 16.79 -41.50
N LYS E 106 13.05 15.47 -41.63
CA LYS E 106 13.88 14.56 -40.83
C LYS E 106 15.28 14.44 -41.43
N GLY E 107 16.27 14.32 -40.56
CA GLY E 107 17.65 14.20 -40.99
C GLY E 107 17.94 12.93 -41.75
N LEU E 108 19.15 12.87 -42.29
CA LEU E 108 19.58 11.80 -43.19
C LEU E 108 20.19 10.61 -42.43
N LEU E 109 21.22 10.86 -41.63
CA LEU E 109 21.97 9.81 -40.98
C LEU E 109 22.16 10.10 -39.50
N ARG E 110 22.31 9.04 -38.71
CA ARG E 110 22.63 9.22 -37.29
C ARG E 110 24.06 9.71 -37.08
N ASP E 111 24.95 9.43 -38.04
CA ASP E 111 26.32 9.90 -37.97
C ASP E 111 26.85 10.13 -39.39
N GLY E 112 27.88 10.94 -39.49
CA GLY E 112 28.54 11.18 -40.76
C GLY E 112 28.83 12.65 -40.93
N SER E 113 29.07 13.03 -42.18
CA SER E 113 29.37 14.42 -42.53
C SER E 113 28.14 15.21 -42.96
N SER E 114 26.96 14.57 -42.99
CA SER E 114 25.69 15.23 -43.28
C SER E 114 24.59 14.50 -42.51
N THR E 115 24.65 14.58 -41.19
CA THR E 115 23.68 13.92 -40.33
C THR E 115 22.31 14.62 -40.37
N TRP E 116 22.34 15.95 -40.28
CA TRP E 116 21.13 16.75 -40.18
C TRP E 116 20.39 16.93 -41.52
N LEU E 117 21.03 16.56 -42.63
CA LEU E 117 20.55 16.91 -43.96
C LEU E 117 19.09 16.49 -44.15
N PRO E 118 18.19 17.45 -44.44
CA PRO E 118 16.77 17.10 -44.51
C PRO E 118 16.48 16.07 -45.60
N TYR E 119 15.93 14.94 -45.19
CA TYR E 119 15.70 13.80 -46.07
C TYR E 119 14.22 13.46 -46.21
N LEU E 120 13.50 13.31 -45.10
CA LEU E 120 12.07 13.02 -45.12
C LEU E 120 11.29 14.26 -44.72
N TRP E 121 10.43 14.70 -45.62
CA TRP E 121 9.73 15.97 -45.47
C TRP E 121 8.26 15.76 -45.15
N GLY E 122 7.68 16.70 -44.42
CA GLY E 122 6.26 16.71 -44.15
C GLY E 122 5.45 17.25 -45.31
N GLN E 123 4.15 17.31 -45.11
CA GLN E 123 3.23 17.77 -46.15
C GLN E 123 3.18 19.29 -46.27
N GLY E 124 3.72 20.00 -45.30
CA GLY E 124 3.81 21.45 -45.38
C GLY E 124 2.67 22.16 -44.68
N THR E 125 2.95 23.36 -44.21
CA THR E 125 1.95 24.19 -43.53
C THR E 125 1.92 25.55 -44.20
N LEU E 126 0.73 25.99 -44.63
CA LEU E 126 0.56 27.25 -45.34
C LEU E 126 0.32 28.36 -44.31
N LEU E 127 1.21 29.37 -44.29
CA LEU E 127 1.06 30.52 -43.42
C LEU E 127 0.75 31.75 -44.24
N THR E 128 -0.33 32.41 -43.89
CA THR E 128 -0.71 33.70 -44.50
C THR E 128 -0.59 34.80 -43.46
N VAL E 129 0.18 35.85 -43.78
CA VAL E 129 0.31 37.02 -42.92
C VAL E 129 -0.37 38.18 -43.63
N SER E 130 -1.45 38.69 -43.04
CA SER E 130 -2.24 39.74 -43.66
C SER E 130 -3.09 40.44 -42.63
N SER E 131 -3.39 41.71 -42.89
CA SER E 131 -4.34 42.46 -42.08
C SER E 131 -5.81 42.10 -42.42
N ALA E 132 -6.01 41.44 -43.54
CA ALA E 132 -7.36 41.09 -43.98
C ALA E 132 -7.92 39.94 -43.16
N SER E 133 -9.25 39.90 -43.07
CA SER E 133 -9.93 38.91 -42.25
C SER E 133 -10.22 37.65 -43.06
N THR E 134 -10.49 36.56 -42.35
CA THR E 134 -10.83 35.30 -42.99
C THR E 134 -12.21 35.41 -43.65
N LYS E 135 -12.35 34.77 -44.81
CA LYS E 135 -13.59 34.80 -45.56
C LYS E 135 -13.90 33.42 -46.10
N GLY E 136 -15.10 32.92 -45.84
CA GLY E 136 -15.54 31.65 -46.39
C GLY E 136 -15.91 31.72 -47.85
N PRO E 137 -15.86 30.57 -48.54
CA PRO E 137 -16.21 30.51 -49.95
C PRO E 137 -17.72 30.40 -50.18
N SER E 138 -18.11 30.69 -51.42
CA SER E 138 -19.44 30.44 -51.94
C SER E 138 -19.34 29.35 -53.02
N VAL E 139 -20.07 28.27 -52.83
CA VAL E 139 -19.96 27.09 -53.68
C VAL E 139 -21.15 27.04 -54.64
N PHE E 140 -20.86 26.86 -55.92
CA PHE E 140 -21.89 26.78 -56.95
C PHE E 140 -21.70 25.50 -57.77
N PRO E 141 -22.80 24.92 -58.26
CA PRO E 141 -22.66 23.70 -59.06
C PRO E 141 -22.21 23.98 -60.49
N LEU E 142 -21.38 23.09 -61.02
CA LEU E 142 -20.97 23.09 -62.42
C LEU E 142 -21.74 22.00 -63.13
N ALA E 143 -22.79 22.39 -63.86
CA ALA E 143 -23.63 21.43 -64.57
C ALA E 143 -22.80 20.55 -65.51
N PRO E 144 -23.21 19.29 -65.71
CA PRO E 144 -22.41 18.39 -66.56
C PRO E 144 -22.26 18.93 -67.99
N SER E 145 -21.09 18.67 -68.56
CA SER E 145 -20.79 19.05 -69.93
C SER E 145 -20.18 17.86 -70.66
N SER E 146 -20.46 17.78 -71.96
CA SER E 146 -20.01 16.64 -72.76
C SER E 146 -18.50 16.64 -72.94
N LYS E 147 -17.90 15.47 -72.81
CA LYS E 147 -16.48 15.28 -73.07
C LYS E 147 -16.24 14.48 -74.34
N SER E 148 -16.98 13.40 -74.52
CA SER E 148 -16.91 12.60 -75.76
C SER E 148 -18.29 11.99 -76.02
N THR E 149 -18.95 12.43 -77.08
CA THR E 149 -20.27 11.91 -77.42
C THR E 149 -20.19 10.44 -77.83
N SER E 150 -19.21 10.10 -78.66
CA SER E 150 -19.04 8.71 -79.07
C SER E 150 -18.60 7.83 -77.91
N GLY E 151 -17.73 8.36 -77.06
CA GLY E 151 -17.28 7.63 -75.88
C GLY E 151 -18.25 7.61 -74.72
N GLY E 152 -19.26 8.48 -74.73
CA GLY E 152 -20.24 8.51 -73.66
C GLY E 152 -19.67 8.96 -72.32
N THR E 153 -18.86 10.02 -72.34
CA THR E 153 -18.22 10.57 -71.16
C THR E 153 -18.64 12.01 -70.94
N ALA E 154 -18.65 12.43 -69.68
CA ALA E 154 -19.04 13.78 -69.31
C ALA E 154 -18.21 14.27 -68.14
N ALA E 155 -18.27 15.57 -67.89
CA ALA E 155 -17.52 16.20 -66.80
C ALA E 155 -18.44 17.14 -66.01
N LEU E 156 -18.38 17.03 -64.69
CA LEU E 156 -19.20 17.84 -63.81
C LEU E 156 -18.36 18.19 -62.58
N GLY E 157 -18.76 19.25 -61.88
CA GLY E 157 -17.99 19.71 -60.77
C GLY E 157 -18.66 20.75 -59.91
N CYS E 158 -17.83 21.45 -59.13
CA CYS E 158 -18.28 22.50 -58.21
C CYS E 158 -17.30 23.66 -58.27
N LEU E 159 -17.84 24.87 -58.21
CA LEU E 159 -17.05 26.11 -58.29
C LEU E 159 -16.97 26.75 -56.90
N VAL E 160 -15.75 27.02 -56.45
CA VAL E 160 -15.51 27.62 -55.14
C VAL E 160 -15.06 29.06 -55.38
N LYS E 161 -15.92 30.01 -55.07
CA LYS E 161 -15.71 31.41 -55.45
C LYS E 161 -15.53 32.28 -54.21
N ASP E 162 -14.54 33.19 -54.28
CA ASP E 162 -14.32 34.23 -53.28
C ASP E 162 -14.17 33.67 -51.87
N TYR E 163 -13.00 33.12 -51.58
CA TYR E 163 -12.62 32.74 -50.22
C TYR E 163 -11.27 33.33 -49.87
N PHE E 164 -10.97 33.38 -48.58
CA PHE E 164 -9.71 33.89 -48.09
C PHE E 164 -9.45 33.49 -46.65
N PRO E 165 -8.27 32.99 -46.33
CA PRO E 165 -7.17 32.78 -47.28
C PRO E 165 -7.12 31.33 -47.79
N GLU E 166 -6.02 30.98 -48.46
CA GLU E 166 -5.74 29.60 -48.81
C GLU E 166 -5.50 28.79 -47.54
N PRO E 167 -5.76 27.47 -47.56
CA PRO E 167 -6.29 26.71 -48.71
C PRO E 167 -7.73 26.25 -48.52
N VAL E 168 -8.26 25.57 -49.52
CA VAL E 168 -9.55 24.89 -49.45
C VAL E 168 -9.35 23.46 -49.95
N THR E 169 -9.93 22.50 -49.25
CA THR E 169 -9.84 21.10 -49.62
C THR E 169 -11.20 20.61 -50.13
N VAL E 170 -11.17 19.78 -51.16
CA VAL E 170 -12.38 19.27 -51.80
C VAL E 170 -12.27 17.76 -51.95
N SER E 171 -13.32 17.06 -51.56
CA SER E 171 -13.42 15.61 -51.74
C SER E 171 -14.76 15.30 -52.40
N TRP E 172 -14.91 14.06 -52.85
CA TRP E 172 -16.13 13.60 -53.51
C TRP E 172 -16.65 12.35 -52.83
N ASN E 173 -17.92 12.37 -52.44
CA ASN E 173 -18.59 11.24 -51.77
C ASN E 173 -17.84 10.83 -50.51
N SER E 174 -17.45 11.82 -49.72
CA SER E 174 -16.75 11.62 -48.45
C SER E 174 -15.46 10.81 -48.65
N GLY E 175 -14.80 11.05 -49.77
CA GLY E 175 -13.56 10.37 -50.11
C GLY E 175 -13.71 9.05 -50.82
N ALA E 176 -14.94 8.60 -51.06
CA ALA E 176 -15.16 7.34 -51.76
C ALA E 176 -14.84 7.45 -53.25
N LEU E 177 -15.00 8.64 -53.82
CA LEU E 177 -14.75 8.88 -55.23
C LEU E 177 -13.43 9.61 -55.39
N THR E 178 -12.39 8.90 -55.84
CA THR E 178 -11.08 9.50 -56.07
C THR E 178 -10.60 9.40 -57.50
N SER E 179 -11.11 8.44 -58.27
CA SER E 179 -10.74 8.28 -59.67
C SER E 179 -11.42 9.34 -60.53
N GLY E 180 -10.67 9.91 -61.45
CA GLY E 180 -11.20 10.90 -62.37
C GLY E 180 -11.41 12.29 -61.79
N VAL E 181 -10.81 12.56 -60.63
CA VAL E 181 -10.95 13.86 -59.97
C VAL E 181 -9.84 14.78 -60.46
N HIS E 182 -10.21 16.02 -60.79
CA HIS E 182 -9.27 17.03 -61.23
C HIS E 182 -9.58 18.34 -60.56
N THR E 183 -8.77 18.73 -59.56
CA THR E 183 -8.98 19.98 -58.84
C THR E 183 -7.96 21.03 -59.32
N PHE E 184 -8.46 22.23 -59.63
CA PHE E 184 -7.68 23.27 -60.28
C PHE E 184 -7.19 24.30 -59.27
N PRO E 185 -5.99 24.86 -59.49
CA PRO E 185 -5.48 25.88 -58.59
C PRO E 185 -6.35 27.13 -58.56
N ALA E 186 -6.21 27.90 -57.49
CA ALA E 186 -7.02 29.08 -57.31
C ALA E 186 -6.47 30.26 -58.11
N VAL E 187 -7.36 31.21 -58.35
CA VAL E 187 -7.06 32.47 -59.00
C VAL E 187 -6.90 33.55 -57.93
N LEU E 188 -6.07 34.54 -58.21
CA LEU E 188 -5.83 35.66 -57.31
C LEU E 188 -6.50 36.91 -57.88
N GLN E 189 -7.70 37.20 -57.43
CA GLN E 189 -8.44 38.36 -57.90
C GLN E 189 -7.76 39.65 -57.46
N SER E 190 -8.13 40.75 -58.10
CA SER E 190 -7.61 42.05 -57.73
C SER E 190 -8.07 42.49 -56.34
N SER E 191 -9.17 41.90 -55.85
CA SER E 191 -9.69 42.23 -54.53
C SER E 191 -8.88 41.61 -53.40
N GLY E 192 -8.08 40.58 -53.70
CA GLY E 192 -7.33 39.86 -52.69
C GLY E 192 -7.94 38.56 -52.22
N LEU E 193 -9.04 38.15 -52.84
CA LEU E 193 -9.70 36.89 -52.52
C LEU E 193 -9.41 35.83 -53.57
N TYR E 194 -9.40 34.58 -53.16
CA TYR E 194 -9.09 33.45 -54.03
C TYR E 194 -10.35 32.76 -54.53
N SER E 195 -10.22 32.00 -55.61
CA SER E 195 -11.31 31.24 -56.17
C SER E 195 -10.76 30.12 -57.03
N LEU E 196 -11.35 28.94 -56.93
CA LEU E 196 -10.87 27.79 -57.68
C LEU E 196 -12.06 26.94 -58.14
N SER E 197 -11.76 25.95 -58.97
CA SER E 197 -12.79 25.04 -59.49
C SER E 197 -12.29 23.60 -59.43
N SER E 198 -13.25 22.68 -59.35
CA SER E 198 -12.94 21.25 -59.33
C SER E 198 -13.94 20.53 -60.21
N VAL E 199 -13.44 19.61 -61.03
CA VAL E 199 -14.27 18.86 -61.98
C VAL E 199 -13.90 17.38 -61.90
N VAL E 200 -14.88 16.53 -62.15
CA VAL E 200 -14.70 15.08 -62.19
C VAL E 200 -15.32 14.56 -63.51
N THR E 201 -14.64 13.61 -64.14
CA THR E 201 -15.09 13.02 -65.38
C THR E 201 -15.70 11.65 -65.11
N VAL E 202 -16.93 11.45 -65.55
CA VAL E 202 -17.70 10.23 -65.29
C VAL E 202 -18.40 9.79 -66.56
N PRO E 203 -18.78 8.51 -66.65
CA PRO E 203 -19.58 8.08 -67.80
C PRO E 203 -20.97 8.74 -67.80
N SER E 204 -21.45 9.08 -68.99
CA SER E 204 -22.71 9.79 -69.11
C SER E 204 -23.90 8.89 -68.74
N SER E 205 -23.74 7.58 -68.90
CA SER E 205 -24.81 6.65 -68.58
C SER E 205 -25.08 6.55 -67.07
N SER E 206 -24.11 6.94 -66.26
CA SER E 206 -24.21 6.78 -64.81
C SER E 206 -25.02 7.93 -64.22
N LEU E 207 -26.34 7.78 -64.23
CA LEU E 207 -27.24 8.79 -63.69
C LEU E 207 -28.26 8.25 -62.70
N GLY E 208 -28.52 6.96 -62.71
CA GLY E 208 -29.58 6.38 -61.89
C GLY E 208 -29.09 5.51 -60.76
N THR E 209 -27.79 5.30 -60.67
CA THR E 209 -27.23 4.38 -59.68
C THR E 209 -26.18 4.97 -58.76
N GLN E 210 -25.65 6.14 -59.08
CA GLN E 210 -24.53 6.71 -58.31
C GLN E 210 -24.81 8.16 -57.96
N THR E 211 -24.50 8.52 -56.72
CA THR E 211 -24.66 9.89 -56.24
C THR E 211 -23.30 10.59 -56.28
N TYR E 212 -23.30 11.86 -56.72
CA TYR E 212 -22.12 12.69 -56.76
C TYR E 212 -22.31 13.89 -55.84
N ILE E 213 -21.50 13.94 -54.78
CA ILE E 213 -21.53 15.01 -53.80
C ILE E 213 -20.11 15.57 -53.66
N CYS E 214 -19.98 16.89 -53.81
CA CYS E 214 -18.71 17.57 -53.60
C CYS E 214 -18.68 18.18 -52.19
N ASN E 215 -17.66 17.82 -51.41
CA ASN E 215 -17.53 18.25 -50.03
C ASN E 215 -16.42 19.29 -49.94
N VAL E 216 -16.79 20.52 -49.63
CA VAL E 216 -15.85 21.63 -49.53
C VAL E 216 -15.57 21.92 -48.06
N ASN E 217 -14.28 21.96 -47.71
CA ASN E 217 -13.83 22.32 -46.38
C ASN E 217 -12.96 23.56 -46.44
N HIS E 218 -13.35 24.60 -45.71
CA HIS E 218 -12.54 25.79 -45.50
C HIS E 218 -12.29 25.90 -43.99
N LYS E 219 -11.26 25.21 -43.53
CA LYS E 219 -10.98 25.13 -42.10
C LYS E 219 -10.63 26.48 -41.43
N PRO E 220 -9.93 27.41 -42.11
CA PRO E 220 -9.69 28.72 -41.47
C PRO E 220 -10.96 29.43 -41.00
N SER E 221 -12.07 29.28 -41.72
CA SER E 221 -13.34 29.82 -41.29
C SER E 221 -14.24 28.78 -40.61
N ASN E 222 -13.75 27.54 -40.49
CA ASN E 222 -14.49 26.45 -39.85
C ASN E 222 -15.85 26.24 -40.52
N THR E 223 -15.83 26.17 -41.83
CA THR E 223 -17.04 25.99 -42.64
C THR E 223 -16.93 24.76 -43.51
N LYS E 224 -17.98 23.95 -43.53
CA LYS E 224 -18.07 22.80 -44.41
C LYS E 224 -19.32 22.96 -45.28
N VAL E 225 -19.20 22.56 -46.55
CA VAL E 225 -20.30 22.71 -47.50
C VAL E 225 -20.43 21.43 -48.29
N ASP E 226 -21.60 20.80 -48.25
CA ASP E 226 -21.89 19.59 -49.01
C ASP E 226 -22.91 19.94 -50.10
N LYS E 227 -22.44 20.08 -51.32
CA LYS E 227 -23.27 20.46 -52.45
C LYS E 227 -23.50 19.27 -53.37
N ARG E 228 -24.76 19.04 -53.70
CA ARG E 228 -25.16 18.00 -54.65
C ARG E 228 -25.10 18.58 -56.06
N VAL E 229 -24.29 17.94 -56.91
CA VAL E 229 -24.13 18.38 -58.29
C VAL E 229 -25.31 17.85 -59.11
N GLU E 230 -26.10 18.76 -59.65
CA GLU E 230 -27.26 18.37 -60.44
C GLU E 230 -26.80 17.71 -61.73
N PRO E 231 -27.22 16.45 -62.00
CA PRO E 231 -26.68 15.73 -63.16
C PRO E 231 -27.34 16.05 -64.50
N LYS E 232 -28.39 16.88 -64.50
CA LYS E 232 -29.07 17.23 -65.74
C LYS E 232 -28.28 18.31 -66.47
N SER E 233 -27.81 17.99 -67.67
CA SER E 233 -26.95 18.88 -68.43
C SER E 233 -27.75 19.75 -69.38
N CYS E 234 -27.14 20.88 -69.75
CA CYS E 234 -27.69 21.78 -70.76
C CYS E 234 -26.90 21.71 -72.08
N ASP E 235 -25.83 20.93 -72.12
CA ASP E 235 -25.02 20.78 -73.32
C ASP E 235 -25.74 19.88 -74.32
N LYS E 236 -25.88 20.37 -75.55
CA LYS E 236 -26.55 19.60 -76.60
C LYS E 236 -25.79 18.33 -76.96
N GLY E 237 -24.47 18.44 -77.09
CA GLY E 237 -23.65 17.27 -77.38
C GLY E 237 -23.80 16.17 -76.34
N LEU E 238 -24.03 16.56 -75.08
CA LEU E 238 -24.31 15.58 -74.04
C LEU E 238 -25.78 15.18 -74.01
N GLU E 239 -26.67 16.08 -74.44
CA GLU E 239 -28.09 15.74 -74.52
C GLU E 239 -28.35 14.57 -75.47
N VAL E 240 -27.54 14.46 -76.52
CA VAL E 240 -27.69 13.38 -77.50
C VAL E 240 -27.44 12.02 -76.85
N SER F 2 19.93 35.55 -53.87
CA SER F 2 20.86 34.56 -53.25
C SER F 2 22.23 34.62 -53.92
N VAL F 3 23.29 34.44 -53.14
CA VAL F 3 24.64 34.46 -53.67
C VAL F 3 25.06 33.14 -54.32
N LEU F 4 24.25 32.09 -54.16
CA LEU F 4 24.51 30.79 -54.80
C LEU F 4 23.68 30.71 -56.07
N THR F 5 24.37 30.77 -57.21
CA THR F 5 23.72 30.89 -58.51
C THR F 5 23.64 29.55 -59.21
N GLN F 6 22.47 29.24 -59.77
CA GLN F 6 22.26 28.12 -60.66
C GLN F 6 21.90 28.65 -62.05
N SER F 7 22.01 27.78 -63.04
CA SER F 7 21.50 28.09 -64.38
C SER F 7 20.01 28.32 -64.34
N ALA F 8 19.53 29.50 -64.79
CA ALA F 8 18.13 29.84 -64.65
C ALA F 8 17.24 28.86 -65.45
N SER F 9 17.72 28.48 -66.63
CA SER F 9 17.06 27.45 -67.41
C SER F 9 18.14 26.69 -68.18
N VAL F 10 17.81 25.30 -68.31
CA VAL F 10 18.52 24.46 -69.21
C VAL F 10 17.47 23.56 -69.90
N SER F 11 17.86 22.99 -71.04
CA SER F 11 16.98 22.11 -71.76
C SER F 11 17.72 20.88 -72.28
N GLY F 12 16.99 19.78 -72.35
CA GLY F 12 17.53 18.53 -72.88
C GLY F 12 16.45 17.76 -73.60
N SER F 13 16.88 16.91 -74.52
CA SER F 13 15.94 16.15 -75.33
C SER F 13 15.53 14.85 -74.65
N LEU F 14 14.41 14.30 -75.09
CA LEU F 14 13.91 13.04 -74.55
C LEU F 14 14.91 11.92 -74.79
N GLY F 15 15.14 11.09 -73.77
CA GLY F 15 16.11 10.03 -73.88
C GLY F 15 17.56 10.47 -73.81
N GLN F 16 17.82 11.77 -73.63
CA GLN F 16 19.15 12.32 -73.62
C GLN F 16 19.54 12.66 -72.17
N SER F 17 20.62 13.42 -72.01
CA SER F 17 21.06 13.87 -70.70
C SER F 17 21.03 15.41 -70.65
N VAL F 18 21.11 15.93 -69.43
CA VAL F 18 21.13 17.37 -69.21
C VAL F 18 21.91 17.65 -67.93
N THR F 19 22.55 18.82 -67.88
CA THR F 19 23.44 19.18 -66.79
C THR F 19 23.02 20.52 -66.20
N ILE F 20 22.93 20.58 -64.88
CA ILE F 20 22.62 21.81 -64.16
C ILE F 20 23.89 22.24 -63.42
N SER F 21 24.16 23.54 -63.44
CA SER F 21 25.33 24.10 -62.78
C SER F 21 24.94 24.76 -61.46
N CYS F 22 25.94 24.94 -60.62
CA CYS F 22 25.75 25.51 -59.28
C CYS F 22 27.08 26.12 -58.85
N THR F 23 27.16 27.44 -58.86
CA THR F 23 28.39 28.14 -58.55
C THR F 23 28.09 29.42 -57.77
N GLY F 24 29.15 30.04 -57.28
CA GLY F 24 29.05 31.24 -56.47
C GLY F 24 30.43 31.63 -55.93
N PRO F 25 30.46 32.63 -55.02
CA PRO F 25 31.74 33.06 -54.48
C PRO F 25 32.44 31.93 -53.71
N ASN F 26 33.74 32.11 -53.48
CA ASN F 26 34.49 31.16 -52.67
C ASN F 26 34.00 31.10 -51.22
N SER F 27 33.33 32.14 -50.77
CA SER F 27 32.72 32.17 -49.45
C SER F 27 31.63 31.11 -49.28
N VAL F 28 31.05 30.63 -50.39
CA VAL F 28 30.03 29.60 -50.37
C VAL F 28 30.42 28.37 -51.18
N CYS F 29 31.51 28.41 -51.94
CA CYS F 29 31.75 27.34 -52.89
C CYS F 29 32.89 26.34 -52.64
N CYS F 30 33.10 25.55 -53.67
CA CYS F 30 33.11 24.10 -53.62
C CYS F 30 34.16 23.29 -52.85
N SER F 31 35.41 23.74 -52.80
CA SER F 31 36.49 22.91 -52.27
C SER F 31 36.21 22.37 -50.88
N HIS F 32 35.82 23.27 -49.97
CA HIS F 32 35.64 22.89 -48.56
C HIS F 32 34.16 22.68 -48.19
N LYS F 33 33.27 22.59 -49.17
CA LYS F 33 31.85 22.46 -48.90
C LYS F 33 31.25 21.35 -49.75
N SER F 34 30.47 20.48 -49.11
CA SER F 34 29.73 19.46 -49.84
C SER F 34 28.54 20.09 -50.55
N ILE F 35 28.14 19.47 -51.65
CA ILE F 35 27.00 19.95 -52.44
C ILE F 35 25.96 18.86 -52.54
N SER F 36 24.69 19.23 -52.34
CA SER F 36 23.57 18.30 -52.45
C SER F 36 22.55 18.87 -53.44
N TRP F 37 21.76 17.97 -54.01
CA TRP F 37 20.78 18.35 -55.03
C TRP F 37 19.40 17.85 -54.66
N TYR F 38 18.40 18.67 -54.96
CA TYR F 38 17.00 18.39 -54.63
C TYR F 38 16.12 18.62 -55.85
N GLN F 39 15.13 17.76 -56.01
CA GLN F 39 14.05 17.95 -56.98
C GLN F 39 12.86 18.52 -56.23
N TRP F 40 12.36 19.67 -56.69
CA TRP F 40 11.37 20.44 -55.94
C TRP F 40 10.25 20.90 -56.87
N PRO F 41 9.24 20.04 -57.08
CA PRO F 41 8.08 20.46 -57.84
C PRO F 41 7.29 21.54 -57.11
N PRO F 42 6.81 22.56 -57.84
CA PRO F 42 6.04 23.61 -57.16
C PRO F 42 4.78 23.08 -56.49
N GLY F 43 4.52 23.56 -55.28
CA GLY F 43 3.35 23.16 -54.55
C GLY F 43 3.42 21.80 -53.87
N ARG F 44 4.59 21.16 -53.89
CA ARG F 44 4.75 19.84 -53.30
C ARG F 44 6.05 19.78 -52.52
N ALA F 45 6.20 18.70 -51.74
CA ALA F 45 7.41 18.49 -50.94
C ALA F 45 8.55 18.02 -51.85
N PRO F 46 9.78 18.47 -51.57
CA PRO F 46 10.90 18.08 -52.43
C PRO F 46 11.36 16.64 -52.18
N THR F 47 12.31 16.22 -53.01
CA THR F 47 12.92 14.90 -52.91
C THR F 47 14.42 15.04 -53.04
N LEU F 48 15.15 14.49 -52.08
CA LEU F 48 16.62 14.50 -52.14
C LEU F 48 17.09 13.44 -53.14
N ILE F 49 17.89 13.87 -54.10
CA ILE F 49 18.42 12.98 -55.13
C ILE F 49 19.91 12.72 -54.91
N ILE F 50 20.65 13.73 -54.45
CA ILE F 50 22.09 13.68 -54.40
C ILE F 50 22.59 14.38 -53.14
N TYR F 51 23.55 13.76 -52.45
CA TYR F 51 24.15 14.35 -51.26
C TYR F 51 25.62 14.03 -51.22
N GLU F 52 26.38 14.89 -50.55
CA GLU F 52 27.82 14.72 -50.46
C GLU F 52 28.47 14.61 -51.84
N ASP F 53 28.06 15.46 -52.79
CA ASP F 53 28.58 15.30 -54.14
C ASP F 53 28.13 13.95 -54.68
N ASN F 54 29.05 13.05 -54.98
CA ASN F 54 28.77 11.96 -55.90
C ASN F 54 27.61 11.11 -55.41
N GLU F 55 27.55 10.92 -54.08
CA GLU F 55 26.76 9.85 -53.48
C GLU F 55 25.29 10.21 -53.55
N ARG F 56 24.53 9.36 -54.22
CA ARG F 56 23.09 9.56 -54.40
C ARG F 56 22.31 8.95 -53.23
N ALA F 57 21.15 9.56 -52.96
CA ALA F 57 20.28 9.15 -51.87
C ALA F 57 19.70 7.75 -52.11
N PRO F 58 19.21 7.10 -51.06
CA PRO F 58 18.65 5.75 -51.23
C PRO F 58 17.50 5.70 -52.23
N GLY F 59 17.47 4.63 -53.02
CA GLY F 59 16.41 4.42 -53.99
C GLY F 59 16.50 5.27 -55.24
N ILE F 60 17.42 6.22 -55.31
CA ILE F 60 17.55 7.09 -56.47
C ILE F 60 18.14 6.29 -57.63
N SER F 61 17.58 6.50 -58.82
CA SER F 61 18.02 5.77 -60.00
C SER F 61 19.47 6.15 -60.34
N PRO F 62 20.21 5.22 -60.95
CA PRO F 62 21.56 5.56 -61.41
C PRO F 62 21.61 6.57 -62.56
N ARG F 63 20.47 6.98 -63.08
CA ARG F 63 20.41 8.02 -64.09
C ARG F 63 20.95 9.36 -63.56
N PHE F 64 20.89 9.58 -62.25
CA PHE F 64 21.34 10.81 -61.64
C PHE F 64 22.77 10.69 -61.17
N SER F 65 23.58 11.70 -61.45
CA SER F 65 25.00 11.71 -61.06
C SER F 65 25.41 13.12 -60.69
N GLY F 66 26.32 13.22 -59.73
CA GLY F 66 26.81 14.51 -59.26
C GLY F 66 28.31 14.62 -59.43
N TYR F 67 28.79 15.85 -59.65
CA TYR F 67 30.20 16.11 -59.80
C TYR F 67 30.48 17.55 -59.36
N LYS F 68 31.56 17.72 -58.60
CA LYS F 68 31.94 19.00 -58.03
C LYS F 68 33.38 19.29 -58.44
N SER F 69 33.59 20.45 -59.08
CA SER F 69 34.92 20.96 -59.33
C SER F 69 35.31 21.97 -58.24
N TYR F 70 36.51 22.51 -58.34
CA TYR F 70 36.97 23.48 -57.36
C TYR F 70 36.16 24.79 -57.43
N TRP F 71 35.65 25.13 -58.61
CA TRP F 71 34.95 26.39 -58.80
C TRP F 71 33.42 26.24 -58.91
N SER F 72 32.94 25.07 -59.31
CA SER F 72 31.51 24.88 -59.49
C SER F 72 31.13 23.42 -59.35
N ALA F 73 29.83 23.20 -59.13
CA ALA F 73 29.27 21.86 -58.98
C ALA F 73 28.26 21.63 -60.11
N TYR F 74 28.01 20.36 -60.41
CA TYR F 74 27.16 19.98 -61.53
C TYR F 74 26.28 18.80 -61.15
N LEU F 75 25.10 18.75 -61.77
CA LEU F 75 24.16 17.63 -61.63
C LEU F 75 23.73 17.18 -63.00
N THR F 76 23.90 15.89 -63.28
CA THR F 76 23.58 15.33 -64.60
C THR F 76 22.39 14.36 -64.47
N ILE F 77 21.37 14.59 -65.28
CA ILE F 77 20.19 13.72 -65.33
C ILE F 77 20.19 13.05 -66.69
N SER F 78 20.35 11.73 -66.68
CA SER F 78 20.38 10.94 -67.91
C SER F 78 19.02 10.27 -68.16
N ASP F 79 18.79 9.93 -69.42
CA ASP F 79 17.57 9.24 -69.86
C ASP F 79 16.33 10.01 -69.36
N LEU F 80 16.19 11.23 -69.87
CA LEU F 80 15.18 12.15 -69.37
C LEU F 80 13.77 11.59 -69.57
N ARG F 81 12.93 11.85 -68.57
CA ARG F 81 11.54 11.38 -68.53
C ARG F 81 10.62 12.61 -68.49
N PRO F 82 9.31 12.42 -68.71
CA PRO F 82 8.39 13.55 -68.54
C PRO F 82 8.39 14.14 -67.12
N GLU F 83 8.53 13.29 -66.11
CA GLU F 83 8.54 13.73 -64.74
C GLU F 83 9.80 14.52 -64.37
N ASP F 84 10.86 14.37 -65.14
CA ASP F 84 12.09 15.11 -64.88
C ASP F 84 11.97 16.58 -65.27
N GLU F 85 10.91 16.96 -65.98
CA GLU F 85 10.68 18.35 -66.35
C GLU F 85 10.10 19.09 -65.15
N THR F 86 10.97 19.72 -64.37
CA THR F 86 10.55 20.46 -63.18
C THR F 86 11.69 21.37 -62.68
N THR F 87 11.61 21.79 -61.42
CA THR F 87 12.58 22.70 -60.85
C THR F 87 13.57 21.94 -59.95
N TYR F 88 14.84 22.33 -60.02
CA TYR F 88 15.90 21.66 -59.25
C TYR F 88 16.71 22.71 -58.49
N TYR F 89 17.11 22.36 -57.27
CA TYR F 89 17.91 23.24 -56.40
C TYR F 89 19.13 22.50 -55.90
N CYS F 90 20.25 23.22 -55.81
CA CYS F 90 21.45 22.71 -55.13
C CYS F 90 21.58 23.40 -53.77
N CYS F 91 22.32 22.76 -52.87
CA CYS F 91 22.64 23.35 -51.58
C CYS F 91 24.10 23.12 -51.25
N SER F 92 24.72 24.14 -50.68
CA SER F 92 26.10 24.09 -50.19
C SER F 92 26.08 24.03 -48.67
N TYR F 93 26.85 23.10 -48.10
CA TYR F 93 26.75 22.84 -46.67
C TYR F 93 28.00 22.16 -46.16
N THR F 94 28.17 22.22 -44.85
CA THR F 94 29.18 21.38 -44.16
C THR F 94 28.42 20.63 -43.05
N HIS F 95 29.15 19.94 -42.19
CA HIS F 95 28.52 19.11 -41.17
C HIS F 95 27.79 19.93 -40.11
N ASN F 96 28.38 21.05 -39.70
CA ASN F 96 27.82 21.86 -38.62
C ASN F 96 27.03 23.09 -39.08
N SER F 97 26.99 23.35 -40.38
CA SER F 97 26.40 24.57 -40.92
C SER F 97 25.26 24.22 -41.86
N GLY F 98 24.13 24.87 -41.66
CA GLY F 98 22.90 24.54 -42.37
C GLY F 98 22.96 24.79 -43.86
N CYS F 99 21.84 24.52 -44.53
CA CYS F 99 21.78 24.61 -45.99
C CYS F 99 21.80 26.08 -46.45
N VAL F 100 22.44 26.31 -47.58
CA VAL F 100 22.27 27.54 -48.36
C VAL F 100 21.71 27.12 -49.71
N PHE F 101 20.44 27.46 -49.95
CA PHE F 101 19.78 27.06 -51.20
C PHE F 101 20.15 27.98 -52.35
N GLY F 102 20.14 27.42 -53.55
CA GLY F 102 20.51 28.16 -54.74
C GLY F 102 19.35 28.97 -55.31
N THR F 103 19.60 29.61 -56.44
CA THR F 103 18.60 30.43 -57.10
C THR F 103 17.54 29.64 -57.86
N GLY F 104 17.83 28.38 -58.17
CA GLY F 104 16.84 27.52 -58.79
C GLY F 104 17.07 27.33 -60.27
N THR F 105 16.71 26.12 -60.75
CA THR F 105 16.82 25.84 -62.20
C THR F 105 15.59 25.09 -62.67
N LYS F 106 14.98 25.60 -63.72
CA LYS F 106 13.83 24.97 -64.35
C LYS F 106 14.29 24.19 -65.58
N VAL F 107 13.97 22.91 -65.61
CA VAL F 107 14.41 22.01 -66.68
C VAL F 107 13.25 21.78 -67.65
N SER F 108 13.55 21.97 -68.94
CA SER F 108 12.60 21.71 -70.02
C SER F 108 13.07 20.50 -70.82
N VAL F 109 12.15 19.59 -71.11
CA VAL F 109 12.45 18.36 -71.82
C VAL F 109 11.93 18.50 -73.26
N LEU F 110 12.85 18.62 -74.21
CA LEU F 110 12.45 18.76 -75.60
C LEU F 110 12.20 17.40 -76.24
N GLY F 111 11.56 17.42 -77.40
CA GLY F 111 11.29 16.19 -78.11
C GLY F 111 10.11 15.39 -77.59
N GLN F 112 9.27 16.02 -76.78
CA GLN F 112 8.12 15.34 -76.23
C GLN F 112 6.92 15.44 -77.17
N SER F 113 6.02 14.47 -77.05
CA SER F 113 4.84 14.41 -77.90
C SER F 113 3.86 15.52 -77.53
N LYS F 114 3.11 15.97 -78.52
CA LYS F 114 2.13 17.03 -78.31
C LYS F 114 0.86 16.45 -77.67
N ALA F 115 0.25 17.25 -76.82
CA ALA F 115 -1.02 16.93 -76.15
C ALA F 115 -2.06 17.95 -76.55
N ASN F 116 -3.22 17.51 -77.04
CA ASN F 116 -4.27 18.40 -77.45
C ASN F 116 -4.97 19.03 -76.23
N PRO F 117 -5.31 20.33 -76.30
CA PRO F 117 -5.91 20.96 -75.13
C PRO F 117 -7.38 20.55 -74.94
N SER F 118 -7.77 20.40 -73.68
CA SER F 118 -9.15 20.11 -73.31
C SER F 118 -9.75 21.37 -72.70
N VAL F 119 -10.83 21.88 -73.30
CA VAL F 119 -11.42 23.15 -72.91
C VAL F 119 -12.86 22.91 -72.48
N THR F 120 -13.24 23.48 -71.35
CA THR F 120 -14.62 23.39 -70.85
C THR F 120 -15.01 24.76 -70.27
N LEU F 121 -16.16 25.26 -70.69
CA LEU F 121 -16.62 26.58 -70.28
C LEU F 121 -17.95 26.45 -69.55
N PHE F 122 -18.04 27.04 -68.35
CA PHE F 122 -19.24 26.95 -67.53
C PHE F 122 -19.87 28.34 -67.37
N PRO F 123 -21.21 28.41 -67.44
CA PRO F 123 -21.88 29.68 -67.28
C PRO F 123 -22.10 30.02 -65.80
N PRO F 124 -22.59 31.23 -65.49
CA PRO F 124 -22.92 31.52 -64.11
C PRO F 124 -24.18 30.79 -63.65
N SER F 125 -24.20 30.39 -62.39
CA SER F 125 -25.35 29.67 -61.87
C SER F 125 -26.52 30.62 -61.63
N SER F 126 -27.73 30.06 -61.61
CA SER F 126 -28.91 30.84 -61.28
C SER F 126 -28.85 31.41 -59.86
N GLU F 127 -28.26 30.66 -58.95
CA GLU F 127 -28.03 31.16 -57.60
C GLU F 127 -27.07 32.35 -57.62
N GLU F 128 -26.13 32.34 -58.56
CA GLU F 128 -25.17 33.44 -58.70
C GLU F 128 -25.79 34.65 -59.38
N LEU F 129 -26.63 34.43 -60.39
CA LEU F 129 -27.35 35.53 -61.04
C LEU F 129 -28.28 36.24 -60.06
N GLN F 130 -28.70 35.56 -58.99
CA GLN F 130 -29.55 36.17 -57.97
C GLN F 130 -28.79 37.19 -57.12
N ALA F 131 -27.46 37.03 -57.02
CA ALA F 131 -26.65 37.67 -55.98
C ALA F 131 -26.58 39.22 -55.89
N ASN F 132 -26.45 39.97 -56.99
CA ASN F 132 -26.47 39.50 -58.38
C ASN F 132 -25.15 39.76 -59.10
N LYS F 133 -24.44 38.69 -59.42
CA LYS F 133 -23.18 38.75 -60.16
C LYS F 133 -23.22 37.69 -61.26
N ALA F 134 -22.16 37.65 -62.07
CA ALA F 134 -22.05 36.69 -63.15
C ALA F 134 -20.57 36.41 -63.40
N THR F 135 -20.16 35.14 -63.28
CA THR F 135 -18.80 34.72 -63.54
C THR F 135 -18.78 33.52 -64.47
N LEU F 136 -18.11 33.68 -65.61
CA LEU F 136 -17.85 32.58 -66.52
C LEU F 136 -16.54 31.91 -66.15
N VAL F 137 -16.52 30.58 -66.20
CA VAL F 137 -15.35 29.79 -65.80
C VAL F 137 -14.91 28.94 -66.99
N CYS F 138 -13.68 29.15 -67.44
CA CYS F 138 -13.09 28.41 -68.56
C CYS F 138 -11.94 27.58 -68.02
N LEU F 139 -12.11 26.25 -68.00
CA LEU F 139 -11.13 25.34 -67.46
C LEU F 139 -10.39 24.62 -68.58
N ILE F 140 -9.07 24.55 -68.46
CA ILE F 140 -8.19 24.02 -69.50
C ILE F 140 -7.28 22.98 -68.88
N SER F 141 -7.14 21.83 -69.55
CA SER F 141 -6.34 20.74 -69.00
C SER F 141 -5.70 19.92 -70.12
N ASP F 142 -4.66 19.17 -69.74
CA ASP F 142 -4.05 18.15 -70.58
C ASP F 142 -3.45 18.74 -71.86
N PHE F 143 -2.76 19.86 -71.71
CA PHE F 143 -2.06 20.50 -72.82
C PHE F 143 -0.55 20.47 -72.62
N TYR F 144 0.18 20.39 -73.72
CA TYR F 144 1.64 20.40 -73.69
C TYR F 144 2.19 20.94 -75.00
N PRO F 145 3.19 21.84 -74.96
CA PRO F 145 3.89 22.39 -73.76
C PRO F 145 3.03 23.25 -72.86
N GLY F 146 3.56 23.59 -71.68
CA GLY F 146 2.79 24.31 -70.67
C GLY F 146 2.81 25.82 -70.82
N ALA F 147 2.10 26.32 -71.83
CA ALA F 147 1.96 27.76 -72.04
C ALA F 147 0.71 28.03 -72.85
N VAL F 148 -0.10 28.98 -72.39
CA VAL F 148 -1.38 29.30 -73.03
C VAL F 148 -1.54 30.81 -73.11
N THR F 149 -2.48 31.23 -73.95
CA THR F 149 -2.94 32.61 -74.01
C THR F 149 -4.45 32.58 -74.13
N VAL F 150 -5.17 33.31 -73.28
CA VAL F 150 -6.62 33.21 -73.21
C VAL F 150 -7.24 34.56 -73.54
N ALA F 151 -8.29 34.53 -74.35
CA ALA F 151 -9.00 35.74 -74.76
C ALA F 151 -10.50 35.53 -74.62
N TRP F 152 -11.19 36.56 -74.13
CA TRP F 152 -12.63 36.52 -73.94
C TRP F 152 -13.31 37.46 -74.93
N LYS F 153 -14.53 37.12 -75.32
CA LYS F 153 -15.28 37.94 -76.28
C LYS F 153 -16.75 38.06 -75.85
N ALA F 154 -17.27 39.28 -75.93
CA ALA F 154 -18.65 39.58 -75.60
C ALA F 154 -19.38 39.96 -76.87
N ASP F 155 -20.26 39.06 -77.34
CA ASP F 155 -20.97 39.26 -78.61
C ASP F 155 -19.95 39.43 -79.75
N SER F 156 -19.06 38.45 -79.86
CA SER F 156 -18.02 38.38 -80.88
C SER F 156 -17.02 39.52 -80.80
N SER F 157 -17.05 40.29 -79.70
CA SER F 157 -16.14 41.43 -79.54
C SER F 157 -15.34 41.27 -78.25
N PRO F 158 -14.06 41.69 -78.27
CA PRO F 158 -13.20 41.50 -77.10
C PRO F 158 -13.78 42.04 -75.79
N VAL F 159 -13.34 41.46 -74.69
CA VAL F 159 -13.66 41.93 -73.34
C VAL F 159 -12.37 42.27 -72.63
N LYS F 160 -12.42 43.29 -71.78
CA LYS F 160 -11.23 43.74 -71.06
C LYS F 160 -11.45 44.06 -69.58
N ALA F 161 -12.71 44.10 -69.12
CA ALA F 161 -13.00 44.39 -67.72
C ALA F 161 -13.41 43.10 -67.01
N GLY F 162 -12.72 42.78 -65.93
CA GLY F 162 -13.07 41.63 -65.11
C GLY F 162 -12.47 40.31 -65.58
N VAL F 163 -11.38 40.36 -66.35
CA VAL F 163 -10.71 39.17 -66.83
C VAL F 163 -9.58 38.83 -65.86
N GLU F 164 -9.58 37.58 -65.38
CA GLU F 164 -8.51 37.08 -64.52
C GLU F 164 -8.14 35.68 -64.98
N THR F 165 -6.85 35.45 -65.24
CA THR F 165 -6.37 34.17 -65.73
C THR F 165 -5.23 33.69 -64.86
N THR F 166 -5.24 32.40 -64.54
CA THR F 166 -4.20 31.80 -63.72
C THR F 166 -2.98 31.45 -64.56
N THR F 167 -1.87 31.20 -63.88
CA THR F 167 -0.69 30.66 -64.53
C THR F 167 -0.93 29.18 -64.86
N PRO F 168 -0.19 28.65 -65.84
CA PRO F 168 -0.30 27.20 -66.09
C PRO F 168 0.28 26.38 -64.95
N SER F 169 -0.33 25.23 -64.70
CA SER F 169 0.07 24.35 -63.61
C SER F 169 0.16 22.92 -64.13
N LYS F 170 1.09 22.15 -63.56
CA LYS F 170 1.39 20.81 -64.04
C LYS F 170 0.47 19.79 -63.38
N GLN F 171 -0.13 18.92 -64.18
CA GLN F 171 -1.06 17.92 -63.71
C GLN F 171 -0.28 16.71 -63.20
N SER F 172 -0.95 15.84 -62.45
CA SER F 172 -0.34 14.62 -61.95
C SER F 172 0.12 13.70 -63.09
N ASN F 173 -0.54 13.80 -64.25
CA ASN F 173 -0.22 12.98 -65.40
C ASN F 173 0.85 13.61 -66.30
N ASN F 174 1.59 14.60 -65.77
CA ASN F 174 2.70 15.28 -66.44
C ASN F 174 2.25 16.10 -67.65
N LYS F 175 0.94 16.28 -67.82
CA LYS F 175 0.43 17.32 -68.72
C LYS F 175 0.26 18.59 -67.90
N TYR F 176 -0.25 19.64 -68.53
CA TYR F 176 -0.43 20.93 -67.85
C TYR F 176 -1.90 21.33 -67.82
N ALA F 177 -2.20 22.27 -66.92
CA ALA F 177 -3.56 22.75 -66.73
C ALA F 177 -3.54 24.23 -66.37
N ALA F 178 -4.66 24.88 -66.63
CA ALA F 178 -4.84 26.29 -66.30
C ALA F 178 -6.32 26.62 -66.29
N SER F 179 -6.66 27.81 -65.82
CA SER F 179 -8.05 28.25 -65.76
C SER F 179 -8.14 29.75 -65.90
N SER F 180 -9.30 30.23 -66.33
CA SER F 180 -9.57 31.65 -66.50
C SER F 180 -10.99 31.97 -66.06
N TYR F 181 -11.17 33.14 -65.46
CA TYR F 181 -12.46 33.57 -64.94
C TYR F 181 -12.80 34.95 -65.50
N LEU F 182 -14.06 35.13 -65.90
CA LEU F 182 -14.56 36.42 -66.38
C LEU F 182 -15.71 36.87 -65.50
N SER F 183 -15.49 37.97 -64.77
CA SER F 183 -16.52 38.55 -63.93
C SER F 183 -17.33 39.58 -64.71
N LEU F 184 -18.65 39.52 -64.58
CA LEU F 184 -19.55 40.43 -65.29
C LEU F 184 -20.67 40.87 -64.38
N THR F 185 -21.27 41.99 -64.76
CA THR F 185 -22.50 42.47 -64.15
C THR F 185 -23.70 41.84 -64.89
N PRO F 186 -24.85 41.68 -64.19
CA PRO F 186 -25.97 40.97 -64.83
C PRO F 186 -26.51 41.64 -66.07
N GLU F 187 -26.32 42.95 -66.22
CA GLU F 187 -26.80 43.63 -67.42
C GLU F 187 -25.98 43.27 -68.64
N GLN F 188 -24.65 43.31 -68.52
CA GLN F 188 -23.78 42.90 -69.63
C GLN F 188 -24.07 41.46 -70.03
N TRP F 189 -24.33 40.59 -69.06
CA TRP F 189 -24.63 39.19 -69.34
C TRP F 189 -25.92 39.06 -70.15
N LYS F 190 -26.97 39.77 -69.73
CA LYS F 190 -28.27 39.64 -70.39
C LYS F 190 -28.36 40.44 -71.69
N SER F 191 -27.50 41.44 -71.88
CA SER F 191 -27.60 42.34 -73.02
C SER F 191 -26.89 41.84 -74.28
N HIS F 192 -26.33 40.64 -74.23
CA HIS F 192 -25.56 40.11 -75.35
C HIS F 192 -26.12 38.77 -75.80
N ARG F 193 -25.80 38.40 -77.03
CA ARG F 193 -26.28 37.15 -77.60
C ARG F 193 -25.46 35.95 -77.12
N SER F 194 -24.17 36.16 -76.84
CA SER F 194 -23.28 35.05 -76.51
C SER F 194 -21.96 35.60 -75.99
N TYR F 195 -21.27 34.76 -75.23
CA TYR F 195 -19.91 35.02 -74.76
C TYR F 195 -19.02 33.85 -75.19
N SER F 196 -17.73 34.12 -75.35
CA SER F 196 -16.80 33.11 -75.86
C SER F 196 -15.49 33.15 -75.10
N CYS F 197 -14.91 31.97 -74.89
CA CYS F 197 -13.57 31.82 -74.33
C CYS F 197 -12.69 31.18 -75.40
N GLN F 198 -11.63 31.89 -75.80
CA GLN F 198 -10.72 31.41 -76.85
C GLN F 198 -9.37 31.13 -76.23
N VAL F 199 -8.93 29.88 -76.34
CA VAL F 199 -7.62 29.45 -75.83
C VAL F 199 -6.70 29.24 -77.04
N THR F 200 -5.61 29.97 -77.09
CA THR F 200 -4.69 29.97 -78.22
C THR F 200 -3.38 29.28 -77.84
N HIS F 201 -2.97 28.32 -78.67
CA HIS F 201 -1.67 27.67 -78.54
C HIS F 201 -0.96 27.75 -79.89
N GLU F 202 0.37 27.81 -79.83
CA GLU F 202 1.18 27.95 -81.05
C GLU F 202 0.88 26.89 -82.10
N GLY F 203 0.30 25.76 -81.69
CA GLY F 203 -0.04 24.71 -82.63
C GLY F 203 -1.49 24.66 -83.03
N SER F 204 -2.38 25.13 -82.18
CA SER F 204 -3.82 25.07 -82.44
C SER F 204 -4.57 26.01 -81.50
N THR F 205 -5.54 26.72 -82.05
CA THR F 205 -6.40 27.61 -81.26
C THR F 205 -7.78 26.98 -81.15
N VAL F 206 -8.28 26.85 -79.92
CA VAL F 206 -9.58 26.26 -79.65
C VAL F 206 -10.51 27.35 -79.13
N GLU F 207 -11.77 27.27 -79.51
CA GLU F 207 -12.80 28.22 -79.08
C GLU F 207 -13.96 27.47 -78.44
N LYS F 208 -14.38 27.94 -77.25
CA LYS F 208 -15.60 27.48 -76.62
C LYS F 208 -16.53 28.66 -76.38
N THR F 209 -17.81 28.45 -76.68
CA THR F 209 -18.79 29.52 -76.66
C THR F 209 -20.00 29.14 -75.81
N VAL F 210 -20.45 30.10 -75.00
CA VAL F 210 -21.72 29.97 -74.27
C VAL F 210 -22.61 31.13 -74.64
N ALA F 211 -23.90 30.95 -74.43
CA ALA F 211 -24.88 31.97 -74.71
C ALA F 211 -25.84 32.05 -73.52
N PRO F 212 -26.24 33.28 -73.12
CA PRO F 212 -27.21 33.38 -72.04
C PRO F 212 -28.59 32.87 -72.41
N THR F 213 -28.87 32.73 -73.71
CA THR F 213 -30.18 32.28 -74.15
C THR F 213 -30.50 30.89 -73.63
N GLU F 214 -29.57 29.97 -73.78
CA GLU F 214 -29.79 28.58 -73.36
C GLU F 214 -28.99 28.25 -72.10
#